data_2M0T
#
_entry.id   2M0T
#
_entity_poly.entity_id   1
_entity_poly.type   'polypeptide(L)'
_entity_poly.pdbx_seq_one_letter_code
;GIDPFTMLPRLCCLEKGPNGYGFHLHGEKGKLGQYIRLVEPGSPAEKAGLLAGDRLVEVNGENVEKETHQQVVSRIRAAL
NAVRLLVVDPETDEQLQKLGVQVREELLRAQEAPGQA
;
_entity_poly.pdbx_strand_id   A
#
# COMPACT_ATOMS: atom_id res chain seq x y z
N GLY A 1 19.99 -0.71 21.74
CA GLY A 1 19.83 0.22 20.60
C GLY A 1 18.48 0.06 19.94
N ILE A 2 17.92 1.17 19.51
CA ILE A 2 16.60 1.17 18.88
C ILE A 2 16.75 1.19 17.38
N ASP A 3 15.92 0.42 16.69
CA ASP A 3 15.93 0.39 15.24
C ASP A 3 14.95 1.43 14.73
N PRO A 4 15.47 2.43 13.99
CA PRO A 4 14.68 3.56 13.52
C PRO A 4 13.66 3.15 12.48
N PHE A 5 13.92 2.03 11.84
CA PHE A 5 13.08 1.55 10.78
C PHE A 5 13.08 0.03 10.76
N THR A 6 12.00 -0.53 10.28
CA THR A 6 11.80 -1.95 10.29
C THR A 6 10.58 -2.33 9.47
N MET A 7 10.77 -3.24 8.51
CA MET A 7 9.69 -3.72 7.64
C MET A 7 8.89 -2.55 7.07
N LEU A 8 9.59 -1.71 6.33
CA LEU A 8 9.01 -0.46 5.83
C LEU A 8 8.06 -0.70 4.66
N PRO A 9 7.22 0.32 4.33
CA PRO A 9 6.25 0.26 3.23
C PRO A 9 6.89 -0.06 1.88
N ARG A 10 6.06 -0.50 0.96
CA ARG A 10 6.53 -0.92 -0.35
C ARG A 10 5.51 -0.53 -1.41
N LEU A 11 5.97 0.17 -2.44
CA LEU A 11 5.10 0.54 -3.55
C LEU A 11 5.04 -0.62 -4.52
N CYS A 12 3.91 -1.30 -4.53
CA CYS A 12 3.73 -2.50 -5.33
C CYS A 12 3.03 -2.16 -6.65
N CYS A 13 3.74 -2.34 -7.75
CA CYS A 13 3.18 -2.06 -9.06
C CYS A 13 2.71 -3.35 -9.72
N LEU A 14 1.40 -3.48 -9.87
CA LEU A 14 0.83 -4.66 -10.50
C LEU A 14 0.02 -4.28 -11.73
N GLU A 15 -0.09 -5.21 -12.65
CA GLU A 15 -0.71 -4.95 -13.95
C GLU A 15 -2.06 -5.63 -14.03
N LYS A 16 -2.98 -5.01 -14.74
CA LYS A 16 -4.33 -5.54 -14.89
C LYS A 16 -4.33 -6.66 -15.92
N GLY A 17 -4.69 -7.86 -15.48
CA GLY A 17 -4.76 -9.00 -16.37
C GLY A 17 -6.20 -9.37 -16.69
N PRO A 18 -6.46 -10.66 -16.98
CA PRO A 18 -7.79 -11.13 -17.40
C PRO A 18 -8.82 -11.10 -16.27
N ASN A 19 -8.34 -11.01 -15.04
CA ASN A 19 -9.24 -10.98 -13.88
C ASN A 19 -9.05 -9.69 -13.09
N GLY A 20 -8.69 -8.63 -13.80
CA GLY A 20 -8.39 -7.38 -13.14
C GLY A 20 -7.00 -7.42 -12.55
N TYR A 21 -6.89 -7.22 -11.26
CA TYR A 21 -5.58 -7.28 -10.61
C TYR A 21 -5.47 -8.50 -9.71
N GLY A 22 -6.61 -9.13 -9.42
CA GLY A 22 -6.61 -10.35 -8.65
C GLY A 22 -6.49 -10.12 -7.16
N PHE A 23 -7.05 -9.03 -6.67
CA PHE A 23 -7.04 -8.76 -5.24
C PHE A 23 -8.37 -8.18 -4.81
N HIS A 24 -8.74 -8.41 -3.57
CA HIS A 24 -9.98 -7.87 -3.01
C HIS A 24 -9.63 -6.84 -1.95
N LEU A 25 -10.16 -5.64 -2.10
CA LEU A 25 -9.85 -4.55 -1.19
C LEU A 25 -11.07 -4.21 -0.34
N HIS A 26 -10.89 -4.10 0.97
CA HIS A 26 -12.01 -3.78 1.84
C HIS A 26 -11.60 -2.78 2.91
N GLY A 27 -12.56 -1.99 3.35
CA GLY A 27 -12.35 -1.07 4.43
C GLY A 27 -13.02 -1.54 5.69
N GLU A 28 -12.23 -1.76 6.73
CA GLU A 28 -12.75 -2.29 7.98
C GLU A 28 -13.59 -1.25 8.72
N LYS A 29 -14.76 -1.69 9.19
CA LYS A 29 -15.64 -0.86 10.00
C LYS A 29 -14.92 -0.38 11.26
N GLY A 30 -15.12 0.87 11.62
CA GLY A 30 -14.45 1.43 12.78
C GLY A 30 -13.16 2.11 12.40
N LYS A 31 -12.38 1.47 11.54
CA LYS A 31 -11.14 2.04 11.05
C LYS A 31 -11.44 2.96 9.86
N LEU A 32 -10.41 3.66 9.40
CA LEU A 32 -10.58 4.62 8.31
C LEU A 32 -9.55 4.38 7.22
N GLY A 33 -9.23 3.11 7.00
CA GLY A 33 -8.25 2.76 5.99
C GLY A 33 -8.65 1.51 5.24
N GLN A 34 -7.96 1.24 4.14
CA GLN A 34 -8.27 0.09 3.31
C GLN A 34 -7.23 -1.01 3.54
N TYR A 35 -7.66 -2.25 3.48
CA TYR A 35 -6.78 -3.39 3.70
C TYR A 35 -6.99 -4.44 2.63
N ILE A 36 -5.95 -5.21 2.36
CA ILE A 36 -6.04 -6.33 1.42
C ILE A 36 -6.87 -7.45 2.06
N ARG A 37 -8.02 -7.71 1.48
CA ARG A 37 -8.92 -8.73 2.01
C ARG A 37 -8.57 -10.10 1.46
N LEU A 38 -8.21 -10.14 0.18
CA LEU A 38 -7.91 -11.41 -0.47
C LEU A 38 -6.96 -11.20 -1.64
N VAL A 39 -6.07 -12.15 -1.84
CA VAL A 39 -5.21 -12.18 -3.01
C VAL A 39 -5.47 -13.47 -3.77
N GLU A 40 -5.97 -13.34 -4.99
CA GLU A 40 -6.33 -14.49 -5.81
C GLU A 40 -5.06 -15.18 -6.32
N PRO A 41 -4.77 -16.39 -5.84
CA PRO A 41 -3.55 -17.12 -6.23
C PRO A 41 -3.44 -17.29 -7.74
N GLY A 42 -2.37 -16.74 -8.30
CA GLY A 42 -2.18 -16.76 -9.73
C GLY A 42 -2.34 -15.39 -10.35
N SER A 43 -2.54 -14.39 -9.51
CA SER A 43 -2.77 -13.03 -9.98
C SER A 43 -1.48 -12.22 -9.99
N PRO A 44 -1.45 -11.12 -10.76
CA PRO A 44 -0.33 -10.17 -10.77
C PRO A 44 -0.17 -9.46 -9.43
N ALA A 45 -1.23 -9.50 -8.61
CA ALA A 45 -1.19 -8.89 -7.29
C ALA A 45 -0.16 -9.57 -6.41
N GLU A 46 -0.04 -10.89 -6.54
CA GLU A 46 0.95 -11.65 -5.80
C GLU A 46 2.35 -11.23 -6.23
N LYS A 47 2.50 -11.01 -7.53
CA LYS A 47 3.78 -10.66 -8.12
C LYS A 47 4.27 -9.31 -7.59
N ALA A 48 3.32 -8.42 -7.31
CA ALA A 48 3.65 -7.10 -6.80
C ALA A 48 3.97 -7.15 -5.31
N GLY A 49 3.56 -8.23 -4.65
CA GLY A 49 3.86 -8.40 -3.25
C GLY A 49 2.72 -7.95 -2.35
N LEU A 50 1.49 -8.19 -2.77
CA LEU A 50 0.34 -7.87 -1.95
C LEU A 50 -0.05 -9.05 -1.07
N LEU A 51 -0.22 -8.81 0.22
CA LEU A 51 -0.59 -9.85 1.15
C LEU A 51 -1.83 -9.42 1.93
N ALA A 52 -2.74 -10.36 2.18
CA ALA A 52 -3.98 -10.08 2.87
C ALA A 52 -3.74 -9.66 4.31
N GLY A 53 -3.69 -8.36 4.52
CA GLY A 53 -3.42 -7.82 5.84
C GLY A 53 -2.72 -6.48 5.76
N ASP A 54 -1.99 -6.28 4.67
CA ASP A 54 -1.26 -5.02 4.45
C ASP A 54 -2.24 -3.85 4.33
N ARG A 55 -1.88 -2.73 4.94
CA ARG A 55 -2.71 -1.54 4.88
C ARG A 55 -2.40 -0.75 3.61
N LEU A 56 -3.44 -0.35 2.92
CA LEU A 56 -3.31 0.49 1.74
C LEU A 56 -3.02 1.93 2.16
N VAL A 57 -1.86 2.44 1.79
CA VAL A 57 -1.43 3.77 2.18
C VAL A 57 -1.57 4.76 1.03
N GLU A 58 -1.31 4.30 -0.20
CA GLU A 58 -1.37 5.17 -1.36
C GLU A 58 -1.72 4.39 -2.62
N VAL A 59 -2.35 5.07 -3.58
CA VAL A 59 -2.80 4.45 -4.82
C VAL A 59 -2.29 5.25 -6.03
N ASN A 60 -1.44 4.63 -6.84
CA ASN A 60 -0.79 5.24 -8.01
C ASN A 60 0.22 6.29 -7.58
N GLY A 61 -0.28 7.31 -6.90
CA GLY A 61 0.55 8.37 -6.38
C GLY A 61 -0.26 9.35 -5.56
N GLU A 62 -1.36 8.85 -5.00
CA GLU A 62 -2.28 9.67 -4.23
C GLU A 62 -2.48 9.06 -2.85
N ASN A 63 -2.32 9.88 -1.81
CA ASN A 63 -2.37 9.40 -0.44
C ASN A 63 -3.78 8.96 -0.06
N VAL A 64 -3.92 7.73 0.41
CA VAL A 64 -5.23 7.18 0.77
C VAL A 64 -5.22 6.61 2.19
N GLU A 65 -4.30 7.12 3.01
CA GLU A 65 -4.16 6.66 4.40
C GLU A 65 -5.48 6.74 5.15
N LYS A 66 -6.16 7.87 5.03
CA LYS A 66 -7.35 8.14 5.82
C LYS A 66 -8.60 8.14 4.93
N GLU A 67 -8.41 7.72 3.68
CA GLU A 67 -9.46 7.84 2.68
C GLU A 67 -10.39 6.64 2.69
N THR A 68 -11.60 6.85 2.16
CA THR A 68 -12.65 5.86 2.22
C THR A 68 -12.57 4.87 1.06
N HIS A 69 -13.35 3.80 1.16
CA HIS A 69 -13.38 2.79 0.11
C HIS A 69 -13.74 3.41 -1.24
N GLN A 70 -14.76 4.26 -1.25
CA GLN A 70 -15.19 4.89 -2.48
C GLN A 70 -14.12 5.81 -3.05
N GLN A 71 -13.44 6.53 -2.15
CA GLN A 71 -12.40 7.47 -2.57
C GLN A 71 -11.21 6.75 -3.17
N VAL A 72 -10.84 5.61 -2.60
CA VAL A 72 -9.70 4.85 -3.14
C VAL A 72 -10.03 4.23 -4.49
N VAL A 73 -11.24 3.66 -4.60
CA VAL A 73 -11.69 3.06 -5.85
C VAL A 73 -11.60 4.06 -7.00
N SER A 74 -12.01 5.30 -6.73
CA SER A 74 -11.94 6.35 -7.73
C SER A 74 -10.50 6.58 -8.19
N ARG A 75 -9.57 6.54 -7.24
CA ARG A 75 -8.15 6.64 -7.56
C ARG A 75 -7.65 5.42 -8.32
N ILE A 76 -8.19 4.24 -7.97
CA ILE A 76 -7.83 3.00 -8.66
C ILE A 76 -8.24 3.08 -10.13
N ARG A 77 -9.38 3.73 -10.39
CA ARG A 77 -9.87 3.89 -11.76
C ARG A 77 -8.89 4.67 -12.62
N ALA A 78 -8.04 5.46 -11.97
CA ALA A 78 -7.06 6.28 -12.68
C ALA A 78 -5.89 5.43 -13.18
N ALA A 79 -5.86 4.17 -12.79
CA ALA A 79 -4.85 3.25 -13.29
C ALA A 79 -5.20 2.83 -14.70
N LEU A 80 -4.32 3.19 -15.63
CA LEU A 80 -4.54 2.93 -17.04
C LEU A 80 -4.51 1.44 -17.35
N ASN A 81 -3.38 0.81 -17.07
CA ASN A 81 -3.25 -0.63 -17.25
C ASN A 81 -2.69 -1.28 -15.99
N ALA A 82 -2.07 -0.49 -15.14
CA ALA A 82 -1.43 -1.02 -13.95
C ALA A 82 -1.59 -0.02 -12.81
N VAL A 83 -1.72 -0.55 -11.61
CA VAL A 83 -1.94 0.29 -10.44
C VAL A 83 -0.77 0.14 -9.47
N ARG A 84 -0.38 1.25 -8.86
CA ARG A 84 0.66 1.25 -7.86
C ARG A 84 0.06 1.32 -6.47
N LEU A 85 0.28 0.28 -5.69
CA LEU A 85 -0.29 0.23 -4.35
C LEU A 85 0.81 0.31 -3.30
N LEU A 86 0.75 1.35 -2.48
CA LEU A 86 1.71 1.52 -1.41
C LEU A 86 1.12 0.90 -0.15
N VAL A 87 1.78 -0.12 0.35
CA VAL A 87 1.27 -0.85 1.50
C VAL A 87 2.36 -1.09 2.53
N VAL A 88 1.94 -1.23 3.76
CA VAL A 88 2.84 -1.51 4.87
C VAL A 88 2.12 -2.34 5.92
N ASP A 89 2.86 -3.18 6.64
CA ASP A 89 2.30 -3.95 7.73
C ASP A 89 1.68 -3.02 8.77
N PRO A 90 0.39 -3.27 9.08
CA PRO A 90 -0.45 -2.35 9.87
C PRO A 90 0.15 -2.00 11.24
N GLU A 91 0.76 -2.97 11.89
CA GLU A 91 1.36 -2.74 13.20
C GLU A 91 2.56 -1.81 13.08
N THR A 92 3.33 -2.02 12.01
CA THR A 92 4.53 -1.24 11.76
C THR A 92 4.19 0.19 11.35
N ASP A 93 3.12 0.35 10.60
CA ASP A 93 2.71 1.67 10.12
C ASP A 93 2.50 2.62 11.28
N GLU A 94 1.80 2.15 12.30
CA GLU A 94 1.48 2.98 13.45
C GLU A 94 2.74 3.38 14.22
N GLN A 95 3.68 2.43 14.36
CA GLN A 95 4.91 2.71 15.10
C GLN A 95 5.82 3.65 14.31
N LEU A 96 5.91 3.44 12.99
CA LEU A 96 6.76 4.28 12.15
C LEU A 96 6.19 5.69 12.03
N GLN A 97 4.86 5.80 12.02
CA GLN A 97 4.20 7.10 11.99
C GLN A 97 4.48 7.88 13.27
N LYS A 98 4.57 7.16 14.40
CA LYS A 98 4.90 7.77 15.68
C LYS A 98 6.28 8.42 15.64
N LEU A 99 7.10 8.00 14.68
CA LEU A 99 8.43 8.56 14.51
C LEU A 99 8.37 9.83 13.66
N GLY A 100 7.21 10.11 13.08
CA GLY A 100 7.02 11.33 12.32
C GLY A 100 7.37 11.18 10.85
N VAL A 101 7.58 9.96 10.41
CA VAL A 101 8.00 9.70 9.04
C VAL A 101 6.80 9.47 8.12
N GLN A 102 6.86 10.05 6.93
CA GLN A 102 5.79 9.91 5.95
C GLN A 102 5.87 8.55 5.26
N VAL A 103 5.06 7.62 5.74
CA VAL A 103 5.08 6.23 5.28
C VAL A 103 4.62 6.10 3.82
N ARG A 104 3.88 7.11 3.33
CA ARG A 104 3.26 7.04 2.01
C ARG A 104 4.29 6.90 0.88
N GLU A 105 5.45 7.52 1.03
CA GLU A 105 6.48 7.43 -0.01
C GLU A 105 7.82 7.91 0.52
N GLU A 106 7.78 8.99 1.31
CA GLU A 106 8.99 9.60 1.83
C GLU A 106 9.85 8.60 2.59
N LEU A 107 9.21 7.62 3.21
CA LEU A 107 9.91 6.58 3.94
C LEU A 107 10.75 5.74 2.97
N LEU A 108 10.19 5.45 1.81
CA LEU A 108 10.88 4.64 0.80
C LEU A 108 12.05 5.40 0.21
N ARG A 109 11.91 6.71 0.14
CA ARG A 109 12.97 7.58 -0.34
C ARG A 109 14.04 7.75 0.72
N ALA A 110 13.60 8.17 1.90
CA ALA A 110 14.48 8.47 3.02
C ALA A 110 15.04 7.22 3.69
N GLN A 111 15.51 6.30 2.88
CA GLN A 111 16.26 5.16 3.38
C GLN A 111 17.72 5.55 3.52
N GLU A 112 18.01 6.74 3.00
CA GLU A 112 19.32 7.35 3.12
C GLU A 112 19.21 8.53 4.09
N ALA A 113 19.71 8.35 5.31
CA ALA A 113 19.56 9.33 6.38
C ALA A 113 18.08 9.54 6.71
N PRO A 114 17.58 8.81 7.73
CA PRO A 114 16.15 8.81 8.09
C PRO A 114 15.56 10.19 8.28
N GLY A 115 14.83 10.66 7.29
CA GLY A 115 14.17 11.94 7.35
C GLY A 115 14.16 12.64 6.01
N GLN A 116 13.70 13.87 5.98
CA GLN A 116 13.67 14.65 4.74
C GLN A 116 15.07 15.15 4.41
N ALA A 117 15.93 15.16 5.43
CA ALA A 117 17.32 15.60 5.31
C ALA A 117 17.40 17.09 4.96
N GLY A 1 16.78 0.77 22.61
CA GLY A 1 15.69 1.77 22.52
C GLY A 1 14.58 1.31 21.61
N ILE A 2 13.82 2.26 21.07
CA ILE A 2 12.77 1.94 20.12
C ILE A 2 13.39 1.63 18.77
N ASP A 3 12.81 0.70 18.04
CA ASP A 3 13.31 0.36 16.72
C ASP A 3 12.74 1.31 15.68
N PRO A 4 13.62 2.06 15.02
CA PRO A 4 13.23 3.07 14.06
C PRO A 4 12.57 2.46 12.83
N PHE A 5 12.97 1.24 12.53
CA PHE A 5 12.49 0.54 11.36
C PHE A 5 12.53 -0.95 11.58
N THR A 6 11.60 -1.65 10.95
CA THR A 6 11.47 -3.08 11.14
C THR A 6 10.69 -3.69 9.97
N MET A 7 9.61 -3.03 9.58
CA MET A 7 8.88 -3.42 8.38
C MET A 7 8.45 -2.16 7.64
N LEU A 8 9.30 -1.73 6.72
CA LEU A 8 9.05 -0.51 5.97
C LEU A 8 7.99 -0.75 4.89
N PRO A 9 7.34 0.32 4.44
CA PRO A 9 6.29 0.23 3.40
C PRO A 9 6.87 -0.16 2.05
N ARG A 10 6.07 -0.84 1.27
CA ARG A 10 6.48 -1.24 -0.06
C ARG A 10 5.48 -0.74 -1.09
N LEU A 11 5.99 -0.06 -2.10
CA LEU A 11 5.16 0.35 -3.21
C LEU A 11 5.07 -0.79 -4.21
N CYS A 12 3.90 -1.42 -4.26
CA CYS A 12 3.70 -2.58 -5.09
C CYS A 12 3.11 -2.15 -6.43
N CYS A 13 3.91 -2.30 -7.47
CA CYS A 13 3.47 -1.94 -8.79
C CYS A 13 3.02 -3.19 -9.55
N LEU A 14 1.72 -3.27 -9.79
CA LEU A 14 1.16 -4.41 -10.50
C LEU A 14 0.43 -3.95 -11.74
N GLU A 15 0.30 -4.85 -12.70
CA GLU A 15 -0.23 -4.51 -14.01
C GLU A 15 -1.56 -5.20 -14.23
N LYS A 16 -2.50 -4.48 -14.82
CA LYS A 16 -3.85 -4.94 -14.97
C LYS A 16 -3.93 -6.04 -16.02
N GLY A 17 -4.48 -7.17 -15.63
CA GLY A 17 -4.67 -8.27 -16.55
C GLY A 17 -6.06 -8.25 -17.15
N PRO A 18 -6.51 -9.38 -17.73
CA PRO A 18 -7.81 -9.48 -18.39
C PRO A 18 -8.98 -9.17 -17.46
N ASN A 19 -8.80 -9.45 -16.17
CA ASN A 19 -9.86 -9.22 -15.19
C ASN A 19 -9.38 -8.28 -14.10
N GLY A 20 -8.65 -7.25 -14.49
CA GLY A 20 -8.19 -6.27 -13.53
C GLY A 20 -6.91 -6.70 -12.83
N TYR A 21 -6.78 -6.36 -11.57
CA TYR A 21 -5.55 -6.65 -10.84
C TYR A 21 -5.72 -7.87 -9.94
N GLY A 22 -6.96 -8.14 -9.55
CA GLY A 22 -7.26 -9.37 -8.85
C GLY A 22 -7.10 -9.28 -7.35
N PHE A 23 -7.37 -8.12 -6.78
CA PHE A 23 -7.30 -7.98 -5.33
C PHE A 23 -8.60 -7.38 -4.80
N HIS A 24 -9.04 -7.87 -3.65
CA HIS A 24 -10.23 -7.38 -3.00
C HIS A 24 -9.85 -6.44 -1.88
N LEU A 25 -10.64 -5.41 -1.65
CA LEU A 25 -10.30 -4.38 -0.68
C LEU A 25 -11.43 -4.21 0.33
N HIS A 26 -11.08 -4.08 1.62
CA HIS A 26 -12.10 -3.91 2.65
C HIS A 26 -11.68 -2.87 3.68
N GLY A 27 -12.67 -2.19 4.24
CA GLY A 27 -12.41 -1.23 5.30
C GLY A 27 -13.15 -1.61 6.57
N GLU A 28 -12.39 -1.88 7.63
CA GLU A 28 -12.95 -2.39 8.86
C GLU A 28 -13.70 -1.32 9.64
N LYS A 29 -14.85 -1.70 10.19
CA LYS A 29 -15.67 -0.78 10.98
C LYS A 29 -14.98 -0.44 12.29
N GLY A 30 -14.37 0.73 12.32
CA GLY A 30 -13.61 1.16 13.46
C GLY A 30 -12.35 1.87 13.01
N LYS A 31 -11.78 1.33 11.94
CA LYS A 31 -10.68 1.96 11.25
C LYS A 31 -11.21 2.97 10.25
N LEU A 32 -10.34 3.62 9.53
CA LEU A 32 -10.76 4.58 8.51
C LEU A 32 -9.90 4.46 7.27
N GLY A 33 -9.26 3.30 7.12
CA GLY A 33 -8.42 3.04 5.98
C GLY A 33 -8.78 1.73 5.32
N GLN A 34 -8.13 1.42 4.21
CA GLN A 34 -8.42 0.21 3.47
C GLN A 34 -7.35 -0.85 3.70
N TYR A 35 -7.78 -2.10 3.78
CA TYR A 35 -6.87 -3.22 3.98
C TYR A 35 -7.08 -4.26 2.90
N ILE A 36 -6.06 -5.08 2.65
CA ILE A 36 -6.15 -6.12 1.63
C ILE A 36 -7.09 -7.22 2.09
N ARG A 37 -8.13 -7.45 1.30
CA ARG A 37 -9.19 -8.38 1.65
C ARG A 37 -8.93 -9.76 1.07
N LEU A 38 -8.59 -9.82 -0.21
CA LEU A 38 -8.38 -11.10 -0.87
C LEU A 38 -7.51 -10.90 -2.10
N VAL A 39 -6.59 -11.82 -2.33
CA VAL A 39 -5.76 -11.79 -3.52
C VAL A 39 -6.02 -13.02 -4.38
N GLU A 40 -6.54 -12.80 -5.58
CA GLU A 40 -6.84 -13.90 -6.50
C GLU A 40 -5.56 -14.65 -6.83
N PRO A 41 -5.57 -15.99 -6.73
CA PRO A 41 -4.40 -16.80 -7.04
C PRO A 41 -4.01 -16.71 -8.51
N GLY A 42 -2.75 -16.40 -8.74
CA GLY A 42 -2.26 -16.21 -10.10
C GLY A 42 -2.57 -14.83 -10.64
N SER A 43 -2.67 -13.84 -9.75
CA SER A 43 -2.95 -12.47 -10.16
C SER A 43 -1.67 -11.64 -10.14
N PRO A 44 -1.68 -10.48 -10.82
CA PRO A 44 -0.56 -9.53 -10.79
C PRO A 44 -0.33 -8.98 -9.38
N ALA A 45 -1.36 -9.02 -8.55
CA ALA A 45 -1.24 -8.56 -7.17
C ALA A 45 -0.23 -9.40 -6.41
N GLU A 46 -0.29 -10.71 -6.64
CA GLU A 46 0.67 -11.64 -6.05
C GLU A 46 2.09 -11.30 -6.48
N LYS A 47 2.25 -11.01 -7.76
CA LYS A 47 3.56 -10.71 -8.34
C LYS A 47 4.21 -9.51 -7.67
N ALA A 48 3.39 -8.53 -7.33
CA ALA A 48 3.88 -7.30 -6.72
C ALA A 48 4.15 -7.50 -5.23
N GLY A 49 3.68 -8.61 -4.70
CA GLY A 49 3.86 -8.91 -3.29
C GLY A 49 2.77 -8.31 -2.43
N LEU A 50 1.57 -8.23 -2.99
CA LEU A 50 0.45 -7.63 -2.28
C LEU A 50 -0.15 -8.67 -1.33
N LEU A 51 0.12 -8.51 -0.05
CA LEU A 51 -0.23 -9.52 0.93
C LEU A 51 -1.48 -9.11 1.72
N ALA A 52 -2.33 -10.10 1.99
CA ALA A 52 -3.57 -9.86 2.72
C ALA A 52 -3.28 -9.56 4.19
N GLY A 53 -3.44 -8.31 4.56
CA GLY A 53 -3.16 -7.89 5.92
C GLY A 53 -2.41 -6.58 5.95
N ASP A 54 -1.84 -6.21 4.80
CA ASP A 54 -1.15 -4.94 4.66
C ASP A 54 -2.15 -3.78 4.59
N ARG A 55 -1.76 -2.64 5.12
CA ARG A 55 -2.61 -1.46 5.12
C ARG A 55 -2.33 -0.62 3.88
N LEU A 56 -3.38 -0.31 3.14
CA LEU A 56 -3.27 0.51 1.95
C LEU A 56 -3.12 1.98 2.35
N VAL A 57 -1.94 2.53 2.13
CA VAL A 57 -1.65 3.90 2.52
C VAL A 57 -1.75 4.85 1.33
N GLU A 58 -1.41 4.36 0.14
CA GLU A 58 -1.43 5.20 -1.04
C GLU A 58 -1.79 4.40 -2.30
N VAL A 59 -2.44 5.07 -3.25
CA VAL A 59 -2.81 4.47 -4.53
C VAL A 59 -2.53 5.42 -5.67
N ASN A 60 -1.61 5.03 -6.56
CA ASN A 60 -1.31 5.78 -7.78
C ASN A 60 -0.71 7.15 -7.43
N GLY A 61 -0.08 7.24 -6.27
CA GLY A 61 0.53 8.48 -5.86
C GLY A 61 -0.42 9.37 -5.10
N GLU A 62 -1.52 8.81 -4.65
CA GLU A 62 -2.48 9.56 -3.85
C GLU A 62 -2.73 8.85 -2.54
N ASN A 63 -2.70 9.60 -1.46
CA ASN A 63 -2.87 9.06 -0.12
C ASN A 63 -4.29 8.53 0.06
N VAL A 64 -4.40 7.29 0.52
CA VAL A 64 -5.71 6.68 0.72
C VAL A 64 -5.85 6.19 2.16
N GLU A 65 -5.14 6.82 3.08
CA GLU A 65 -5.15 6.42 4.48
C GLU A 65 -6.48 6.74 5.14
N LYS A 66 -7.17 7.76 4.64
CA LYS A 66 -8.40 8.23 5.25
C LYS A 66 -9.54 8.06 4.26
N GLU A 67 -9.28 7.31 3.20
CA GLU A 67 -10.21 7.15 2.10
C GLU A 67 -11.05 5.90 2.26
N THR A 68 -12.29 5.97 1.79
CA THR A 68 -13.21 4.85 1.84
C THR A 68 -12.96 3.89 0.69
N HIS A 69 -13.72 2.80 0.65
CA HIS A 69 -13.63 1.85 -0.44
C HIS A 69 -13.89 2.54 -1.77
N GLN A 70 -14.95 3.33 -1.81
CA GLN A 70 -15.35 4.03 -3.03
C GLN A 70 -14.28 5.05 -3.45
N GLN A 71 -13.77 5.79 -2.46
CA GLN A 71 -12.75 6.79 -2.73
C GLN A 71 -11.50 6.15 -3.31
N VAL A 72 -11.12 5.00 -2.78
CA VAL A 72 -9.96 4.28 -3.27
C VAL A 72 -10.21 3.66 -4.64
N VAL A 73 -11.37 3.03 -4.82
CA VAL A 73 -11.71 2.36 -6.08
C VAL A 73 -11.58 3.30 -7.27
N SER A 74 -12.11 4.51 -7.12
CA SER A 74 -12.04 5.51 -8.18
C SER A 74 -10.59 5.84 -8.54
N ARG A 75 -9.72 5.86 -7.52
CA ARG A 75 -8.30 6.11 -7.74
C ARG A 75 -7.65 4.95 -8.49
N ILE A 76 -8.09 3.74 -8.17
CA ILE A 76 -7.60 2.53 -8.85
C ILE A 76 -8.00 2.56 -10.32
N ARG A 77 -9.18 3.10 -10.58
CA ARG A 77 -9.69 3.23 -11.95
C ARG A 77 -8.95 4.33 -12.71
N ALA A 78 -8.33 5.25 -11.97
CA ALA A 78 -7.52 6.31 -12.58
C ALA A 78 -6.28 5.72 -13.21
N ALA A 79 -5.88 4.55 -12.74
CA ALA A 79 -4.79 3.82 -13.33
C ALA A 79 -5.26 3.17 -14.62
N LEU A 80 -4.45 3.28 -15.65
CA LEU A 80 -4.82 2.81 -16.98
C LEU A 80 -4.51 1.32 -17.14
N ASN A 81 -3.23 0.98 -17.21
CA ASN A 81 -2.83 -0.41 -17.43
C ASN A 81 -2.14 -0.97 -16.21
N ALA A 82 -1.66 -0.10 -15.35
CA ALA A 82 -0.96 -0.52 -14.16
C ALA A 82 -1.14 0.48 -13.03
N VAL A 83 -1.22 -0.04 -11.82
CA VAL A 83 -1.43 0.80 -10.66
C VAL A 83 -0.28 0.62 -9.67
N ARG A 84 0.02 1.67 -8.93
CA ARG A 84 1.05 1.60 -7.90
C ARG A 84 0.36 1.66 -6.54
N LEU A 85 0.44 0.56 -5.80
CA LEU A 85 -0.22 0.49 -4.50
C LEU A 85 0.81 0.49 -3.40
N LEU A 86 0.76 1.49 -2.54
CA LEU A 86 1.68 1.56 -1.41
C LEU A 86 1.03 0.94 -0.20
N VAL A 87 1.67 -0.07 0.37
CA VAL A 87 1.15 -0.72 1.56
C VAL A 87 2.23 -0.90 2.61
N VAL A 88 1.79 -0.98 3.84
CA VAL A 88 2.67 -1.17 4.98
C VAL A 88 1.95 -1.97 6.05
N ASP A 89 2.70 -2.81 6.77
CA ASP A 89 2.14 -3.55 7.90
C ASP A 89 1.53 -2.59 8.91
N PRO A 90 0.23 -2.77 9.20
CA PRO A 90 -0.56 -1.83 10.02
C PRO A 90 0.04 -1.58 11.40
N GLU A 91 0.56 -2.63 12.03
CA GLU A 91 1.12 -2.50 13.37
C GLU A 91 2.46 -1.78 13.31
N THR A 92 3.24 -2.07 12.28
CA THR A 92 4.51 -1.39 12.09
C THR A 92 4.27 0.05 11.66
N ASP A 93 3.25 0.25 10.85
CA ASP A 93 2.85 1.58 10.41
C ASP A 93 2.52 2.45 11.62
N GLU A 94 1.88 1.83 12.60
CA GLU A 94 1.49 2.50 13.82
C GLU A 94 2.70 3.09 14.52
N GLN A 95 3.75 2.28 14.70
CA GLN A 95 4.96 2.77 15.33
C GLN A 95 5.75 3.71 14.42
N LEU A 96 5.95 3.32 13.15
CA LEU A 96 6.82 4.08 12.25
C LEU A 96 6.30 5.49 12.02
N GLN A 97 4.99 5.62 11.81
CA GLN A 97 4.37 6.92 11.60
C GLN A 97 4.43 7.77 12.86
N LYS A 98 4.28 7.13 14.01
CA LYS A 98 4.36 7.83 15.30
C LYS A 98 5.79 8.25 15.60
N LEU A 99 6.76 7.58 14.99
CA LEU A 99 8.16 7.93 15.16
C LEU A 99 8.49 9.23 14.44
N GLY A 100 7.67 9.58 13.46
CA GLY A 100 7.88 10.82 12.72
C GLY A 100 8.35 10.56 11.30
N VAL A 101 8.11 9.35 10.80
CA VAL A 101 8.48 9.00 9.44
C VAL A 101 7.24 8.91 8.56
N GLN A 102 7.29 9.49 7.37
CA GLN A 102 6.19 9.39 6.43
C GLN A 102 6.47 8.34 5.37
N VAL A 103 5.85 7.19 5.54
CA VAL A 103 6.02 6.04 4.66
C VAL A 103 5.51 6.29 3.24
N ARG A 104 4.75 7.37 3.07
CA ARG A 104 3.98 7.61 1.84
C ARG A 104 4.82 7.65 0.57
N GLU A 105 6.07 8.10 0.66
CA GLU A 105 6.95 8.09 -0.51
C GLU A 105 8.38 8.45 -0.12
N GLU A 106 8.54 9.51 0.67
CA GLU A 106 9.85 10.01 1.05
C GLU A 106 10.69 8.90 1.69
N LEU A 107 10.06 8.10 2.54
CA LEU A 107 10.75 7.03 3.23
C LEU A 107 11.34 6.02 2.25
N LEU A 108 10.72 5.87 1.09
CA LEU A 108 11.17 4.89 0.11
C LEU A 108 12.54 5.27 -0.46
N ARG A 109 12.99 6.49 -0.21
CA ARG A 109 14.31 6.91 -0.67
C ARG A 109 15.37 6.47 0.33
N ALA A 110 15.55 7.23 1.42
CA ALA A 110 16.47 6.85 2.49
C ALA A 110 16.40 7.83 3.67
N GLN A 111 15.85 7.37 4.80
CA GLN A 111 15.77 8.20 5.99
C GLN A 111 16.93 7.88 6.93
N GLU A 112 18.11 8.38 6.58
CA GLU A 112 19.29 8.13 7.40
C GLU A 112 19.70 9.39 8.15
N ALA A 113 19.98 9.22 9.43
CA ALA A 113 20.41 10.32 10.29
C ALA A 113 21.43 9.83 11.29
N PRO A 114 22.56 10.53 11.43
CA PRO A 114 23.60 10.18 12.40
C PRO A 114 23.18 10.44 13.84
N GLY A 115 22.35 9.56 14.35
CA GLY A 115 21.84 9.67 15.70
C GLY A 115 22.68 8.88 16.68
N GLN A 116 23.85 9.41 16.98
CA GLN A 116 24.76 8.77 17.92
C GLN A 116 24.57 9.35 19.31
N ALA A 117 24.34 8.49 20.28
CA ALA A 117 24.13 8.92 21.65
C ALA A 117 24.69 7.88 22.62
N GLY A 1 19.58 0.21 20.14
CA GLY A 1 18.58 1.06 20.82
C GLY A 1 17.22 0.94 20.18
N ILE A 2 16.49 2.04 20.11
CA ILE A 2 15.21 2.05 19.43
C ILE A 2 15.42 2.29 17.95
N ASP A 3 14.78 1.49 17.13
CA ASP A 3 14.88 1.61 15.68
C ASP A 3 13.75 2.48 15.16
N PRO A 4 14.09 3.53 14.42
CA PRO A 4 13.12 4.48 13.87
C PRO A 4 12.30 3.86 12.76
N PHE A 5 12.89 2.87 12.11
CA PHE A 5 12.28 2.22 10.97
C PHE A 5 12.70 0.76 10.91
N THR A 6 11.85 -0.06 10.30
CA THR A 6 12.07 -1.49 10.26
C THR A 6 11.05 -2.15 9.34
N MET A 7 11.53 -2.87 8.32
CA MET A 7 10.65 -3.51 7.34
C MET A 7 9.84 -2.41 6.67
N LEU A 8 10.56 -1.52 6.03
CA LEU A 8 9.99 -0.28 5.52
C LEU A 8 9.00 -0.57 4.40
N PRO A 9 7.88 0.17 4.38
CA PRO A 9 6.85 0.04 3.35
C PRO A 9 7.40 0.36 1.97
N ARG A 10 6.72 -0.11 0.95
CA ARG A 10 7.18 0.05 -0.41
C ARG A 10 6.00 0.28 -1.33
N LEU A 11 6.27 0.91 -2.46
CA LEU A 11 5.23 1.16 -3.44
C LEU A 11 5.07 -0.07 -4.32
N CYS A 12 3.92 -0.70 -4.21
CA CYS A 12 3.68 -1.95 -4.89
C CYS A 12 3.02 -1.70 -6.24
N CYS A 13 3.79 -1.89 -7.30
CA CYS A 13 3.28 -1.74 -8.65
C CYS A 13 2.83 -3.08 -9.19
N LEU A 14 1.53 -3.24 -9.37
CA LEU A 14 1.00 -4.46 -9.91
C LEU A 14 0.35 -4.19 -11.25
N GLU A 15 0.39 -5.17 -12.13
CA GLU A 15 0.05 -4.98 -13.52
C GLU A 15 -1.06 -5.93 -13.92
N LYS A 16 -2.10 -5.36 -14.54
CA LYS A 16 -3.35 -6.07 -14.80
C LYS A 16 -3.12 -7.37 -15.58
N GLY A 17 -3.64 -8.45 -15.03
CA GLY A 17 -3.59 -9.74 -15.69
C GLY A 17 -4.91 -10.08 -16.34
N PRO A 18 -5.32 -11.36 -16.31
CA PRO A 18 -6.56 -11.80 -16.94
C PRO A 18 -7.80 -11.44 -16.14
N ASN A 19 -7.61 -11.17 -14.84
CA ASN A 19 -8.75 -10.91 -13.95
C ASN A 19 -8.61 -9.57 -13.25
N GLY A 20 -7.91 -8.64 -13.88
CA GLY A 20 -7.65 -7.37 -13.25
C GLY A 20 -6.36 -7.40 -12.45
N TYR A 21 -6.46 -7.28 -11.13
CA TYR A 21 -5.27 -7.23 -10.30
C TYR A 21 -5.29 -8.31 -9.22
N GLY A 22 -6.48 -8.78 -8.89
CA GLY A 22 -6.61 -9.93 -8.00
C GLY A 22 -6.51 -9.57 -6.53
N PHE A 23 -6.99 -8.41 -6.14
CA PHE A 23 -7.00 -8.04 -4.73
C PHE A 23 -8.37 -7.49 -4.34
N HIS A 24 -8.79 -7.81 -3.13
CA HIS A 24 -10.06 -7.32 -2.62
C HIS A 24 -9.79 -6.34 -1.49
N LEU A 25 -10.45 -5.19 -1.54
CA LEU A 25 -10.20 -4.13 -0.57
C LEU A 25 -11.31 -4.10 0.47
N HIS A 26 -10.97 -3.78 1.72
CA HIS A 26 -11.98 -3.69 2.78
C HIS A 26 -11.68 -2.53 3.73
N GLY A 27 -12.73 -2.02 4.33
CA GLY A 27 -12.59 -0.99 5.33
C GLY A 27 -13.34 -1.33 6.60
N GLU A 28 -12.64 -1.30 7.73
CA GLU A 28 -13.25 -1.56 9.02
C GLU A 28 -14.08 -0.35 9.46
N LYS A 29 -14.63 -0.42 10.66
CA LYS A 29 -15.36 0.70 11.21
C LYS A 29 -14.57 1.33 12.35
N GLY A 30 -14.52 2.65 12.36
CA GLY A 30 -13.72 3.36 13.32
C GLY A 30 -12.32 3.58 12.83
N LYS A 31 -12.12 3.41 11.53
CA LYS A 31 -10.81 3.58 10.92
C LYS A 31 -10.78 4.85 10.09
N LEU A 32 -9.67 5.05 9.38
CA LEU A 32 -9.57 6.15 8.44
C LEU A 32 -9.16 5.63 7.07
N GLY A 33 -8.35 4.59 7.05
CA GLY A 33 -7.80 4.08 5.81
C GLY A 33 -8.41 2.76 5.37
N GLN A 34 -7.97 2.27 4.21
CA GLN A 34 -8.46 1.02 3.67
C GLN A 34 -7.40 -0.07 3.85
N TYR A 35 -7.83 -1.33 3.87
CA TYR A 35 -6.92 -2.44 4.08
C TYR A 35 -7.15 -3.52 3.04
N ILE A 36 -6.10 -4.29 2.74
CA ILE A 36 -6.21 -5.43 1.85
C ILE A 36 -6.99 -6.55 2.53
N ARG A 37 -8.07 -6.99 1.90
CA ARG A 37 -8.91 -8.04 2.47
C ARG A 37 -8.44 -9.40 1.96
N LEU A 38 -8.19 -9.49 0.67
CA LEU A 38 -7.89 -10.76 0.05
C LEU A 38 -6.98 -10.57 -1.15
N VAL A 39 -6.03 -11.47 -1.31
CA VAL A 39 -5.16 -11.50 -2.47
C VAL A 39 -5.28 -12.84 -3.16
N GLU A 40 -5.76 -12.81 -4.41
CA GLU A 40 -5.94 -14.02 -5.19
C GLU A 40 -4.60 -14.72 -5.34
N PRO A 41 -4.53 -16.01 -5.00
CA PRO A 41 -3.28 -16.76 -5.07
C PRO A 41 -2.76 -16.88 -6.49
N GLY A 42 -1.61 -16.28 -6.71
CA GLY A 42 -1.02 -16.26 -8.03
C GLY A 42 -1.56 -15.14 -8.90
N SER A 43 -1.71 -13.97 -8.31
CA SER A 43 -2.20 -12.81 -9.03
C SER A 43 -1.11 -11.75 -9.17
N PRO A 44 -1.31 -10.72 -10.01
CA PRO A 44 -0.40 -9.58 -10.08
C PRO A 44 -0.21 -8.90 -8.72
N ALA A 45 -1.24 -8.95 -7.88
CA ALA A 45 -1.17 -8.38 -6.55
C ALA A 45 -0.08 -9.09 -5.73
N GLU A 46 0.01 -10.40 -5.92
CA GLU A 46 1.06 -11.21 -5.29
C GLU A 46 2.44 -10.75 -5.77
N LYS A 47 2.52 -10.43 -7.06
CA LYS A 47 3.77 -9.99 -7.67
C LYS A 47 4.23 -8.67 -7.08
N ALA A 48 3.28 -7.86 -6.64
CA ALA A 48 3.58 -6.55 -6.07
C ALA A 48 3.84 -6.65 -4.58
N GLY A 49 3.41 -7.74 -3.97
CA GLY A 49 3.64 -7.96 -2.56
C GLY A 49 2.47 -7.54 -1.70
N LEU A 50 1.26 -7.75 -2.19
CA LEU A 50 0.07 -7.40 -1.43
C LEU A 50 -0.42 -8.61 -0.64
N LEU A 51 -0.84 -8.38 0.59
CA LEU A 51 -1.36 -9.45 1.43
C LEU A 51 -2.47 -8.93 2.34
N ALA A 52 -3.37 -9.83 2.72
CA ALA A 52 -4.49 -9.49 3.59
C ALA A 52 -3.99 -9.00 4.95
N GLY A 53 -4.07 -7.70 5.15
CA GLY A 53 -3.60 -7.12 6.40
C GLY A 53 -2.86 -5.82 6.17
N ASP A 54 -2.22 -5.71 5.01
CA ASP A 54 -1.45 -4.51 4.67
C ASP A 54 -2.36 -3.29 4.58
N ARG A 55 -1.91 -2.18 5.16
CA ARG A 55 -2.68 -0.96 5.18
C ARG A 55 -2.40 -0.14 3.92
N LEU A 56 -3.47 0.27 3.24
CA LEU A 56 -3.34 1.08 2.03
C LEU A 56 -3.10 2.53 2.39
N VAL A 57 -1.99 3.09 1.93
CA VAL A 57 -1.61 4.45 2.26
C VAL A 57 -1.84 5.40 1.08
N GLU A 58 -1.48 4.94 -0.12
CA GLU A 58 -1.57 5.78 -1.32
C GLU A 58 -1.95 4.94 -2.54
N VAL A 59 -2.62 5.58 -3.49
CA VAL A 59 -3.02 4.93 -4.73
C VAL A 59 -2.65 5.81 -5.93
N ASN A 60 -1.74 5.32 -6.74
CA ASN A 60 -1.34 6.00 -7.98
C ASN A 60 -0.82 7.41 -7.73
N GLY A 61 -0.13 7.59 -6.61
CA GLY A 61 0.53 8.86 -6.35
C GLY A 61 -0.26 9.81 -5.47
N GLU A 62 -1.43 9.38 -4.99
CA GLU A 62 -2.22 10.24 -4.13
C GLU A 62 -2.56 9.55 -2.83
N ASN A 63 -2.44 10.30 -1.74
CA ASN A 63 -2.64 9.79 -0.40
C ASN A 63 -4.09 9.42 -0.16
N VAL A 64 -4.33 8.19 0.27
CA VAL A 64 -5.68 7.70 0.51
C VAL A 64 -5.82 7.20 1.95
N GLU A 65 -5.09 7.83 2.86
CA GLU A 65 -5.06 7.41 4.26
C GLU A 65 -6.39 7.61 4.96
N LYS A 66 -7.24 8.49 4.44
CA LYS A 66 -8.55 8.74 5.04
C LYS A 66 -9.65 8.59 4.02
N GLU A 67 -9.29 8.16 2.82
CA GLU A 67 -10.23 8.07 1.71
C GLU A 67 -11.10 6.82 1.84
N THR A 68 -12.19 6.77 1.07
CA THR A 68 -13.16 5.70 1.20
C THR A 68 -12.98 4.64 0.13
N HIS A 69 -13.70 3.52 0.28
CA HIS A 69 -13.65 2.44 -0.70
C HIS A 69 -13.97 2.96 -2.10
N GLN A 70 -15.05 3.73 -2.21
CA GLN A 70 -15.49 4.25 -3.50
C GLN A 70 -14.44 5.16 -4.12
N GLN A 71 -13.89 6.05 -3.31
CA GLN A 71 -12.91 7.03 -3.79
C GLN A 71 -11.65 6.35 -4.29
N VAL A 72 -11.23 5.31 -3.57
CA VAL A 72 -10.06 4.54 -3.96
C VAL A 72 -10.35 3.69 -5.21
N VAL A 73 -11.54 3.12 -5.28
CA VAL A 73 -11.94 2.29 -6.42
C VAL A 73 -11.87 3.06 -7.73
N SER A 74 -12.27 4.33 -7.69
CA SER A 74 -12.21 5.19 -8.87
C SER A 74 -10.78 5.27 -9.40
N ARG A 75 -9.83 5.37 -8.47
CA ARG A 75 -8.42 5.43 -8.81
C ARG A 75 -7.93 4.10 -9.39
N ILE A 76 -8.45 3.01 -8.83
CA ILE A 76 -8.11 1.68 -9.30
C ILE A 76 -8.61 1.47 -10.73
N ARG A 77 -9.78 2.04 -11.02
CA ARG A 77 -10.37 1.97 -12.36
C ARG A 77 -9.63 2.87 -13.34
N ALA A 78 -8.94 3.88 -12.80
CA ALA A 78 -8.15 4.78 -13.63
C ALA A 78 -6.86 4.10 -14.07
N ALA A 79 -6.49 3.05 -13.34
CA ALA A 79 -5.33 2.25 -13.67
C ALA A 79 -5.64 1.36 -14.86
N LEU A 80 -4.96 1.63 -15.97
CA LEU A 80 -5.24 0.96 -17.22
C LEU A 80 -4.51 -0.36 -17.32
N ASN A 81 -3.19 -0.28 -17.38
CA ASN A 81 -2.37 -1.46 -17.53
C ASN A 81 -1.85 -1.90 -16.16
N ALA A 82 -1.61 -0.93 -15.31
CA ALA A 82 -1.06 -1.21 -13.98
C ALA A 82 -1.49 -0.16 -12.98
N VAL A 83 -1.48 -0.55 -11.71
CA VAL A 83 -1.82 0.37 -10.62
C VAL A 83 -0.70 0.37 -9.59
N ARG A 84 -0.41 1.54 -9.03
CA ARG A 84 0.62 1.64 -8.01
C ARG A 84 -0.01 1.84 -6.65
N LEU A 85 0.14 0.84 -5.79
CA LEU A 85 -0.47 0.87 -4.48
C LEU A 85 0.59 0.89 -3.39
N LEU A 86 0.54 1.90 -2.55
CA LEU A 86 1.47 1.98 -1.43
C LEU A 86 0.83 1.39 -0.18
N VAL A 87 1.44 0.34 0.35
CA VAL A 87 0.93 -0.29 1.54
C VAL A 87 2.03 -0.47 2.57
N VAL A 88 1.63 -0.67 3.81
CA VAL A 88 2.58 -0.85 4.89
C VAL A 88 2.18 -2.06 5.73
N ASP A 89 3.19 -2.84 6.11
CA ASP A 89 3.01 -4.05 6.92
C ASP A 89 2.25 -3.71 8.22
N PRO A 90 1.13 -4.42 8.48
CA PRO A 90 0.15 -4.01 9.51
C PRO A 90 0.73 -3.79 10.91
N GLU A 91 1.60 -4.69 11.38
CA GLU A 91 2.21 -4.52 12.70
C GLU A 91 3.26 -3.42 12.66
N THR A 92 3.89 -3.27 11.51
CA THR A 92 4.91 -2.27 11.32
C THR A 92 4.29 -0.88 11.25
N ASP A 93 3.11 -0.80 10.64
CA ASP A 93 2.36 0.45 10.53
C ASP A 93 2.11 1.05 11.91
N GLU A 94 1.75 0.18 12.84
CA GLU A 94 1.48 0.59 14.20
C GLU A 94 2.72 1.24 14.84
N GLN A 95 3.89 0.66 14.56
CA GLN A 95 5.14 1.20 15.09
C GLN A 95 5.52 2.49 14.34
N LEU A 96 5.51 2.42 13.02
CA LEU A 96 6.05 3.50 12.20
C LEU A 96 5.22 4.77 12.29
N GLN A 97 3.91 4.63 12.48
CA GLN A 97 3.02 5.79 12.58
C GLN A 97 3.46 6.70 13.72
N LYS A 98 3.83 6.11 14.85
CA LYS A 98 4.31 6.87 16.00
C LYS A 98 5.74 7.34 15.81
N LEU A 99 6.55 6.48 15.18
CA LEU A 99 7.97 6.77 14.99
C LEU A 99 8.18 7.91 13.99
N GLY A 100 7.39 7.91 12.94
CA GLY A 100 7.48 8.95 11.92
C GLY A 100 6.94 8.47 10.59
N VAL A 101 5.65 8.69 10.38
CA VAL A 101 4.99 8.17 9.18
C VAL A 101 5.25 9.06 7.95
N GLN A 102 6.41 8.86 7.35
CA GLN A 102 6.72 9.44 6.06
C GLN A 102 6.82 8.32 5.04
N VAL A 103 5.99 7.32 5.24
CA VAL A 103 5.98 6.10 4.44
C VAL A 103 5.52 6.35 3.00
N ARG A 104 4.94 7.52 2.75
CA ARG A 104 4.24 7.76 1.48
C ARG A 104 5.15 7.61 0.27
N GLU A 105 6.34 8.16 0.34
CA GLU A 105 7.29 7.99 -0.75
C GLU A 105 8.69 8.46 -0.30
N GLU A 106 8.72 9.33 0.68
CA GLU A 106 9.97 9.86 1.22
C GLU A 106 10.87 8.72 1.68
N LEU A 107 10.27 7.79 2.43
CA LEU A 107 10.99 6.65 2.97
C LEU A 107 11.44 5.70 1.85
N LEU A 108 10.80 5.80 0.69
CA LEU A 108 11.09 4.90 -0.41
C LEU A 108 12.44 5.21 -1.05
N ARG A 109 12.80 6.49 -1.14
CA ARG A 109 14.11 6.86 -1.65
C ARG A 109 15.16 6.72 -0.56
N ALA A 110 14.68 6.72 0.67
CA ALA A 110 15.54 6.54 1.82
C ALA A 110 15.92 5.07 2.00
N GLN A 111 15.11 4.18 1.43
CA GLN A 111 15.34 2.75 1.56
C GLN A 111 16.09 2.20 0.34
N GLU A 112 16.44 3.10 -0.57
CA GLU A 112 17.21 2.73 -1.75
C GLU A 112 18.35 3.73 -1.98
N ALA A 113 19.19 3.45 -2.96
CA ALA A 113 20.29 4.34 -3.29
C ALA A 113 20.50 4.38 -4.80
N PRO A 114 20.11 5.49 -5.44
CA PRO A 114 20.28 5.68 -6.89
C PRO A 114 21.72 5.94 -7.28
N GLY A 115 22.55 4.95 -7.05
CA GLY A 115 23.96 5.06 -7.33
C GLY A 115 24.66 3.73 -7.17
N GLN A 116 24.97 3.09 -8.30
CA GLN A 116 25.58 1.78 -8.28
C GLN A 116 26.31 1.51 -9.60
N ALA A 117 27.61 1.76 -9.61
CA ALA A 117 28.42 1.57 -10.80
C ALA A 117 29.75 0.93 -10.44
N GLY A 1 13.44 1.65 24.60
CA GLY A 1 12.88 2.77 23.79
C GLY A 1 12.22 2.27 22.53
N ILE A 2 11.88 3.19 21.63
CA ILE A 2 11.29 2.83 20.35
C ILE A 2 12.36 2.91 19.26
N ASP A 3 12.31 2.02 18.30
CA ASP A 3 13.26 2.05 17.19
C ASP A 3 12.70 2.89 16.06
N PRO A 4 13.55 3.77 15.50
CA PRO A 4 13.12 4.79 14.54
C PRO A 4 12.54 4.23 13.25
N PHE A 5 12.98 3.03 12.87
CA PHE A 5 12.49 2.40 11.66
C PHE A 5 12.65 0.90 11.73
N THR A 6 11.93 0.20 10.85
CA THR A 6 11.96 -1.24 10.81
C THR A 6 11.17 -1.75 9.61
N MET A 7 11.80 -2.62 8.81
CA MET A 7 11.18 -3.29 7.67
C MET A 7 10.97 -2.34 6.48
N LEU A 8 10.35 -1.18 6.76
CA LEU A 8 9.95 -0.18 5.75
C LEU A 8 9.05 -0.77 4.64
N PRO A 9 7.96 -0.05 4.34
CA PRO A 9 6.92 -0.50 3.40
C PRO A 9 7.36 -0.40 1.94
N ARG A 10 6.58 -1.02 1.06
CA ARG A 10 6.87 -1.03 -0.37
C ARG A 10 5.76 -0.38 -1.18
N LEU A 11 6.15 0.30 -2.23
CA LEU A 11 5.21 0.74 -3.25
C LEU A 11 5.04 -0.37 -4.26
N CYS A 12 3.89 -1.00 -4.24
CA CYS A 12 3.65 -2.18 -5.06
C CYS A 12 2.99 -1.79 -6.37
N CYS A 13 3.69 -2.04 -7.46
CA CYS A 13 3.17 -1.76 -8.80
C CYS A 13 2.74 -3.05 -9.47
N LEU A 14 1.43 -3.19 -9.68
CA LEU A 14 0.87 -4.40 -10.26
C LEU A 14 0.13 -4.09 -11.54
N GLU A 15 0.04 -5.09 -12.41
CA GLU A 15 -0.50 -4.91 -13.74
C GLU A 15 -1.96 -5.31 -13.78
N LYS A 16 -2.76 -4.58 -14.54
CA LYS A 16 -4.17 -4.90 -14.69
C LYS A 16 -4.35 -6.11 -15.59
N GLY A 17 -4.89 -7.18 -15.00
CA GLY A 17 -5.18 -8.37 -15.75
C GLY A 17 -6.55 -8.32 -16.40
N PRO A 18 -7.20 -9.47 -16.60
CA PRO A 18 -8.51 -9.53 -17.24
C PRO A 18 -9.62 -8.89 -16.41
N ASN A 19 -9.45 -8.91 -15.11
CA ASN A 19 -10.49 -8.46 -14.19
C ASN A 19 -9.93 -7.48 -13.16
N GLY A 20 -9.11 -6.55 -13.60
CA GLY A 20 -8.51 -5.61 -12.70
C GLY A 20 -7.15 -6.06 -12.22
N TYR A 21 -7.05 -6.45 -10.96
CA TYR A 21 -5.75 -6.75 -10.39
C TYR A 21 -5.74 -8.03 -9.56
N GLY A 22 -6.90 -8.44 -9.09
CA GLY A 22 -7.00 -9.71 -8.39
C GLY A 22 -6.79 -9.59 -6.89
N PHE A 23 -7.11 -8.43 -6.33
CA PHE A 23 -7.05 -8.26 -4.88
C PHE A 23 -8.40 -7.81 -4.37
N HIS A 24 -8.76 -8.30 -3.20
CA HIS A 24 -10.03 -7.97 -2.59
C HIS A 24 -9.79 -6.93 -1.51
N LEU A 25 -10.42 -5.79 -1.66
CA LEU A 25 -10.23 -4.68 -0.73
C LEU A 25 -11.42 -4.60 0.21
N HIS A 26 -11.17 -4.44 1.50
CA HIS A 26 -12.25 -4.29 2.45
C HIS A 26 -12.08 -3.01 3.25
N GLY A 27 -13.20 -2.38 3.55
CA GLY A 27 -13.19 -1.15 4.29
C GLY A 27 -14.00 -1.28 5.56
N GLU A 28 -13.32 -1.61 6.64
CA GLU A 28 -13.97 -1.81 7.93
C GLU A 28 -14.76 -0.58 8.35
N LYS A 29 -16.01 -0.80 8.74
CA LYS A 29 -16.81 0.28 9.31
C LYS A 29 -16.22 0.70 10.64
N GLY A 30 -15.82 1.96 10.72
CA GLY A 30 -15.16 2.46 11.90
C GLY A 30 -13.75 2.91 11.59
N LYS A 31 -13.09 2.18 10.71
CA LYS A 31 -11.76 2.54 10.25
C LYS A 31 -11.85 3.67 9.23
N LEU A 32 -10.74 4.36 9.03
CA LEU A 32 -10.67 5.45 8.08
C LEU A 32 -9.75 5.10 6.91
N GLY A 33 -9.51 3.81 6.72
CA GLY A 33 -8.63 3.37 5.67
C GLY A 33 -9.07 2.04 5.09
N GLN A 34 -8.50 1.67 3.95
CA GLN A 34 -8.84 0.41 3.29
C GLN A 34 -7.73 -0.61 3.47
N TYR A 35 -8.08 -1.89 3.46
CA TYR A 35 -7.11 -2.96 3.67
C TYR A 35 -7.37 -4.12 2.72
N ILE A 36 -6.32 -4.87 2.41
CA ILE A 36 -6.42 -6.08 1.60
C ILE A 36 -7.12 -7.17 2.39
N ARG A 37 -8.22 -7.67 1.87
CA ARG A 37 -8.96 -8.74 2.55
C ARG A 37 -8.58 -10.08 1.94
N LEU A 38 -8.16 -10.06 0.68
CA LEU A 38 -7.77 -11.26 -0.03
C LEU A 38 -6.99 -10.90 -1.29
N VAL A 39 -6.05 -11.73 -1.66
CA VAL A 39 -5.33 -11.56 -2.91
C VAL A 39 -5.28 -12.89 -3.66
N GLU A 40 -5.81 -12.87 -4.88
CA GLU A 40 -5.98 -14.09 -5.69
C GLU A 40 -4.65 -14.76 -5.94
N PRO A 41 -4.55 -16.06 -5.70
CA PRO A 41 -3.33 -16.83 -5.96
C PRO A 41 -3.03 -16.89 -7.44
N GLY A 42 -1.87 -16.35 -7.80
CA GLY A 42 -1.46 -16.32 -9.19
C GLY A 42 -1.82 -15.01 -9.86
N SER A 43 -2.18 -14.01 -9.05
CA SER A 43 -2.53 -12.70 -9.58
C SER A 43 -1.31 -11.80 -9.64
N PRO A 44 -1.37 -10.73 -10.45
CA PRO A 44 -0.32 -9.72 -10.51
C PRO A 44 -0.20 -8.96 -9.19
N ALA A 45 -1.25 -9.06 -8.37
CA ALA A 45 -1.28 -8.42 -7.07
C ALA A 45 -0.23 -9.03 -6.14
N GLU A 46 -0.12 -10.35 -6.16
CA GLU A 46 0.87 -11.04 -5.36
C GLU A 46 2.28 -10.70 -5.84
N LYS A 47 2.41 -10.56 -7.16
CA LYS A 47 3.70 -10.30 -7.78
C LYS A 47 4.20 -8.90 -7.41
N ALA A 48 3.28 -8.00 -7.10
CA ALA A 48 3.65 -6.65 -6.70
C ALA A 48 4.03 -6.59 -5.24
N GLY A 49 3.62 -7.61 -4.48
CA GLY A 49 3.95 -7.67 -3.08
C GLY A 49 2.79 -7.30 -2.18
N LEU A 50 1.57 -7.56 -2.63
CA LEU A 50 0.39 -7.30 -1.81
C LEU A 50 0.09 -8.51 -0.93
N LEU A 51 -0.45 -8.25 0.25
CA LEU A 51 -0.75 -9.30 1.21
C LEU A 51 -2.00 -8.94 1.99
N ALA A 52 -2.85 -9.94 2.25
CA ALA A 52 -4.08 -9.72 3.00
C ALA A 52 -3.80 -9.46 4.46
N GLY A 53 -3.44 -8.23 4.76
CA GLY A 53 -3.10 -7.84 6.10
C GLY A 53 -2.22 -6.61 6.08
N ASP A 54 -2.54 -5.69 5.18
CA ASP A 54 -1.79 -4.45 5.01
C ASP A 54 -2.57 -3.26 5.56
N ARG A 55 -2.06 -2.07 5.26
CA ARG A 55 -2.85 -0.87 5.25
C ARG A 55 -2.56 -0.11 3.97
N LEU A 56 -3.59 0.18 3.20
CA LEU A 56 -3.42 0.94 1.96
C LEU A 56 -3.10 2.39 2.28
N VAL A 57 -1.83 2.74 2.15
CA VAL A 57 -1.35 4.06 2.52
C VAL A 57 -1.49 5.05 1.37
N GLU A 58 -1.18 4.60 0.16
CA GLU A 58 -1.21 5.48 -1.01
C GLU A 58 -1.59 4.71 -2.27
N VAL A 59 -2.22 5.42 -3.22
CA VAL A 59 -2.61 4.84 -4.49
C VAL A 59 -2.19 5.75 -5.63
N ASN A 60 -1.32 5.23 -6.49
CA ASN A 60 -0.88 5.90 -7.71
C ASN A 60 -0.18 7.22 -7.43
N GLY A 61 0.34 7.38 -6.22
CA GLY A 61 1.05 8.59 -5.87
C GLY A 61 0.23 9.54 -5.04
N GLU A 62 -0.95 9.12 -4.62
CA GLU A 62 -1.79 9.96 -3.79
C GLU A 62 -2.15 9.26 -2.49
N ASN A 63 -2.00 9.99 -1.40
CA ASN A 63 -2.17 9.45 -0.06
C ASN A 63 -3.62 9.06 0.19
N VAL A 64 -3.83 7.82 0.61
CA VAL A 64 -5.17 7.34 0.88
C VAL A 64 -5.29 6.75 2.28
N GLU A 65 -4.46 7.26 3.20
CA GLU A 65 -4.48 6.80 4.59
C GLU A 65 -5.85 7.02 5.23
N LYS A 66 -6.57 8.03 4.75
CA LYS A 66 -7.86 8.39 5.31
C LYS A 66 -8.93 8.49 4.23
N GLU A 67 -8.88 7.58 3.26
CA GLU A 67 -9.83 7.61 2.15
C GLU A 67 -10.91 6.55 2.29
N THR A 68 -11.92 6.69 1.45
CA THR A 68 -13.05 5.78 1.45
C THR A 68 -12.88 4.73 0.38
N HIS A 69 -13.83 3.81 0.30
CA HIS A 69 -13.82 2.80 -0.74
C HIS A 69 -13.99 3.47 -2.10
N GLN A 70 -14.95 4.36 -2.19
CA GLN A 70 -15.31 5.01 -3.44
C GLN A 70 -14.17 5.89 -3.95
N GLN A 71 -13.43 6.51 -3.04
CA GLN A 71 -12.33 7.37 -3.42
C GLN A 71 -11.18 6.56 -4.00
N VAL A 72 -10.82 5.47 -3.33
CA VAL A 72 -9.72 4.63 -3.80
C VAL A 72 -10.09 3.83 -5.04
N VAL A 73 -11.30 3.29 -5.06
CA VAL A 73 -11.78 2.51 -6.20
C VAL A 73 -11.73 3.33 -7.49
N SER A 74 -12.02 4.61 -7.35
CA SER A 74 -11.95 5.53 -8.48
C SER A 74 -10.51 5.65 -8.97
N ARG A 75 -9.57 5.65 -8.03
CA ARG A 75 -8.15 5.72 -8.36
C ARG A 75 -7.70 4.45 -9.08
N ILE A 76 -8.27 3.32 -8.67
CA ILE A 76 -8.01 2.04 -9.31
C ILE A 76 -8.49 2.08 -10.76
N ARG A 77 -9.62 2.73 -10.99
CA ARG A 77 -10.17 2.88 -12.33
C ARG A 77 -9.35 3.89 -13.13
N ALA A 78 -8.68 4.80 -12.41
CA ALA A 78 -7.86 5.82 -13.03
C ALA A 78 -6.50 5.24 -13.45
N ALA A 79 -6.17 4.09 -12.89
CA ALA A 79 -4.95 3.39 -13.25
C ALA A 79 -5.09 2.80 -14.65
N LEU A 80 -4.16 3.20 -15.52
CA LEU A 80 -4.19 2.79 -16.92
C LEU A 80 -4.02 1.28 -17.08
N ASN A 81 -2.78 0.83 -17.06
CA ASN A 81 -2.48 -0.58 -17.24
C ASN A 81 -1.91 -1.17 -15.96
N ALA A 82 -1.56 -0.31 -15.02
CA ALA A 82 -1.00 -0.75 -13.76
C ALA A 82 -1.31 0.27 -12.67
N VAL A 83 -1.52 -0.23 -11.46
CA VAL A 83 -1.80 0.64 -10.32
C VAL A 83 -0.65 0.53 -9.32
N ARG A 84 -0.34 1.62 -8.66
CA ARG A 84 0.73 1.64 -7.67
C ARG A 84 0.16 1.79 -6.28
N LEU A 85 0.29 0.75 -5.47
CA LEU A 85 -0.29 0.73 -4.15
C LEU A 85 0.80 0.66 -3.09
N LEU A 86 0.81 1.63 -2.19
CA LEU A 86 1.79 1.64 -1.10
C LEU A 86 1.17 1.00 0.14
N VAL A 87 1.72 -0.11 0.59
CA VAL A 87 1.16 -0.83 1.72
C VAL A 87 2.22 -1.15 2.78
N VAL A 88 1.77 -1.31 4.02
CA VAL A 88 2.66 -1.58 5.14
C VAL A 88 1.98 -2.52 6.13
N ASP A 89 2.78 -3.39 6.77
CA ASP A 89 2.27 -4.30 7.81
C ASP A 89 1.80 -3.50 9.03
N PRO A 90 0.61 -3.84 9.56
CA PRO A 90 -0.07 -3.05 10.61
C PRO A 90 0.73 -2.95 11.90
N GLU A 91 1.57 -3.94 12.17
CA GLU A 91 2.41 -3.92 13.37
C GLU A 91 3.44 -2.81 13.25
N THR A 92 4.11 -2.76 12.11
CA THR A 92 5.08 -1.72 11.83
C THR A 92 4.37 -0.39 11.58
N ASP A 93 3.22 -0.48 10.92
CA ASP A 93 2.43 0.68 10.55
C ASP A 93 2.07 1.52 11.76
N GLU A 94 1.59 0.87 12.80
CA GLU A 94 1.12 1.58 13.97
C GLU A 94 2.29 2.16 14.75
N GLN A 95 3.39 1.40 14.86
CA GLN A 95 4.53 1.86 15.62
C GLN A 95 5.21 3.03 14.91
N LEU A 96 5.29 2.95 13.58
CA LEU A 96 5.91 4.01 12.80
C LEU A 96 5.07 5.29 12.83
N GLN A 97 3.74 5.14 12.78
CA GLN A 97 2.84 6.29 12.77
C GLN A 97 2.90 7.05 14.11
N LYS A 98 3.12 6.31 15.21
CA LYS A 98 3.27 6.94 16.53
C LYS A 98 4.41 7.94 16.48
N LEU A 99 5.43 7.59 15.70
CA LEU A 99 6.60 8.46 15.51
C LEU A 99 6.27 9.53 14.49
N GLY A 100 5.84 9.09 13.31
CA GLY A 100 5.54 9.98 12.21
C GLY A 100 5.93 9.36 10.89
N VAL A 101 6.99 9.89 10.29
CA VAL A 101 7.58 9.32 9.07
C VAL A 101 6.68 9.50 7.85
N GLN A 102 7.22 10.10 6.80
CA GLN A 102 6.48 10.26 5.56
C GLN A 102 6.61 8.98 4.72
N VAL A 103 5.92 7.94 5.18
CA VAL A 103 5.95 6.62 4.56
C VAL A 103 5.53 6.66 3.09
N ARG A 104 4.75 7.67 2.71
CA ARG A 104 4.12 7.70 1.39
C ARG A 104 5.12 7.70 0.23
N GLU A 105 6.34 8.20 0.44
CA GLU A 105 7.34 8.13 -0.63
C GLU A 105 8.77 8.41 -0.15
N GLU A 106 8.92 9.17 0.93
CA GLU A 106 10.23 9.71 1.30
C GLU A 106 11.30 8.62 1.38
N LEU A 107 10.94 7.50 2.01
CA LEU A 107 11.88 6.41 2.20
C LEU A 107 12.24 5.74 0.88
N LEU A 108 11.30 5.73 -0.05
CA LEU A 108 11.51 5.07 -1.34
C LEU A 108 12.22 6.03 -2.30
N ARG A 109 11.94 7.31 -2.13
CA ARG A 109 12.48 8.37 -2.98
C ARG A 109 14.01 8.37 -2.96
N ALA A 110 14.58 8.58 -1.79
CA ALA A 110 16.01 8.76 -1.66
C ALA A 110 16.79 7.44 -1.71
N GLN A 111 16.09 6.33 -1.77
CA GLN A 111 16.76 5.03 -1.74
C GLN A 111 16.87 4.40 -3.12
N GLU A 112 16.62 5.17 -4.17
CA GLU A 112 16.80 4.66 -5.53
C GLU A 112 18.24 4.85 -5.99
N ALA A 113 19.16 4.29 -5.23
CA ALA A 113 20.58 4.42 -5.52
C ALA A 113 21.39 3.35 -4.78
N PRO A 114 21.76 2.28 -5.48
CA PRO A 114 22.56 1.20 -4.91
C PRO A 114 24.05 1.51 -4.96
N GLY A 115 24.87 0.67 -4.32
CA GLY A 115 26.29 0.85 -4.37
C GLY A 115 26.94 0.81 -3.01
N GLN A 116 26.12 0.98 -1.97
CA GLN A 116 26.58 0.95 -0.57
C GLN A 116 27.34 2.22 -0.19
N ALA A 117 28.19 2.69 -1.09
CA ALA A 117 28.92 3.93 -0.87
C ALA A 117 28.86 4.81 -2.10
N GLY A 1 15.35 -1.99 23.46
CA GLY A 1 15.70 -2.65 22.19
C GLY A 1 14.77 -2.25 21.07
N ILE A 2 15.00 -1.08 20.51
CA ILE A 2 14.15 -0.53 19.48
C ILE A 2 14.89 -0.50 18.15
N ASP A 3 14.21 -0.88 17.10
CA ASP A 3 14.81 -0.89 15.77
C ASP A 3 14.39 0.38 15.04
N PRO A 4 15.37 1.10 14.47
CA PRO A 4 15.11 2.36 13.77
C PRO A 4 14.21 2.20 12.56
N PHE A 5 14.17 0.99 12.00
CA PHE A 5 13.31 0.70 10.87
C PHE A 5 12.97 -0.76 10.81
N THR A 6 11.73 -1.04 10.53
CA THR A 6 11.21 -2.39 10.58
C THR A 6 10.22 -2.63 9.43
N MET A 7 10.63 -3.49 8.49
CA MET A 7 9.77 -3.91 7.39
C MET A 7 9.12 -2.71 6.71
N LEU A 8 9.97 -1.77 6.28
CA LEU A 8 9.48 -0.52 5.70
C LEU A 8 8.62 -0.77 4.47
N PRO A 9 7.60 0.08 4.29
CA PRO A 9 6.66 -0.01 3.17
C PRO A 9 7.33 0.22 1.82
N ARG A 10 6.66 -0.24 0.78
CA ARG A 10 7.18 -0.13 -0.57
C ARG A 10 6.04 0.14 -1.54
N LEU A 11 6.37 0.75 -2.67
CA LEU A 11 5.39 1.02 -3.70
C LEU A 11 5.25 -0.20 -4.59
N CYS A 12 4.11 -0.87 -4.49
CA CYS A 12 3.89 -2.08 -5.25
C CYS A 12 3.17 -1.75 -6.55
N CYS A 13 3.88 -1.84 -7.65
CA CYS A 13 3.30 -1.63 -8.96
C CYS A 13 2.92 -2.96 -9.58
N LEU A 14 1.63 -3.17 -9.78
CA LEU A 14 1.14 -4.40 -10.35
C LEU A 14 0.35 -4.13 -11.61
N GLU A 15 0.30 -5.12 -12.48
CA GLU A 15 -0.27 -4.95 -13.81
C GLU A 15 -1.65 -5.58 -13.86
N LYS A 16 -2.52 -4.99 -14.66
CA LYS A 16 -3.85 -5.53 -14.85
C LYS A 16 -3.79 -6.75 -15.77
N GLY A 17 -4.18 -7.89 -15.26
CA GLY A 17 -4.16 -9.11 -16.03
C GLY A 17 -5.54 -9.55 -16.47
N PRO A 18 -5.76 -10.86 -16.61
CA PRO A 18 -7.04 -11.42 -17.10
C PRO A 18 -8.15 -11.33 -16.06
N ASN A 19 -7.75 -11.19 -14.81
CA ASN A 19 -8.70 -11.13 -13.70
C ASN A 19 -8.49 -9.85 -12.90
N GLY A 20 -8.23 -8.77 -13.61
CA GLY A 20 -7.94 -7.51 -12.96
C GLY A 20 -6.56 -7.50 -12.32
N TYR A 21 -6.50 -7.25 -11.04
CA TYR A 21 -5.22 -7.26 -10.34
C TYR A 21 -5.15 -8.42 -9.36
N GLY A 22 -6.30 -8.80 -8.84
CA GLY A 22 -6.38 -9.98 -8.00
C GLY A 22 -6.38 -9.66 -6.52
N PHE A 23 -6.86 -8.49 -6.16
CA PHE A 23 -6.92 -8.13 -4.74
C PHE A 23 -8.33 -7.65 -4.38
N HIS A 24 -8.76 -8.00 -3.19
CA HIS A 24 -10.03 -7.53 -2.67
C HIS A 24 -9.76 -6.51 -1.57
N LEU A 25 -10.60 -5.50 -1.47
CA LEU A 25 -10.36 -4.39 -0.56
C LEU A 25 -11.48 -4.27 0.47
N HIS A 26 -11.11 -4.18 1.74
CA HIS A 26 -12.10 -4.06 2.80
C HIS A 26 -11.79 -2.86 3.69
N GLY A 27 -12.84 -2.28 4.25
CA GLY A 27 -12.66 -1.20 5.18
C GLY A 27 -12.98 -1.64 6.60
N GLU A 28 -12.08 -1.37 7.52
CA GLU A 28 -12.28 -1.75 8.91
C GLU A 28 -13.35 -0.89 9.54
N LYS A 29 -14.33 -1.55 10.15
CA LYS A 29 -15.47 -0.87 10.74
C LYS A 29 -15.05 -0.10 11.99
N GLY A 30 -15.07 1.22 11.87
CA GLY A 30 -14.65 2.06 12.97
C GLY A 30 -13.33 2.74 12.67
N LYS A 31 -12.68 2.29 11.61
CA LYS A 31 -11.41 2.87 11.16
C LYS A 31 -11.68 3.89 10.07
N LEU A 32 -10.62 4.52 9.59
CA LEU A 32 -10.74 5.57 8.59
C LEU A 32 -9.95 5.25 7.32
N GLY A 33 -9.57 3.98 7.17
CA GLY A 33 -8.73 3.60 6.05
C GLY A 33 -9.11 2.27 5.45
N GLN A 34 -8.56 1.97 4.29
CA GLN A 34 -8.85 0.74 3.57
C GLN A 34 -7.70 -0.25 3.71
N TYR A 35 -8.03 -1.53 3.77
CA TYR A 35 -7.02 -2.58 3.93
C TYR A 35 -7.26 -3.70 2.93
N ILE A 36 -6.21 -4.45 2.64
CA ILE A 36 -6.32 -5.59 1.72
C ILE A 36 -7.10 -6.72 2.38
N ARG A 37 -8.19 -7.13 1.75
CA ARG A 37 -9.06 -8.16 2.31
C ARG A 37 -8.54 -9.55 1.94
N LEU A 38 -8.20 -9.72 0.67
CA LEU A 38 -7.79 -11.02 0.17
C LEU A 38 -7.10 -10.88 -1.17
N VAL A 39 -6.06 -11.65 -1.38
CA VAL A 39 -5.36 -11.67 -2.64
C VAL A 39 -5.60 -12.99 -3.36
N GLU A 40 -6.10 -12.90 -4.58
CA GLU A 40 -6.38 -14.08 -5.38
C GLU A 40 -5.07 -14.78 -5.72
N PRO A 41 -4.94 -16.07 -5.38
CA PRO A 41 -3.69 -16.81 -5.62
C PRO A 41 -3.38 -16.92 -7.11
N GLY A 42 -2.18 -16.51 -7.47
CA GLY A 42 -1.74 -16.55 -8.85
C GLY A 42 -1.96 -15.22 -9.55
N SER A 43 -2.16 -14.17 -8.77
CA SER A 43 -2.41 -12.85 -9.32
C SER A 43 -1.12 -12.02 -9.37
N PRO A 44 -1.11 -10.99 -10.23
CA PRO A 44 0.01 -10.04 -10.28
C PRO A 44 0.15 -9.24 -8.98
N ALA A 45 -0.92 -9.21 -8.20
CA ALA A 45 -0.89 -8.53 -6.91
C ALA A 45 0.11 -9.19 -5.97
N GLU A 46 0.09 -10.53 -5.92
CA GLU A 46 1.02 -11.27 -5.07
C GLU A 46 2.45 -11.02 -5.54
N LYS A 47 2.62 -10.94 -6.85
CA LYS A 47 3.93 -10.74 -7.45
C LYS A 47 4.46 -9.34 -7.17
N ALA A 48 3.56 -8.42 -6.89
CA ALA A 48 3.94 -7.05 -6.56
C ALA A 48 4.27 -6.93 -5.07
N GLY A 49 3.83 -7.91 -4.30
CA GLY A 49 4.08 -7.90 -2.86
C GLY A 49 2.86 -7.45 -2.08
N LEU A 50 1.69 -7.59 -2.69
CA LEU A 50 0.44 -7.20 -2.07
C LEU A 50 -0.17 -8.39 -1.36
N LEU A 51 -0.24 -8.35 -0.04
CA LEU A 51 -0.78 -9.45 0.73
C LEU A 51 -2.02 -9.03 1.50
N ALA A 52 -2.74 -10.02 2.00
CA ALA A 52 -3.97 -9.77 2.73
C ALA A 52 -3.67 -9.30 4.14
N GLY A 53 -4.17 -8.13 4.48
CA GLY A 53 -3.88 -7.56 5.77
C GLY A 53 -3.10 -6.27 5.67
N ASP A 54 -2.44 -6.06 4.53
CA ASP A 54 -1.64 -4.86 4.30
C ASP A 54 -2.48 -3.60 4.40
N ARG A 55 -1.89 -2.56 4.98
CA ARG A 55 -2.53 -1.27 5.12
C ARG A 55 -2.30 -0.45 3.85
N LEU A 56 -3.40 -0.03 3.22
CA LEU A 56 -3.35 0.70 1.98
C LEU A 56 -3.01 2.17 2.25
N VAL A 57 -1.81 2.57 1.88
CA VAL A 57 -1.32 3.92 2.17
C VAL A 57 -1.55 4.85 0.97
N GLU A 58 -1.38 4.35 -0.23
CA GLU A 58 -1.58 5.15 -1.43
C GLU A 58 -2.17 4.30 -2.56
N VAL A 59 -2.92 4.95 -3.44
CA VAL A 59 -3.48 4.29 -4.61
C VAL A 59 -3.27 5.15 -5.84
N ASN A 60 -2.54 4.60 -6.82
CA ASN A 60 -2.28 5.26 -8.10
C ASN A 60 -1.25 6.39 -7.96
N GLY A 61 -1.41 7.19 -6.91
CA GLY A 61 -0.48 8.28 -6.67
C GLY A 61 -0.90 9.22 -5.56
N GLU A 62 -2.00 8.93 -4.87
CA GLU A 62 -2.45 9.78 -3.77
C GLU A 62 -2.66 8.96 -2.49
N ASN A 63 -2.38 9.60 -1.36
CA ASN A 63 -2.48 8.97 -0.04
C ASN A 63 -3.92 8.58 0.26
N VAL A 64 -4.12 7.30 0.54
CA VAL A 64 -5.47 6.80 0.77
C VAL A 64 -5.63 6.21 2.17
N GLU A 65 -4.71 6.58 3.07
CA GLU A 65 -4.74 6.10 4.45
C GLU A 65 -6.03 6.49 5.16
N LYS A 66 -6.67 7.54 4.66
CA LYS A 66 -7.84 8.10 5.31
C LYS A 66 -8.97 8.31 4.30
N GLU A 67 -8.99 7.47 3.26
CA GLU A 67 -9.97 7.60 2.20
C GLU A 67 -11.06 6.55 2.32
N THR A 68 -11.95 6.52 1.34
CA THR A 68 -13.07 5.59 1.35
C THR A 68 -12.93 4.55 0.25
N HIS A 69 -13.79 3.53 0.28
CA HIS A 69 -13.79 2.48 -0.73
C HIS A 69 -14.00 3.05 -2.13
N GLN A 70 -15.01 3.90 -2.27
CA GLN A 70 -15.32 4.50 -3.57
C GLN A 70 -14.22 5.44 -3.99
N GLN A 71 -13.70 6.15 -3.02
CA GLN A 71 -12.68 7.16 -3.21
C GLN A 71 -11.41 6.54 -3.79
N VAL A 72 -10.99 5.41 -3.25
CA VAL A 72 -9.82 4.71 -3.78
C VAL A 72 -10.10 4.04 -5.12
N VAL A 73 -11.26 3.41 -5.23
CA VAL A 73 -11.68 2.75 -6.47
C VAL A 73 -11.65 3.72 -7.65
N SER A 74 -12.07 4.96 -7.42
CA SER A 74 -12.04 5.98 -8.46
C SER A 74 -10.61 6.18 -8.97
N ARG A 75 -9.65 6.12 -8.06
CA ARG A 75 -8.23 6.21 -8.41
C ARG A 75 -7.79 4.97 -9.20
N ILE A 76 -8.34 3.82 -8.83
CA ILE A 76 -8.02 2.57 -9.52
C ILE A 76 -8.47 2.63 -10.98
N ARG A 77 -9.56 3.34 -11.23
CA ARG A 77 -10.05 3.54 -12.59
C ARG A 77 -9.09 4.37 -13.42
N ALA A 78 -8.26 5.15 -12.73
CA ALA A 78 -7.29 6.03 -13.39
C ALA A 78 -6.01 5.28 -13.74
N ALA A 79 -5.94 4.00 -13.36
CA ALA A 79 -4.81 3.16 -13.74
C ALA A 79 -4.82 2.92 -15.25
N LEU A 80 -3.67 3.18 -15.87
CA LEU A 80 -3.52 3.03 -17.31
C LEU A 80 -3.63 1.56 -17.70
N ASN A 81 -2.60 0.79 -17.40
CA ASN A 81 -2.62 -0.65 -17.59
C ASN A 81 -2.13 -1.35 -16.33
N ALA A 82 -1.69 -0.53 -15.38
CA ALA A 82 -1.15 -0.99 -14.13
C ALA A 82 -1.43 0.05 -13.05
N VAL A 83 -1.41 -0.37 -11.80
CA VAL A 83 -1.73 0.54 -10.72
C VAL A 83 -0.62 0.49 -9.65
N ARG A 84 -0.37 1.63 -9.02
CA ARG A 84 0.60 1.67 -7.93
C ARG A 84 -0.13 1.60 -6.61
N LEU A 85 0.22 0.60 -5.82
CA LEU A 85 -0.38 0.45 -4.51
C LEU A 85 0.71 0.49 -3.45
N LEU A 86 0.68 1.52 -2.63
CA LEU A 86 1.64 1.65 -1.55
C LEU A 86 1.04 1.07 -0.29
N VAL A 87 1.65 0.02 0.23
CA VAL A 87 1.13 -0.66 1.40
C VAL A 87 2.21 -0.93 2.43
N VAL A 88 1.77 -1.10 3.67
CA VAL A 88 2.65 -1.43 4.78
C VAL A 88 1.88 -2.29 5.78
N ASP A 89 2.57 -3.18 6.46
CA ASP A 89 1.95 -3.98 7.52
C ASP A 89 1.43 -3.06 8.61
N PRO A 90 0.11 -3.07 8.85
CA PRO A 90 -0.57 -2.11 9.76
C PRO A 90 -0.10 -2.24 11.20
N GLU A 91 0.24 -3.45 11.60
CA GLU A 91 0.71 -3.69 12.96
C GLU A 91 2.11 -3.12 13.15
N THR A 92 2.91 -3.23 12.10
CA THR A 92 4.24 -2.62 12.08
C THR A 92 4.13 -1.11 11.96
N ASP A 93 3.19 -0.68 11.13
CA ASP A 93 2.94 0.74 10.87
C ASP A 93 2.62 1.49 12.16
N GLU A 94 2.00 0.78 13.09
CA GLU A 94 1.57 1.38 14.35
C GLU A 94 2.75 2.03 15.08
N GLN A 95 3.84 1.28 15.23
CA GLN A 95 5.06 1.83 15.81
C GLN A 95 5.78 2.73 14.81
N LEU A 96 5.76 2.30 13.55
CA LEU A 96 6.65 2.81 12.54
C LEU A 96 6.37 4.28 12.20
N GLN A 97 5.10 4.66 12.07
CA GLN A 97 4.77 6.06 11.77
C GLN A 97 5.11 6.95 12.98
N LYS A 98 4.89 6.40 14.17
CA LYS A 98 5.14 7.12 15.40
C LYS A 98 6.63 7.29 15.66
N LEU A 99 7.45 6.49 14.98
CA LEU A 99 8.89 6.62 15.05
C LEU A 99 9.35 7.89 14.34
N GLY A 100 8.45 8.47 13.54
CA GLY A 100 8.74 9.72 12.86
C GLY A 100 9.20 9.50 11.43
N VAL A 101 8.34 8.92 10.61
CA VAL A 101 8.68 8.62 9.22
C VAL A 101 7.52 8.94 8.29
N GLN A 102 7.80 9.66 7.21
CA GLN A 102 6.79 9.92 6.20
C GLN A 102 6.70 8.74 5.24
N VAL A 103 5.89 7.76 5.64
CA VAL A 103 5.74 6.50 4.91
C VAL A 103 5.22 6.71 3.48
N ARG A 104 4.48 7.79 3.26
CA ARG A 104 3.74 7.96 2.02
C ARG A 104 4.64 8.01 0.77
N GLU A 105 5.90 8.41 0.92
CA GLU A 105 6.80 8.44 -0.25
C GLU A 105 8.22 8.80 0.15
N GLU A 106 8.37 9.68 1.14
CA GLU A 106 9.68 10.19 1.53
C GLU A 106 10.64 9.03 1.87
N LEU A 107 10.10 8.03 2.56
CA LEU A 107 10.88 6.86 2.94
C LEU A 107 11.32 6.07 1.70
N LEU A 108 10.51 6.11 0.65
CA LEU A 108 10.81 5.35 -0.56
C LEU A 108 11.94 5.99 -1.34
N ARG A 109 12.11 7.29 -1.17
CA ARG A 109 13.20 8.01 -1.82
C ARG A 109 14.56 7.51 -1.33
N ALA A 110 14.57 6.95 -0.12
CA ALA A 110 15.80 6.44 0.47
C ALA A 110 16.05 4.99 0.04
N GLN A 111 15.06 4.38 -0.59
CA GLN A 111 15.17 3.00 -1.02
C GLN A 111 15.05 2.87 -2.53
N GLU A 112 15.37 3.95 -3.25
CA GLU A 112 15.28 3.94 -4.70
C GLU A 112 16.52 4.57 -5.33
N ALA A 113 17.00 3.95 -6.39
CA ALA A 113 18.05 4.52 -7.21
C ALA A 113 17.67 4.40 -8.67
N PRO A 114 16.86 5.35 -9.15
CA PRO A 114 16.26 5.27 -10.47
C PRO A 114 17.18 5.72 -11.60
N GLY A 115 16.69 5.58 -12.82
CA GLY A 115 17.43 5.96 -14.00
C GLY A 115 16.61 5.68 -15.25
N GLN A 116 16.89 4.56 -15.88
CA GLN A 116 16.08 4.07 -16.99
C GLN A 116 16.29 2.58 -17.18
N ALA A 117 15.32 1.80 -16.75
CA ALA A 117 15.41 0.36 -16.85
C ALA A 117 14.44 -0.16 -17.88
N GLY A 1 13.66 -1.54 23.11
CA GLY A 1 13.92 -0.32 22.32
C GLY A 1 13.27 -0.40 20.97
N ILE A 2 13.01 0.75 20.36
CA ILE A 2 12.38 0.80 19.06
C ILE A 2 13.43 1.02 17.98
N ASP A 3 13.36 0.22 16.93
CA ASP A 3 14.26 0.37 15.81
C ASP A 3 13.74 1.49 14.90
N PRO A 4 14.64 2.43 14.56
CA PRO A 4 14.26 3.67 13.86
C PRO A 4 13.62 3.41 12.51
N PHE A 5 14.07 2.37 11.83
CA PHE A 5 13.58 2.03 10.51
C PHE A 5 13.80 0.57 10.21
N THR A 6 12.71 -0.11 9.96
CA THR A 6 12.72 -1.55 9.89
C THR A 6 11.51 -2.03 9.12
N MET A 7 11.75 -2.85 8.10
CA MET A 7 10.68 -3.38 7.25
C MET A 7 9.83 -2.24 6.67
N LEU A 8 10.46 -1.08 6.46
CA LEU A 8 9.77 0.10 5.99
C LEU A 8 9.09 -0.15 4.65
N PRO A 9 7.87 0.39 4.50
CA PRO A 9 6.99 0.11 3.35
C PRO A 9 7.55 0.62 2.02
N ARG A 10 7.05 0.02 0.94
CA ARG A 10 7.48 0.36 -0.41
C ARG A 10 6.29 0.28 -1.35
N LEU A 11 6.48 0.75 -2.58
CA LEU A 11 5.41 0.75 -3.56
C LEU A 11 5.33 -0.58 -4.28
N CYS A 12 4.17 -1.21 -4.19
CA CYS A 12 3.93 -2.47 -4.86
C CYS A 12 3.30 -2.21 -6.22
N CYS A 13 4.06 -2.42 -7.27
CA CYS A 13 3.58 -2.18 -8.61
C CYS A 13 3.06 -3.47 -9.23
N LEU A 14 1.76 -3.53 -9.44
CA LEU A 14 1.15 -4.66 -10.08
C LEU A 14 0.53 -4.23 -11.40
N GLU A 15 0.52 -5.12 -12.37
CA GLU A 15 0.15 -4.77 -13.73
C GLU A 15 -1.14 -5.46 -14.11
N LYS A 16 -2.02 -4.70 -14.73
CA LYS A 16 -3.36 -5.16 -15.04
C LYS A 16 -3.34 -6.22 -16.13
N GLY A 17 -3.83 -7.40 -15.81
CA GLY A 17 -3.98 -8.44 -16.80
C GLY A 17 -5.33 -8.35 -17.48
N PRO A 18 -5.70 -9.36 -18.28
CA PRO A 18 -6.99 -9.37 -18.98
C PRO A 18 -8.19 -9.30 -18.04
N ASN A 19 -8.03 -9.83 -16.83
CA ASN A 19 -9.13 -9.86 -15.86
C ASN A 19 -8.98 -8.73 -14.85
N GLY A 20 -7.93 -7.93 -14.98
CA GLY A 20 -7.68 -6.88 -14.01
C GLY A 20 -6.47 -7.17 -13.15
N TYR A 21 -6.53 -6.84 -11.87
CA TYR A 21 -5.39 -7.02 -10.98
C TYR A 21 -5.60 -8.21 -10.05
N GLY A 22 -6.85 -8.39 -9.62
CA GLY A 22 -7.19 -9.57 -8.85
C GLY A 22 -7.11 -9.38 -7.35
N PHE A 23 -7.54 -8.23 -6.85
CA PHE A 23 -7.54 -7.98 -5.42
C PHE A 23 -8.85 -7.35 -4.98
N HIS A 24 -9.22 -7.57 -3.73
CA HIS A 24 -10.46 -7.04 -3.17
C HIS A 24 -10.16 -6.23 -1.92
N LEU A 25 -10.90 -5.15 -1.71
CA LEU A 25 -10.68 -4.28 -0.55
C LEU A 25 -11.93 -4.20 0.32
N HIS A 26 -11.71 -3.90 1.58
CA HIS A 26 -12.81 -3.78 2.55
C HIS A 26 -12.52 -2.68 3.55
N GLY A 27 -13.57 -2.08 4.07
CA GLY A 27 -13.43 -1.05 5.07
C GLY A 27 -13.79 -1.58 6.44
N GLU A 28 -13.03 -1.16 7.45
CA GLU A 28 -13.27 -1.62 8.81
C GLU A 28 -13.88 -0.52 9.67
N LYS A 29 -14.64 -0.92 10.67
CA LYS A 29 -15.20 0.02 11.62
C LYS A 29 -14.10 0.42 12.61
N GLY A 30 -14.09 1.68 13.01
CA GLY A 30 -13.01 2.19 13.83
C GLY A 30 -11.91 2.76 12.97
N LYS A 31 -11.58 2.02 11.92
CA LYS A 31 -10.65 2.49 10.92
C LYS A 31 -11.35 3.49 9.99
N LEU A 32 -10.61 4.09 9.08
CA LEU A 32 -11.19 5.04 8.14
C LEU A 32 -10.53 4.92 6.77
N GLY A 33 -10.05 3.73 6.45
CA GLY A 33 -9.40 3.49 5.17
C GLY A 33 -9.75 2.14 4.60
N GLN A 34 -8.97 1.69 3.62
CA GLN A 34 -9.21 0.39 2.99
C GLN A 34 -8.09 -0.58 3.33
N TYR A 35 -8.44 -1.85 3.41
CA TYR A 35 -7.48 -2.91 3.65
C TYR A 35 -7.73 -4.06 2.69
N ILE A 36 -6.73 -4.91 2.50
CA ILE A 36 -6.86 -6.05 1.59
C ILE A 36 -7.84 -7.07 2.13
N ARG A 37 -8.90 -7.30 1.35
CA ARG A 37 -9.91 -8.27 1.71
C ARG A 37 -9.57 -9.63 1.13
N LEU A 38 -9.00 -9.62 -0.07
CA LEU A 38 -8.65 -10.86 -0.77
C LEU A 38 -7.64 -10.61 -1.88
N VAL A 39 -6.74 -11.56 -2.04
CA VAL A 39 -5.84 -11.58 -3.18
C VAL A 39 -6.09 -12.86 -3.96
N GLU A 40 -6.52 -12.72 -5.20
CA GLU A 40 -6.82 -13.86 -6.06
C GLU A 40 -5.54 -14.59 -6.41
N PRO A 41 -5.49 -15.91 -6.23
CA PRO A 41 -4.32 -16.71 -6.59
C PRO A 41 -4.15 -16.79 -8.09
N GLY A 42 -3.02 -16.34 -8.56
CA GLY A 42 -2.75 -16.26 -9.98
C GLY A 42 -2.92 -14.86 -10.51
N SER A 43 -2.91 -13.89 -9.61
CA SER A 43 -3.04 -12.50 -9.97
C SER A 43 -1.70 -11.79 -9.87
N PRO A 44 -1.53 -10.69 -10.63
CA PRO A 44 -0.33 -9.85 -10.54
C PRO A 44 -0.22 -9.17 -9.17
N ALA A 45 -1.32 -9.18 -8.42
CA ALA A 45 -1.35 -8.60 -7.08
C ALA A 45 -0.46 -9.40 -6.14
N GLU A 46 -0.43 -10.72 -6.34
CA GLU A 46 0.42 -11.59 -5.53
C GLU A 46 1.89 -11.27 -5.78
N LYS A 47 2.20 -11.00 -7.04
CA LYS A 47 3.57 -10.72 -7.45
C LYS A 47 4.04 -9.36 -6.95
N ALA A 48 3.09 -8.50 -6.60
CA ALA A 48 3.41 -7.19 -6.06
C ALA A 48 3.60 -7.27 -4.55
N GLY A 49 3.12 -8.35 -3.95
CA GLY A 49 3.33 -8.57 -2.53
C GLY A 49 2.13 -8.18 -1.68
N LEU A 50 0.94 -8.27 -2.25
CA LEU A 50 -0.28 -7.96 -1.51
C LEU A 50 -0.67 -9.15 -0.62
N LEU A 51 -1.07 -8.85 0.61
CA LEU A 51 -1.40 -9.87 1.59
C LEU A 51 -2.52 -9.37 2.50
N ALA A 52 -3.43 -10.25 2.87
CA ALA A 52 -4.57 -9.89 3.71
C ALA A 52 -4.10 -9.55 5.13
N GLY A 53 -4.18 -8.27 5.46
CA GLY A 53 -3.71 -7.82 6.76
C GLY A 53 -2.83 -6.59 6.63
N ASP A 54 -2.75 -6.06 5.43
CA ASP A 54 -1.98 -4.86 5.13
C ASP A 54 -2.64 -3.61 5.69
N ARG A 55 -2.06 -2.47 5.33
CA ARG A 55 -2.69 -1.18 5.50
C ARG A 55 -2.48 -0.36 4.23
N LEU A 56 -3.57 -0.05 3.54
CA LEU A 56 -3.49 0.71 2.31
C LEU A 56 -3.31 2.19 2.63
N VAL A 57 -2.10 2.69 2.42
CA VAL A 57 -1.76 4.06 2.77
C VAL A 57 -1.86 4.99 1.57
N GLU A 58 -1.47 4.53 0.39
CA GLU A 58 -1.48 5.39 -0.79
C GLU A 58 -1.73 4.59 -2.07
N VAL A 59 -2.31 5.25 -3.06
CA VAL A 59 -2.58 4.65 -4.36
C VAL A 59 -2.18 5.61 -5.47
N ASN A 60 -1.21 5.19 -6.29
CA ASN A 60 -0.76 5.95 -7.45
C ASN A 60 -0.29 7.36 -7.08
N GLY A 61 0.22 7.53 -5.88
CA GLY A 61 0.76 8.82 -5.48
C GLY A 61 -0.20 9.65 -4.67
N GLU A 62 -1.34 9.10 -4.31
CA GLU A 62 -2.31 9.83 -3.50
C GLU A 62 -2.65 9.04 -2.24
N ASN A 63 -2.58 9.72 -1.10
CA ASN A 63 -2.82 9.10 0.19
C ASN A 63 -4.27 8.68 0.33
N VAL A 64 -4.48 7.42 0.69
CA VAL A 64 -5.83 6.88 0.79
C VAL A 64 -6.11 6.29 2.16
N GLU A 65 -5.39 6.76 3.17
CA GLU A 65 -5.52 6.25 4.53
C GLU A 65 -6.85 6.62 5.14
N LYS A 66 -7.45 7.70 4.64
CA LYS A 66 -8.71 8.20 5.18
C LYS A 66 -9.74 8.36 4.07
N GLU A 67 -9.63 7.53 3.04
CA GLU A 67 -10.57 7.55 1.93
C GLU A 67 -11.70 6.56 2.16
N THR A 68 -12.51 6.37 1.14
CA THR A 68 -13.57 5.38 1.18
C THR A 68 -13.29 4.25 0.20
N HIS A 69 -14.17 3.28 0.13
CA HIS A 69 -14.02 2.20 -0.83
C HIS A 69 -14.13 2.76 -2.25
N GLN A 70 -15.12 3.59 -2.49
CA GLN A 70 -15.34 4.15 -3.81
C GLN A 70 -14.23 5.12 -4.22
N GLN A 71 -13.73 5.90 -3.25
CA GLN A 71 -12.71 6.91 -3.54
C GLN A 71 -11.46 6.27 -4.09
N VAL A 72 -11.04 5.16 -3.51
CA VAL A 72 -9.85 4.47 -3.98
C VAL A 72 -10.09 3.77 -5.32
N VAL A 73 -11.27 3.17 -5.46
CA VAL A 73 -11.66 2.51 -6.70
C VAL A 73 -11.53 3.44 -7.91
N SER A 74 -11.87 4.71 -7.72
CA SER A 74 -11.74 5.71 -8.78
C SER A 74 -10.28 5.76 -9.28
N ARG A 75 -9.36 5.76 -8.32
CA ARG A 75 -7.94 5.79 -8.62
C ARG A 75 -7.47 4.48 -9.24
N ILE A 76 -8.06 3.38 -8.79
CA ILE A 76 -7.75 2.06 -9.35
C ILE A 76 -8.19 1.99 -10.81
N ARG A 77 -9.35 2.57 -11.11
CA ARG A 77 -9.87 2.61 -12.48
C ARG A 77 -9.02 3.54 -13.34
N ALA A 78 -8.33 4.47 -12.67
CA ALA A 78 -7.48 5.44 -13.37
C ALA A 78 -6.15 4.82 -13.76
N ALA A 79 -5.82 3.69 -13.14
CA ALA A 79 -4.65 2.93 -13.52
C ALA A 79 -4.92 2.20 -14.83
N LEU A 80 -4.16 2.56 -15.85
CA LEU A 80 -4.38 2.08 -17.20
C LEU A 80 -3.92 0.65 -17.37
N ASN A 81 -2.62 0.43 -17.28
CA ASN A 81 -2.05 -0.89 -17.49
C ASN A 81 -1.40 -1.41 -16.21
N ALA A 82 -1.12 -0.50 -15.29
CA ALA A 82 -0.55 -0.89 -14.01
C ALA A 82 -0.92 0.10 -12.92
N VAL A 83 -1.02 -0.39 -11.69
CA VAL A 83 -1.32 0.45 -10.56
C VAL A 83 -0.23 0.30 -9.50
N ARG A 84 0.14 1.40 -8.86
CA ARG A 84 1.11 1.35 -7.79
C ARG A 84 0.41 1.52 -6.45
N LEU A 85 0.38 0.45 -5.67
CA LEU A 85 -0.26 0.46 -4.37
C LEU A 85 0.78 0.49 -3.27
N LEU A 86 0.61 1.42 -2.33
CA LEU A 86 1.50 1.50 -1.21
C LEU A 86 0.85 0.88 0.02
N VAL A 87 1.46 -0.15 0.55
CA VAL A 87 0.95 -0.81 1.73
C VAL A 87 2.05 -1.02 2.75
N VAL A 88 1.67 -1.11 4.02
CA VAL A 88 2.62 -1.32 5.10
C VAL A 88 2.04 -2.28 6.11
N ASP A 89 2.88 -3.11 6.72
CA ASP A 89 2.43 -4.04 7.73
C ASP A 89 2.18 -3.30 9.04
N PRO A 90 1.08 -3.66 9.73
CA PRO A 90 0.60 -2.94 10.92
C PRO A 90 1.62 -2.85 12.05
N GLU A 91 2.55 -3.80 12.10
CA GLU A 91 3.57 -3.78 13.14
C GLU A 91 4.59 -2.68 12.90
N THR A 92 5.12 -2.62 11.68
CA THR A 92 6.04 -1.57 11.30
C THR A 92 5.32 -0.24 11.25
N ASP A 93 4.12 -0.27 10.70
CA ASP A 93 3.33 0.92 10.50
C ASP A 93 3.06 1.64 11.81
N GLU A 94 2.69 0.87 12.83
CA GLU A 94 2.33 1.46 14.11
C GLU A 94 3.53 2.13 14.76
N GLN A 95 4.68 1.46 14.71
CA GLN A 95 5.88 2.00 15.34
C GLN A 95 6.42 3.19 14.55
N LEU A 96 6.47 3.06 13.21
CA LEU A 96 7.05 4.11 12.38
C LEU A 96 6.21 5.38 12.41
N GLN A 97 4.88 5.23 12.39
CA GLN A 97 4.00 6.40 12.37
C GLN A 97 4.12 7.20 13.65
N LYS A 98 4.32 6.50 14.77
CA LYS A 98 4.46 7.15 16.07
C LYS A 98 5.79 7.89 16.16
N LEU A 99 6.73 7.52 15.31
CA LEU A 99 8.02 8.19 15.23
C LEU A 99 7.91 9.46 14.39
N GLY A 100 6.77 9.65 13.76
CA GLY A 100 6.56 10.80 12.91
C GLY A 100 6.97 10.54 11.48
N VAL A 101 6.96 9.27 11.10
CA VAL A 101 7.37 8.86 9.77
C VAL A 101 6.18 8.86 8.80
N GLN A 102 6.36 9.53 7.67
CA GLN A 102 5.32 9.58 6.65
C GLN A 102 5.58 8.52 5.59
N VAL A 103 5.14 7.29 5.87
CA VAL A 103 5.43 6.13 5.01
C VAL A 103 4.93 6.30 3.57
N ARG A 104 4.05 7.29 3.34
CA ARG A 104 3.37 7.43 2.06
C ARG A 104 4.34 7.62 0.88
N GLU A 105 5.54 8.13 1.15
CA GLU A 105 6.57 8.26 0.11
C GLU A 105 7.86 8.84 0.69
N GLU A 106 7.77 9.40 1.89
CA GLU A 106 8.91 10.02 2.56
C GLU A 106 10.09 9.06 2.65
N LEU A 107 9.78 7.79 2.90
CA LEU A 107 10.82 6.77 3.00
C LEU A 107 11.29 6.32 1.62
N LEU A 108 10.36 6.18 0.70
CA LEU A 108 10.65 5.63 -0.62
C LEU A 108 11.55 6.57 -1.41
N ARG A 109 11.47 7.84 -1.08
CA ARG A 109 12.31 8.84 -1.71
C ARG A 109 13.76 8.65 -1.30
N ALA A 110 13.98 8.52 0.00
CA ALA A 110 15.30 8.24 0.55
C ALA A 110 15.87 6.93 0.01
N GLN A 111 14.99 5.98 -0.29
CA GLN A 111 15.40 4.68 -0.82
C GLN A 111 15.72 4.78 -2.31
N GLU A 112 16.73 5.58 -2.66
CA GLU A 112 17.12 5.73 -4.06
C GLU A 112 18.62 5.59 -4.23
N ALA A 113 19.03 5.30 -5.46
CA ALA A 113 20.43 5.23 -5.82
C ALA A 113 20.58 5.59 -7.29
N PRO A 114 21.39 6.62 -7.60
CA PRO A 114 21.58 7.10 -8.97
C PRO A 114 22.10 6.02 -9.90
N GLY A 115 21.18 5.43 -10.67
CA GLY A 115 21.53 4.34 -11.56
C GLY A 115 22.15 3.18 -10.81
N GLN A 116 23.31 2.74 -11.29
CA GLN A 116 24.15 1.74 -10.61
C GLN A 116 23.52 0.34 -10.63
N ALA A 117 22.26 0.26 -11.04
CA ALA A 117 21.56 -1.01 -11.15
C ALA A 117 20.40 -0.88 -12.11
N GLY A 1 15.03 0.74 23.80
CA GLY A 1 15.16 1.34 22.46
C GLY A 1 14.25 0.67 21.45
N ILE A 2 13.92 1.39 20.39
CA ILE A 2 13.09 0.86 19.32
C ILE A 2 13.85 0.95 18.01
N ASP A 3 13.67 -0.05 17.16
CA ASP A 3 14.35 -0.09 15.88
C ASP A 3 13.72 0.93 14.94
N PRO A 4 14.56 1.81 14.36
CA PRO A 4 14.09 2.95 13.56
C PRO A 4 13.34 2.54 12.31
N PHE A 5 13.68 1.38 11.76
CA PHE A 5 13.05 0.91 10.53
C PHE A 5 13.12 -0.59 10.38
N THR A 6 11.95 -1.16 10.35
CA THR A 6 11.76 -2.59 10.33
C THR A 6 10.44 -2.89 9.64
N MET A 7 10.48 -3.73 8.62
CA MET A 7 9.28 -4.06 7.84
C MET A 7 8.61 -2.78 7.33
N LEU A 8 9.41 -1.91 6.73
CA LEU A 8 8.92 -0.64 6.22
C LEU A 8 8.13 -0.86 4.93
N PRO A 9 7.19 0.04 4.63
CA PRO A 9 6.28 -0.09 3.50
C PRO A 9 7.00 0.07 2.16
N ARG A 10 6.45 -0.58 1.16
CA ARG A 10 6.99 -0.50 -0.18
C ARG A 10 5.90 -0.09 -1.14
N LEU A 11 6.29 0.53 -2.24
CA LEU A 11 5.35 0.95 -3.25
C LEU A 11 5.19 -0.18 -4.25
N CYS A 12 4.06 -0.85 -4.17
CA CYS A 12 3.86 -2.06 -4.93
C CYS A 12 3.18 -1.76 -6.25
N CYS A 13 3.94 -1.87 -7.32
CA CYS A 13 3.43 -1.68 -8.66
C CYS A 13 3.05 -3.02 -9.26
N LEU A 14 1.79 -3.16 -9.62
CA LEU A 14 1.29 -4.39 -10.21
C LEU A 14 0.62 -4.11 -11.54
N GLU A 15 0.66 -5.09 -12.42
CA GLU A 15 0.23 -4.92 -13.80
C GLU A 15 -1.16 -5.47 -14.00
N LYS A 16 -1.99 -4.71 -14.70
CA LYS A 16 -3.35 -5.11 -14.96
C LYS A 16 -3.40 -6.31 -15.90
N GLY A 17 -3.96 -7.40 -15.42
CA GLY A 17 -4.07 -8.60 -16.21
C GLY A 17 -5.47 -8.79 -16.77
N PRO A 18 -5.96 -10.04 -16.85
CA PRO A 18 -7.25 -10.36 -17.46
C PRO A 18 -8.45 -9.96 -16.59
N ASN A 19 -8.18 -9.67 -15.32
CA ASN A 19 -9.24 -9.35 -14.37
C ASN A 19 -8.85 -8.17 -13.49
N GLY A 20 -8.13 -7.20 -14.07
CA GLY A 20 -7.64 -6.11 -13.28
C GLY A 20 -6.33 -6.46 -12.60
N TYR A 21 -6.37 -6.71 -11.31
CA TYR A 21 -5.14 -6.95 -10.57
C TYR A 21 -5.24 -8.17 -9.67
N GLY A 22 -6.45 -8.56 -9.32
CA GLY A 22 -6.65 -9.80 -8.58
C GLY A 22 -6.56 -9.63 -7.08
N PHE A 23 -6.89 -8.44 -6.59
CA PHE A 23 -6.89 -8.21 -5.15
C PHE A 23 -8.26 -7.71 -4.73
N HIS A 24 -8.60 -7.91 -3.46
CA HIS A 24 -9.89 -7.47 -2.93
C HIS A 24 -9.69 -6.52 -1.78
N LEU A 25 -10.43 -5.44 -1.80
CA LEU A 25 -10.27 -4.37 -0.81
C LEU A 25 -11.43 -4.35 0.17
N HIS A 26 -11.13 -4.20 1.44
CA HIS A 26 -12.17 -4.07 2.47
C HIS A 26 -11.89 -2.84 3.33
N GLY A 27 -12.94 -2.25 3.88
CA GLY A 27 -12.77 -1.07 4.69
C GLY A 27 -13.46 -1.21 6.02
N GLU A 28 -12.69 -1.11 7.10
CA GLU A 28 -13.24 -1.20 8.44
C GLU A 28 -14.11 0.01 8.73
N LYS A 29 -15.39 -0.25 9.00
CA LYS A 29 -16.34 0.82 9.31
C LYS A 29 -15.92 1.52 10.60
N GLY A 30 -15.78 2.84 10.51
CA GLY A 30 -15.32 3.62 11.64
C GLY A 30 -14.02 4.31 11.32
N LYS A 31 -13.17 3.64 10.55
CA LYS A 31 -11.92 4.20 10.09
C LYS A 31 -12.04 4.54 8.62
N LEU A 32 -11.11 5.32 8.09
CA LEU A 32 -11.17 5.75 6.70
C LEU A 32 -10.03 5.12 5.90
N GLY A 33 -9.35 4.16 6.53
CA GLY A 33 -8.28 3.45 5.86
C GLY A 33 -8.77 2.17 5.23
N GLN A 34 -8.24 1.84 4.07
CA GLN A 34 -8.66 0.66 3.33
C GLN A 34 -7.60 -0.43 3.47
N TYR A 35 -8.02 -1.68 3.55
CA TYR A 35 -7.10 -2.79 3.79
C TYR A 35 -7.30 -3.89 2.76
N ILE A 36 -6.24 -4.63 2.48
CA ILE A 36 -6.30 -5.77 1.57
C ILE A 36 -7.06 -6.91 2.24
N ARG A 37 -8.14 -7.36 1.61
CA ARG A 37 -8.95 -8.42 2.19
C ARG A 37 -8.61 -9.77 1.56
N LEU A 38 -8.12 -9.75 0.33
CA LEU A 38 -7.75 -10.98 -0.35
C LEU A 38 -6.83 -10.71 -1.53
N VAL A 39 -6.00 -11.70 -1.82
CA VAL A 39 -5.17 -11.69 -3.00
C VAL A 39 -5.36 -13.01 -3.75
N GLU A 40 -5.83 -12.93 -4.97
CA GLU A 40 -6.09 -14.12 -5.78
C GLU A 40 -4.78 -14.83 -6.08
N PRO A 41 -4.67 -16.12 -5.76
CA PRO A 41 -3.48 -16.90 -6.05
C PRO A 41 -3.29 -17.08 -7.55
N GLY A 42 -2.26 -16.45 -8.05
CA GLY A 42 -1.99 -16.47 -9.47
C GLY A 42 -2.24 -15.12 -10.11
N SER A 43 -2.42 -14.10 -9.28
CA SER A 43 -2.67 -12.76 -9.78
C SER A 43 -1.39 -11.94 -9.75
N PRO A 44 -1.35 -10.85 -10.53
CA PRO A 44 -0.22 -9.91 -10.53
C PRO A 44 -0.08 -9.16 -9.20
N ALA A 45 -1.13 -9.23 -8.38
CA ALA A 45 -1.11 -8.58 -7.07
C ALA A 45 -0.07 -9.23 -6.16
N GLU A 46 0.03 -10.56 -6.23
CA GLU A 46 1.02 -11.29 -5.47
C GLU A 46 2.43 -10.88 -5.89
N LYS A 47 2.55 -10.56 -7.18
CA LYS A 47 3.84 -10.21 -7.78
C LYS A 47 4.29 -8.82 -7.31
N ALA A 48 3.38 -8.08 -6.69
CA ALA A 48 3.72 -6.77 -6.16
C ALA A 48 3.96 -6.83 -4.66
N GLY A 49 3.49 -7.90 -4.03
CA GLY A 49 3.72 -8.07 -2.61
C GLY A 49 2.51 -7.70 -1.77
N LEU A 50 1.32 -7.83 -2.35
CA LEU A 50 0.09 -7.57 -1.61
C LEU A 50 -0.34 -8.80 -0.84
N LEU A 51 -0.71 -8.61 0.42
CA LEU A 51 -1.22 -9.71 1.24
C LEU A 51 -2.42 -9.24 2.06
N ALA A 52 -3.30 -10.19 2.37
CA ALA A 52 -4.50 -9.89 3.14
C ALA A 52 -4.14 -9.44 4.55
N GLY A 53 -4.30 -8.14 4.80
CA GLY A 53 -3.93 -7.57 6.07
C GLY A 53 -3.18 -6.26 5.91
N ASP A 54 -2.60 -6.07 4.72
CA ASP A 54 -1.83 -4.86 4.43
C ASP A 54 -2.72 -3.62 4.40
N ARG A 55 -2.18 -2.52 4.91
CA ARG A 55 -2.90 -1.26 4.97
C ARG A 55 -2.62 -0.44 3.71
N LEU A 56 -3.68 -0.11 2.98
CA LEU A 56 -3.55 0.67 1.76
C LEU A 56 -3.36 2.15 2.09
N VAL A 57 -2.13 2.63 1.94
CA VAL A 57 -1.80 4.00 2.30
C VAL A 57 -1.96 4.92 1.10
N GLU A 58 -1.54 4.48 -0.08
CA GLU A 58 -1.59 5.32 -1.26
C GLU A 58 -1.92 4.50 -2.50
N VAL A 59 -2.56 5.15 -3.47
CA VAL A 59 -2.93 4.52 -4.73
C VAL A 59 -2.50 5.39 -5.90
N ASN A 60 -1.60 4.83 -6.72
CA ASN A 60 -1.04 5.50 -7.89
C ASN A 60 -0.09 6.62 -7.49
N GLY A 61 -0.64 7.60 -6.79
CA GLY A 61 0.16 8.70 -6.27
C GLY A 61 -0.64 9.58 -5.34
N GLU A 62 -1.73 9.05 -4.80
CA GLU A 62 -2.59 9.82 -3.91
C GLU A 62 -2.78 9.10 -2.59
N ASN A 63 -2.63 9.85 -1.50
CA ASN A 63 -2.73 9.27 -0.15
C ASN A 63 -4.17 8.92 0.17
N VAL A 64 -4.50 7.64 0.04
CA VAL A 64 -5.87 7.18 0.19
C VAL A 64 -6.24 6.96 1.65
N GLU A 65 -5.31 7.23 2.55
CA GLU A 65 -5.59 7.23 3.98
C GLU A 65 -6.45 8.43 4.35
N LYS A 66 -6.71 9.28 3.36
CA LYS A 66 -7.60 10.42 3.53
C LYS A 66 -8.85 10.23 2.68
N GLU A 67 -8.99 9.06 2.09
CA GLU A 67 -10.05 8.79 1.12
C GLU A 67 -11.07 7.81 1.69
N THR A 68 -11.91 7.27 0.79
CA THR A 68 -12.92 6.29 1.17
C THR A 68 -12.87 5.10 0.22
N HIS A 69 -13.68 4.07 0.48
CA HIS A 69 -13.77 2.92 -0.41
C HIS A 69 -14.09 3.39 -1.84
N GLN A 70 -15.08 4.25 -1.97
CA GLN A 70 -15.54 4.71 -3.28
C GLN A 70 -14.46 5.52 -3.98
N GLN A 71 -13.80 6.39 -3.24
CA GLN A 71 -12.76 7.24 -3.82
C GLN A 71 -11.56 6.41 -4.25
N VAL A 72 -11.16 5.46 -3.40
CA VAL A 72 -10.04 4.59 -3.74
C VAL A 72 -10.36 3.75 -4.97
N VAL A 73 -11.57 3.22 -5.03
CA VAL A 73 -12.00 2.43 -6.19
C VAL A 73 -11.88 3.26 -7.46
N SER A 74 -12.34 4.50 -7.39
CA SER A 74 -12.25 5.42 -8.52
C SER A 74 -10.80 5.61 -8.95
N ARG A 75 -9.90 5.69 -7.97
CA ARG A 75 -8.47 5.82 -8.23
C ARG A 75 -7.92 4.56 -8.90
N ILE A 76 -8.45 3.40 -8.54
CA ILE A 76 -8.05 2.14 -9.17
C ILE A 76 -8.38 2.16 -10.67
N ARG A 77 -9.49 2.82 -11.03
CA ARG A 77 -9.86 2.96 -12.44
C ARG A 77 -8.91 3.94 -13.15
N ALA A 78 -8.29 4.81 -12.37
CA ALA A 78 -7.36 5.79 -12.93
C ALA A 78 -6.06 5.13 -13.34
N ALA A 79 -5.80 3.95 -12.77
CA ALA A 79 -4.66 3.15 -13.14
C ALA A 79 -4.87 2.55 -14.52
N LEU A 80 -4.03 2.98 -15.45
CA LEU A 80 -4.18 2.61 -16.84
C LEU A 80 -3.69 1.19 -17.09
N ASN A 81 -2.38 1.01 -17.10
CA ASN A 81 -1.78 -0.27 -17.42
C ASN A 81 -1.35 -0.98 -16.14
N ALA A 82 -1.03 -0.18 -15.14
CA ALA A 82 -0.58 -0.70 -13.86
C ALA A 82 -0.97 0.27 -12.75
N VAL A 83 -1.02 -0.22 -11.53
CA VAL A 83 -1.37 0.62 -10.40
C VAL A 83 -0.28 0.56 -9.33
N ARG A 84 -0.03 1.70 -8.71
CA ARG A 84 0.94 1.76 -7.63
C ARG A 84 0.22 1.72 -6.29
N LEU A 85 0.41 0.65 -5.56
CA LEU A 85 -0.26 0.49 -4.28
C LEU A 85 0.75 0.50 -3.15
N LEU A 86 0.67 1.53 -2.33
CA LEU A 86 1.57 1.67 -1.20
C LEU A 86 0.92 1.08 0.04
N VAL A 87 1.52 0.04 0.58
CA VAL A 87 0.95 -0.63 1.73
C VAL A 87 1.98 -0.82 2.83
N VAL A 88 1.49 -0.91 4.06
CA VAL A 88 2.34 -1.11 5.21
C VAL A 88 1.64 -2.02 6.22
N ASP A 89 2.41 -2.90 6.86
CA ASP A 89 1.89 -3.73 7.94
C ASP A 89 1.39 -2.84 9.07
N PRO A 90 0.06 -2.85 9.35
CA PRO A 90 -0.56 -1.95 10.33
C PRO A 90 0.04 -2.09 11.73
N GLU A 91 0.52 -3.29 12.02
CA GLU A 91 1.14 -3.58 13.31
C GLU A 91 2.45 -2.81 13.44
N THR A 92 3.26 -2.89 12.39
CA THR A 92 4.53 -2.17 12.32
C THR A 92 4.30 -0.67 12.12
N ASP A 93 3.26 -0.34 11.36
CA ASP A 93 2.91 1.05 11.10
C ASP A 93 2.70 1.82 12.39
N GLU A 94 2.05 1.16 13.36
CA GLU A 94 1.79 1.76 14.65
C GLU A 94 3.09 2.19 15.33
N GLN A 95 4.07 1.30 15.37
CA GLN A 95 5.35 1.58 16.02
C GLN A 95 6.19 2.57 15.20
N LEU A 96 6.18 2.41 13.87
CA LEU A 96 7.02 3.24 13.00
C LEU A 96 6.55 4.69 12.98
N GLN A 97 5.25 4.91 12.90
CA GLN A 97 4.71 6.27 12.77
C GLN A 97 5.10 7.13 13.98
N LYS A 98 5.17 6.52 15.15
CA LYS A 98 5.55 7.22 16.37
C LYS A 98 7.00 7.67 16.32
N LEU A 99 7.77 7.05 15.44
CA LEU A 99 9.18 7.39 15.26
C LEU A 99 9.33 8.58 14.31
N GLY A 100 8.20 9.04 13.76
CA GLY A 100 8.21 10.19 12.90
C GLY A 100 8.60 9.86 11.47
N VAL A 101 8.06 8.76 10.96
CA VAL A 101 8.39 8.30 9.62
C VAL A 101 7.42 8.88 8.59
N GLN A 102 7.74 8.66 7.31
CA GLN A 102 6.89 9.08 6.21
C GLN A 102 6.74 7.95 5.21
N VAL A 103 5.82 7.03 5.48
CA VAL A 103 5.65 5.84 4.66
C VAL A 103 5.15 6.17 3.25
N ARG A 104 4.63 7.39 3.07
CA ARG A 104 3.97 7.77 1.81
C ARG A 104 4.90 7.66 0.60
N GLU A 105 6.14 8.12 0.74
CA GLU A 105 7.07 8.04 -0.39
C GLU A 105 8.50 8.39 0.03
N GLU A 106 8.66 8.93 1.24
CA GLU A 106 9.98 9.35 1.69
C GLU A 106 10.96 8.18 1.62
N LEU A 107 10.48 7.00 1.98
CA LEU A 107 11.29 5.80 1.91
C LEU A 107 11.47 5.35 0.46
N LEU A 108 10.40 5.48 -0.31
CA LEU A 108 10.35 4.93 -1.66
C LEU A 108 11.25 5.69 -2.62
N ARG A 109 11.38 6.98 -2.42
CA ARG A 109 12.22 7.79 -3.29
C ARG A 109 13.70 7.60 -2.95
N ALA A 110 13.95 7.06 -1.76
CA ALA A 110 15.31 6.76 -1.35
C ALA A 110 15.66 5.30 -1.64
N GLN A 111 14.65 4.53 -2.02
CA GLN A 111 14.86 3.13 -2.39
C GLN A 111 15.19 3.03 -3.88
N GLU A 112 16.47 3.18 -4.19
CA GLU A 112 16.94 3.11 -5.56
C GLU A 112 16.99 1.67 -6.06
N ALA A 113 17.06 1.50 -7.36
CA ALA A 113 17.17 0.17 -7.96
C ALA A 113 18.27 0.15 -9.01
N PRO A 114 19.45 -0.34 -8.63
CA PRO A 114 20.58 -0.50 -9.54
C PRO A 114 20.46 -1.75 -10.41
N GLY A 115 21.57 -2.12 -11.06
CA GLY A 115 21.57 -3.31 -11.88
C GLY A 115 21.97 -4.55 -11.09
N GLN A 116 21.98 -4.41 -9.77
CA GLN A 116 22.32 -5.51 -8.85
C GLN A 116 23.69 -6.09 -9.18
N ALA A 117 24.69 -5.22 -9.29
CA ALA A 117 26.05 -5.64 -9.57
C ALA A 117 27.03 -4.76 -8.82
N GLY A 1 16.45 0.69 22.99
CA GLY A 1 16.58 1.61 21.85
C GLY A 1 15.58 1.31 20.76
N ILE A 2 14.59 2.18 20.61
CA ILE A 2 13.57 2.02 19.60
C ILE A 2 14.13 2.36 18.22
N ASP A 3 13.76 1.58 17.23
CA ASP A 3 14.20 1.83 15.86
C ASP A 3 13.28 2.85 15.20
N PRO A 4 13.87 3.87 14.58
CA PRO A 4 13.12 4.94 13.92
C PRO A 4 12.36 4.43 12.70
N PHE A 5 12.86 3.34 12.16
CA PHE A 5 12.25 2.69 11.02
C PHE A 5 12.50 1.19 11.08
N THR A 6 11.54 0.43 10.59
CA THR A 6 11.58 -1.00 10.69
C THR A 6 10.45 -1.56 9.84
N MET A 7 10.74 -2.59 9.05
CA MET A 7 9.79 -3.14 8.11
C MET A 7 9.24 -2.04 7.21
N LEU A 8 10.14 -1.45 6.44
CA LEU A 8 9.78 -0.38 5.54
C LEU A 8 8.85 -0.89 4.44
N PRO A 9 7.86 -0.06 4.09
CA PRO A 9 6.82 -0.42 3.12
C PRO A 9 7.35 -0.45 1.70
N ARG A 10 6.55 -0.98 0.80
CA ARG A 10 6.96 -1.07 -0.59
C ARG A 10 5.85 -0.51 -1.47
N LEU A 11 6.25 0.28 -2.47
CA LEU A 11 5.32 0.75 -3.47
C LEU A 11 5.18 -0.31 -4.54
N CYS A 12 4.06 -1.02 -4.50
CA CYS A 12 3.86 -2.17 -5.36
C CYS A 12 3.12 -1.77 -6.62
N CYS A 13 3.78 -1.90 -7.76
CA CYS A 13 3.15 -1.63 -9.03
C CYS A 13 2.70 -2.93 -9.67
N LEU A 14 1.39 -3.12 -9.73
CA LEU A 14 0.83 -4.32 -10.32
C LEU A 14 0.14 -4.00 -11.63
N GLU A 15 0.09 -5.00 -12.50
CA GLU A 15 -0.35 -4.81 -13.86
C GLU A 15 -1.76 -5.35 -14.05
N LYS A 16 -2.55 -4.66 -14.85
CA LYS A 16 -3.89 -5.12 -15.15
C LYS A 16 -3.83 -6.32 -16.08
N GLY A 17 -4.09 -7.50 -15.53
CA GLY A 17 -4.03 -8.72 -16.32
C GLY A 17 -5.34 -9.03 -16.99
N PRO A 18 -5.63 -10.32 -17.23
CA PRO A 18 -6.87 -10.76 -17.90
C PRO A 18 -8.11 -10.58 -17.02
N ASN A 19 -7.89 -10.54 -15.72
CA ASN A 19 -8.98 -10.43 -14.76
C ASN A 19 -8.78 -9.22 -13.86
N GLY A 20 -8.31 -8.14 -14.45
CA GLY A 20 -8.01 -6.96 -13.67
C GLY A 20 -6.74 -7.12 -12.87
N TYR A 21 -6.83 -6.90 -11.56
CA TYR A 21 -5.65 -7.03 -10.73
C TYR A 21 -5.77 -8.23 -9.79
N GLY A 22 -6.99 -8.60 -9.44
CA GLY A 22 -7.22 -9.84 -8.72
C GLY A 22 -7.10 -9.73 -7.21
N PHE A 23 -7.31 -8.54 -6.67
CA PHE A 23 -7.24 -8.35 -5.23
C PHE A 23 -8.56 -7.77 -4.70
N HIS A 24 -8.92 -8.16 -3.50
CA HIS A 24 -10.11 -7.65 -2.83
C HIS A 24 -9.69 -6.70 -1.73
N LEU A 25 -10.22 -5.49 -1.76
CA LEU A 25 -9.86 -4.46 -0.80
C LEU A 25 -11.03 -4.18 0.13
N HIS A 26 -10.80 -4.24 1.44
CA HIS A 26 -11.83 -3.88 2.38
C HIS A 26 -11.45 -2.62 3.13
N GLY A 27 -12.37 -1.71 3.21
CA GLY A 27 -12.17 -0.48 3.94
C GLY A 27 -13.08 -0.45 5.14
N GLU A 28 -12.48 -0.52 6.32
CA GLU A 28 -13.24 -0.62 7.56
C GLU A 28 -14.20 0.55 7.71
N LYS A 29 -15.45 0.22 8.04
CA LYS A 29 -16.52 1.19 8.09
C LYS A 29 -16.33 2.15 9.26
N GLY A 30 -16.19 3.43 8.96
CA GLY A 30 -15.95 4.42 9.99
C GLY A 30 -14.47 4.68 10.18
N LYS A 31 -13.68 3.63 10.04
CA LYS A 31 -12.24 3.75 10.13
C LYS A 31 -11.69 4.36 8.84
N LEU A 32 -10.49 4.88 8.88
CA LEU A 32 -9.89 5.55 7.73
C LEU A 32 -8.90 4.63 7.02
N GLY A 33 -8.96 3.36 7.31
CA GLY A 33 -7.99 2.43 6.75
C GLY A 33 -8.58 1.47 5.75
N GLN A 34 -7.91 1.34 4.61
CA GLN A 34 -8.22 0.31 3.64
C GLN A 34 -7.18 -0.80 3.75
N TYR A 35 -7.62 -2.05 3.70
CA TYR A 35 -6.70 -3.17 3.84
C TYR A 35 -6.95 -4.21 2.76
N ILE A 36 -5.91 -4.95 2.40
CA ILE A 36 -6.05 -6.05 1.46
C ILE A 36 -6.80 -7.18 2.14
N ARG A 37 -7.95 -7.55 1.60
CA ARG A 37 -8.78 -8.56 2.23
C ARG A 37 -8.60 -9.93 1.56
N LEU A 38 -8.21 -9.90 0.29
CA LEU A 38 -8.09 -11.15 -0.47
C LEU A 38 -7.28 -10.92 -1.74
N VAL A 39 -6.53 -11.93 -2.13
CA VAL A 39 -5.84 -11.95 -3.41
C VAL A 39 -6.09 -13.30 -4.07
N GLU A 40 -6.46 -13.28 -5.36
CA GLU A 40 -6.83 -14.50 -6.08
C GLU A 40 -5.59 -15.29 -6.50
N PRO A 41 -5.21 -16.32 -5.72
CA PRO A 41 -3.92 -17.03 -5.84
C PRO A 41 -3.40 -17.13 -7.27
N GLY A 42 -2.56 -16.18 -7.61
CA GLY A 42 -1.91 -16.16 -8.91
C GLY A 42 -2.18 -14.89 -9.68
N SER A 43 -2.48 -13.79 -8.98
CA SER A 43 -2.72 -12.52 -9.64
C SER A 43 -1.44 -11.68 -9.63
N PRO A 44 -1.39 -10.65 -10.48
CA PRO A 44 -0.30 -9.67 -10.46
C PRO A 44 -0.27 -8.89 -9.15
N ALA A 45 -1.38 -8.91 -8.43
CA ALA A 45 -1.46 -8.28 -7.13
C ALA A 45 -0.47 -8.94 -6.16
N GLU A 46 -0.51 -10.27 -6.10
CA GLU A 46 0.44 -11.00 -5.26
C GLU A 46 1.85 -10.82 -5.79
N LYS A 47 1.96 -10.82 -7.11
CA LYS A 47 3.25 -10.68 -7.78
C LYS A 47 3.90 -9.32 -7.47
N ALA A 48 3.06 -8.31 -7.27
CA ALA A 48 3.55 -6.97 -6.94
C ALA A 48 3.93 -6.88 -5.47
N GLY A 49 3.41 -7.80 -4.68
CA GLY A 49 3.72 -7.81 -3.26
C GLY A 49 2.53 -7.40 -2.40
N LEU A 50 1.35 -7.86 -2.77
CA LEU A 50 0.15 -7.60 -1.97
C LEU A 50 -0.25 -8.86 -1.21
N LEU A 51 -0.55 -8.70 0.06
CA LEU A 51 -0.98 -9.82 0.88
C LEU A 51 -2.15 -9.41 1.75
N ALA A 52 -3.14 -10.28 1.85
CA ALA A 52 -4.32 -10.05 2.68
C ALA A 52 -3.93 -9.73 4.12
N GLY A 53 -3.93 -8.44 4.46
CA GLY A 53 -3.56 -8.02 5.78
C GLY A 53 -2.84 -6.69 5.78
N ASP A 54 -2.19 -6.38 4.66
CA ASP A 54 -1.44 -5.13 4.52
C ASP A 54 -2.38 -3.94 4.46
N ARG A 55 -1.98 -2.84 5.09
CA ARG A 55 -2.77 -1.61 5.07
C ARG A 55 -2.38 -0.77 3.86
N LEU A 56 -3.39 -0.27 3.18
CA LEU A 56 -3.18 0.61 2.04
C LEU A 56 -2.79 2.01 2.53
N VAL A 57 -1.66 2.50 2.04
CA VAL A 57 -1.17 3.81 2.42
C VAL A 57 -1.37 4.83 1.30
N GLU A 58 -1.08 4.42 0.07
CA GLU A 58 -1.21 5.31 -1.08
C GLU A 58 -1.66 4.53 -2.31
N VAL A 59 -2.38 5.22 -3.19
CA VAL A 59 -2.87 4.64 -4.43
C VAL A 59 -2.61 5.58 -5.60
N ASN A 60 -1.70 5.16 -6.47
CA ASN A 60 -1.41 5.88 -7.70
C ASN A 60 -0.88 7.30 -7.40
N GLY A 61 -0.08 7.39 -6.36
CA GLY A 61 0.51 8.67 -6.00
C GLY A 61 -0.40 9.53 -5.14
N GLU A 62 -1.48 8.94 -4.65
CA GLU A 62 -2.43 9.66 -3.84
C GLU A 62 -2.55 8.97 -2.48
N ASN A 63 -2.38 9.72 -1.41
CA ASN A 63 -2.39 9.16 -0.07
C ASN A 63 -3.79 8.70 0.31
N VAL A 64 -3.91 7.46 0.78
CA VAL A 64 -5.21 6.91 1.14
C VAL A 64 -5.24 6.48 2.61
N GLU A 65 -4.48 7.18 3.44
CA GLU A 65 -4.40 6.88 4.87
C GLU A 65 -5.68 7.25 5.61
N LYS A 66 -6.47 8.14 5.03
CA LYS A 66 -7.66 8.65 5.70
C LYS A 66 -8.86 8.55 4.77
N GLU A 67 -8.71 7.74 3.76
CA GLU A 67 -9.66 7.69 2.65
C GLU A 67 -10.69 6.58 2.85
N THR A 68 -11.53 6.38 1.85
CA THR A 68 -12.59 5.41 1.94
C THR A 68 -12.44 4.35 0.85
N HIS A 69 -13.19 3.25 0.97
CA HIS A 69 -13.15 2.20 -0.02
C HIS A 69 -13.53 2.74 -1.41
N GLN A 70 -14.62 3.49 -1.47
CA GLN A 70 -15.10 4.06 -2.73
C GLN A 70 -14.06 5.05 -3.28
N GLN A 71 -13.52 5.81 -2.36
CA GLN A 71 -12.55 6.83 -2.66
C GLN A 71 -11.30 6.22 -3.30
N VAL A 72 -10.90 5.06 -2.80
CA VAL A 72 -9.78 4.31 -3.38
C VAL A 72 -10.15 3.69 -4.72
N VAL A 73 -11.37 3.15 -4.82
CA VAL A 73 -11.84 2.48 -6.04
C VAL A 73 -11.75 3.40 -7.26
N SER A 74 -12.10 4.67 -7.08
CA SER A 74 -12.01 5.64 -8.16
C SER A 74 -10.58 5.74 -8.69
N ARG A 75 -9.62 5.68 -7.76
CA ARG A 75 -8.22 5.75 -8.11
C ARG A 75 -7.76 4.48 -8.82
N ILE A 76 -8.31 3.36 -8.41
CA ILE A 76 -8.01 2.08 -9.05
C ILE A 76 -8.47 2.11 -10.51
N ARG A 77 -9.60 2.78 -10.75
CA ARG A 77 -10.13 2.93 -12.10
C ARG A 77 -9.29 3.92 -12.90
N ALA A 78 -8.57 4.80 -12.20
CA ALA A 78 -7.74 5.80 -12.85
C ALA A 78 -6.44 5.18 -13.36
N ALA A 79 -6.13 3.98 -12.89
CA ALA A 79 -4.98 3.24 -13.36
C ALA A 79 -5.23 2.74 -14.77
N LEU A 80 -4.29 3.03 -15.67
CA LEU A 80 -4.47 2.72 -17.08
C LEU A 80 -4.08 1.29 -17.39
N ASN A 81 -2.79 0.98 -17.27
CA ASN A 81 -2.30 -0.35 -17.57
C ASN A 81 -1.85 -1.03 -16.29
N ALA A 82 -1.45 -0.21 -15.32
CA ALA A 82 -0.96 -0.71 -14.06
C ALA A 82 -1.23 0.30 -12.95
N VAL A 83 -1.32 -0.17 -11.72
CA VAL A 83 -1.62 0.68 -10.59
C VAL A 83 -0.51 0.60 -9.55
N ARG A 84 -0.24 1.74 -8.90
CA ARG A 84 0.74 1.78 -7.81
C ARG A 84 0.02 1.73 -6.48
N LEU A 85 0.31 0.70 -5.70
CA LEU A 85 -0.29 0.56 -4.39
C LEU A 85 0.80 0.48 -3.33
N LEU A 86 0.84 1.46 -2.46
CA LEU A 86 1.80 1.49 -1.37
C LEU A 86 1.15 0.92 -0.11
N VAL A 87 1.76 -0.11 0.46
CA VAL A 87 1.20 -0.74 1.65
C VAL A 87 2.24 -0.97 2.74
N VAL A 88 1.75 -1.05 3.97
CA VAL A 88 2.56 -1.35 5.13
C VAL A 88 1.70 -2.15 6.11
N ASP A 89 2.30 -3.08 6.85
CA ASP A 89 1.52 -3.90 7.78
C ASP A 89 1.10 -3.06 8.99
N PRO A 90 -0.19 -3.19 9.37
CA PRO A 90 -0.84 -2.32 10.38
C PRO A 90 -0.10 -2.24 11.71
N GLU A 91 0.53 -3.34 12.10
CA GLU A 91 1.26 -3.36 13.37
C GLU A 91 2.45 -2.41 13.30
N THR A 92 3.20 -2.50 12.21
CA THR A 92 4.33 -1.62 11.98
C THR A 92 3.86 -0.19 11.72
N ASP A 93 2.74 -0.07 11.00
CA ASP A 93 2.17 1.23 10.65
C ASP A 93 1.87 2.06 11.89
N GLU A 94 1.27 1.43 12.88
CA GLU A 94 0.89 2.14 14.10
C GLU A 94 2.11 2.68 14.84
N GLN A 95 3.20 1.92 14.89
CA GLN A 95 4.41 2.41 15.53
C GLN A 95 5.11 3.45 14.65
N LEU A 96 5.20 3.18 13.34
CA LEU A 96 5.92 4.06 12.42
C LEU A 96 5.29 5.44 12.36
N GLN A 97 3.96 5.53 12.49
CA GLN A 97 3.29 6.82 12.46
C GLN A 97 3.73 7.67 13.66
N LYS A 98 3.94 7.01 14.81
CA LYS A 98 4.35 7.71 16.01
C LYS A 98 5.82 8.12 15.93
N LEU A 99 6.57 7.40 15.10
CA LEU A 99 7.98 7.68 14.91
C LEU A 99 8.15 8.76 13.85
N GLY A 100 7.44 8.59 12.74
CA GLY A 100 7.52 9.52 11.64
C GLY A 100 7.16 8.85 10.33
N VAL A 101 5.91 8.98 9.92
CA VAL A 101 5.42 8.26 8.75
C VAL A 101 5.90 8.91 7.44
N GLN A 102 7.09 8.52 7.02
CA GLN A 102 7.63 8.92 5.73
C GLN A 102 7.54 7.76 4.76
N VAL A 103 6.70 6.79 5.12
CA VAL A 103 6.54 5.57 4.33
C VAL A 103 5.90 5.86 2.98
N ARG A 104 5.31 7.04 2.85
CA ARG A 104 4.51 7.41 1.70
C ARG A 104 5.34 7.39 0.41
N GLU A 105 6.54 7.93 0.47
CA GLU A 105 7.48 7.79 -0.64
C GLU A 105 8.85 8.34 -0.25
N GLU A 106 8.87 9.20 0.76
CA GLU A 106 10.09 9.86 1.19
C GLU A 106 11.18 8.85 1.52
N LEU A 107 10.82 7.81 2.28
CA LEU A 107 11.76 6.77 2.66
C LEU A 107 12.26 6.00 1.44
N LEU A 108 11.36 5.80 0.48
CA LEU A 108 11.68 5.02 -0.71
C LEU A 108 12.70 5.72 -1.60
N ARG A 109 12.85 7.03 -1.39
CA ARG A 109 13.84 7.80 -2.13
C ARG A 109 15.24 7.48 -1.63
N ALA A 110 15.47 7.78 -0.37
CA ALA A 110 16.78 7.60 0.24
C ALA A 110 16.76 6.43 1.21
N GLN A 111 17.30 5.30 0.78
CA GLN A 111 17.35 4.12 1.62
C GLN A 111 18.61 4.12 2.47
N GLU A 112 19.33 5.22 2.45
CA GLU A 112 20.48 5.40 3.33
C GLU A 112 20.04 5.83 4.73
N ALA A 113 19.78 7.10 4.89
CA ALA A 113 19.32 7.64 6.17
C ALA A 113 18.52 8.91 5.97
N PRO A 114 17.21 8.84 6.19
CA PRO A 114 16.31 9.99 6.03
C PRO A 114 16.54 11.05 7.10
N GLY A 115 16.16 12.29 6.78
CA GLY A 115 16.33 13.38 7.72
C GLY A 115 17.35 14.39 7.25
N GLN A 116 17.47 15.49 7.99
CA GLN A 116 18.42 16.54 7.63
C GLN A 116 19.80 16.25 8.20
N ALA A 117 20.17 14.98 8.19
CA ALA A 117 21.46 14.55 8.71
C ALA A 117 22.17 13.68 7.69
N GLY A 1 20.79 -0.49 20.18
CA GLY A 1 20.05 0.79 20.20
C GLY A 1 18.63 0.63 19.70
N ILE A 2 18.19 1.54 18.86
CA ILE A 2 16.85 1.49 18.29
C ILE A 2 16.94 1.49 16.77
N ASP A 3 16.06 0.74 16.13
CA ASP A 3 15.98 0.71 14.67
C ASP A 3 15.06 1.84 14.22
N PRO A 4 15.60 2.78 13.42
CA PRO A 4 14.87 3.98 12.99
C PRO A 4 13.67 3.64 12.13
N PHE A 5 13.76 2.51 11.43
CA PHE A 5 12.66 2.03 10.60
C PHE A 5 12.86 0.55 10.34
N THR A 6 11.76 -0.17 10.41
CA THR A 6 11.82 -1.62 10.45
C THR A 6 10.75 -2.20 9.54
N MET A 7 11.20 -2.87 8.47
CA MET A 7 10.31 -3.51 7.50
C MET A 7 9.32 -2.48 6.97
N LEU A 8 9.88 -1.41 6.42
CA LEU A 8 9.11 -0.25 5.98
C LEU A 8 8.16 -0.59 4.84
N PRO A 9 7.15 0.28 4.61
CA PRO A 9 6.18 0.13 3.53
C PRO A 9 6.83 0.12 2.15
N ARG A 10 6.08 -0.32 1.16
CA ARG A 10 6.63 -0.56 -0.18
C ARG A 10 5.67 -0.03 -1.23
N LEU A 11 6.20 0.60 -2.26
CA LEU A 11 5.37 0.99 -3.40
C LEU A 11 5.27 -0.20 -4.33
N CYS A 12 4.12 -0.83 -4.30
CA CYS A 12 3.90 -2.06 -5.02
C CYS A 12 3.28 -1.78 -6.37
N CYS A 13 4.06 -1.95 -7.42
CA CYS A 13 3.57 -1.75 -8.77
C CYS A 13 3.08 -3.07 -9.33
N LEU A 14 1.78 -3.18 -9.49
CA LEU A 14 1.20 -4.38 -10.07
C LEU A 14 0.56 -4.05 -11.40
N GLU A 15 0.57 -5.02 -12.29
CA GLU A 15 0.24 -4.79 -13.68
C GLU A 15 -0.96 -5.64 -14.06
N LYS A 16 -1.95 -4.98 -14.64
CA LYS A 16 -3.23 -5.60 -14.93
C LYS A 16 -3.08 -6.70 -15.96
N GLY A 17 -3.35 -7.93 -15.54
CA GLY A 17 -3.36 -9.04 -16.47
C GLY A 17 -4.76 -9.30 -16.97
N PRO A 18 -5.01 -10.46 -17.60
CA PRO A 18 -6.34 -10.81 -18.12
C PRO A 18 -7.36 -10.98 -17.00
N ASN A 19 -6.88 -11.03 -15.76
CA ASN A 19 -7.76 -11.18 -14.60
C ASN A 19 -7.90 -9.85 -13.87
N GLY A 20 -7.27 -8.80 -14.37
CA GLY A 20 -7.23 -7.56 -13.67
C GLY A 20 -5.99 -7.47 -12.79
N TYR A 21 -6.16 -7.05 -11.55
CA TYR A 21 -5.02 -6.96 -10.64
C TYR A 21 -5.07 -8.07 -9.59
N GLY A 22 -6.28 -8.51 -9.27
CA GLY A 22 -6.45 -9.70 -8.44
C GLY A 22 -6.36 -9.44 -6.96
N PHE A 23 -6.92 -8.33 -6.50
CA PHE A 23 -6.97 -8.06 -5.06
C PHE A 23 -8.33 -7.50 -4.68
N HIS A 24 -8.68 -7.62 -3.42
CA HIS A 24 -9.95 -7.12 -2.93
C HIS A 24 -9.72 -6.19 -1.75
N LEU A 25 -10.46 -5.10 -1.70
CA LEU A 25 -10.25 -4.07 -0.68
C LEU A 25 -11.42 -4.04 0.30
N HIS A 26 -11.11 -3.82 1.58
CA HIS A 26 -12.17 -3.71 2.58
C HIS A 26 -11.87 -2.53 3.51
N GLY A 27 -12.92 -1.94 4.06
CA GLY A 27 -12.76 -0.83 4.96
C GLY A 27 -13.61 -0.97 6.20
N GLU A 28 -12.95 -1.16 7.33
CA GLU A 28 -13.64 -1.31 8.62
C GLU A 28 -14.35 0.00 9.00
N LYS A 29 -15.06 -0.03 10.11
CA LYS A 29 -15.68 1.16 10.65
C LYS A 29 -14.86 1.68 11.82
N GLY A 30 -14.66 2.98 11.90
CA GLY A 30 -13.80 3.54 12.93
C GLY A 30 -12.35 3.57 12.51
N LYS A 31 -12.10 3.40 11.21
CA LYS A 31 -10.75 3.39 10.68
C LYS A 31 -10.41 4.73 10.06
N LEU A 32 -9.27 4.77 9.39
CA LEU A 32 -8.88 5.94 8.61
C LEU A 32 -8.60 5.54 7.17
N GLY A 33 -8.06 4.35 7.00
CA GLY A 33 -7.64 3.91 5.70
C GLY A 33 -8.29 2.61 5.26
N GLN A 34 -7.90 2.14 4.09
CA GLN A 34 -8.45 0.91 3.52
C GLN A 34 -7.45 -0.22 3.64
N TYR A 35 -7.94 -1.43 3.75
CA TYR A 35 -7.07 -2.58 3.97
C TYR A 35 -7.33 -3.66 2.94
N ILE A 36 -6.31 -4.44 2.63
CA ILE A 36 -6.44 -5.56 1.71
C ILE A 36 -7.25 -6.68 2.35
N ARG A 37 -8.33 -7.06 1.69
CA ARG A 37 -9.21 -8.10 2.21
C ARG A 37 -8.80 -9.46 1.65
N LEU A 38 -8.47 -9.49 0.37
CA LEU A 38 -8.09 -10.72 -0.29
C LEU A 38 -7.11 -10.46 -1.41
N VAL A 39 -6.25 -11.44 -1.65
CA VAL A 39 -5.38 -11.42 -2.81
C VAL A 39 -5.57 -12.70 -3.59
N GLU A 40 -6.00 -12.57 -4.84
CA GLU A 40 -6.27 -13.71 -5.69
C GLU A 40 -4.97 -14.46 -6.00
N PRO A 41 -4.88 -15.74 -5.64
CA PRO A 41 -3.69 -16.53 -5.87
C PRO A 41 -3.37 -16.66 -7.35
N GLY A 42 -2.19 -16.20 -7.72
CA GLY A 42 -1.77 -16.24 -9.10
C GLY A 42 -1.83 -14.87 -9.76
N SER A 43 -2.33 -13.88 -9.01
CA SER A 43 -2.52 -12.54 -9.56
C SER A 43 -1.22 -11.73 -9.53
N PRO A 44 -1.15 -10.62 -10.28
CA PRO A 44 -0.03 -9.69 -10.21
C PRO A 44 0.06 -8.97 -8.88
N ALA A 45 -1.05 -8.97 -8.13
CA ALA A 45 -1.09 -8.33 -6.83
C ALA A 45 -0.12 -9.00 -5.86
N GLU A 46 -0.08 -10.33 -5.90
CA GLU A 46 0.85 -11.09 -5.07
C GLU A 46 2.27 -10.75 -5.46
N LYS A 47 2.48 -10.59 -6.76
CA LYS A 47 3.80 -10.33 -7.31
C LYS A 47 4.29 -8.95 -6.91
N ALA A 48 3.35 -8.05 -6.63
CA ALA A 48 3.70 -6.71 -6.19
C ALA A 48 3.95 -6.67 -4.69
N GLY A 49 3.47 -7.69 -3.99
CA GLY A 49 3.71 -7.78 -2.56
C GLY A 49 2.48 -7.46 -1.73
N LEU A 50 1.30 -7.53 -2.34
CA LEU A 50 0.06 -7.29 -1.62
C LEU A 50 -0.37 -8.54 -0.86
N LEU A 51 -0.71 -8.37 0.41
CA LEU A 51 -1.19 -9.46 1.22
C LEU A 51 -2.43 -9.03 2.00
N ALA A 52 -3.29 -9.99 2.31
CA ALA A 52 -4.53 -9.71 3.02
C ALA A 52 -4.26 -9.26 4.44
N GLY A 53 -4.17 -7.96 4.62
CA GLY A 53 -3.90 -7.38 5.92
C GLY A 53 -3.22 -6.03 5.80
N ASP A 54 -2.50 -5.83 4.70
CA ASP A 54 -1.78 -4.58 4.47
C ASP A 54 -2.74 -3.40 4.35
N ARG A 55 -2.35 -2.26 4.92
CA ARG A 55 -3.14 -1.05 4.81
C ARG A 55 -2.71 -0.26 3.59
N LEU A 56 -3.67 0.18 2.81
CA LEU A 56 -3.40 0.95 1.61
C LEU A 56 -3.15 2.41 1.99
N VAL A 57 -1.92 2.84 1.79
CA VAL A 57 -1.51 4.18 2.20
C VAL A 57 -1.59 5.16 1.03
N GLU A 58 -1.23 4.71 -0.16
CA GLU A 58 -1.22 5.59 -1.32
C GLU A 58 -1.54 4.81 -2.60
N VAL A 59 -2.14 5.50 -3.57
CA VAL A 59 -2.47 4.92 -4.86
C VAL A 59 -2.01 5.85 -5.98
N ASN A 60 -1.01 5.41 -6.72
CA ASN A 60 -0.50 6.13 -7.89
C ASN A 60 -0.16 7.58 -7.56
N GLY A 61 0.38 7.81 -6.38
CA GLY A 61 0.81 9.14 -5.99
C GLY A 61 -0.23 9.92 -5.21
N GLU A 62 -1.30 9.26 -4.79
CA GLU A 62 -2.33 9.93 -4.00
C GLU A 62 -2.50 9.25 -2.65
N ASN A 63 -2.50 10.07 -1.60
CA ASN A 63 -2.61 9.57 -0.23
C ASN A 63 -4.03 9.08 0.04
N VAL A 64 -4.21 7.77 0.01
CA VAL A 64 -5.53 7.18 0.21
C VAL A 64 -5.67 6.59 1.60
N GLU A 65 -4.66 6.82 2.43
CA GLU A 65 -4.62 6.25 3.76
C GLU A 65 -5.70 6.86 4.65
N LYS A 66 -6.35 7.90 4.15
CA LYS A 66 -7.41 8.56 4.90
C LYS A 66 -8.70 8.62 4.07
N GLU A 67 -8.79 7.80 3.01
CA GLU A 67 -9.94 7.87 2.11
C GLU A 67 -10.88 6.68 2.28
N THR A 68 -11.86 6.59 1.37
CA THR A 68 -12.93 5.60 1.48
C THR A 68 -12.79 4.49 0.43
N HIS A 69 -13.59 3.44 0.58
CA HIS A 69 -13.60 2.34 -0.38
C HIS A 69 -13.89 2.86 -1.77
N GLN A 70 -14.92 3.70 -1.88
CA GLN A 70 -15.37 4.22 -3.16
C GLN A 70 -14.29 5.08 -3.82
N GLN A 71 -13.71 5.99 -3.05
CA GLN A 71 -12.72 6.91 -3.58
C GLN A 71 -11.51 6.14 -4.09
N VAL A 72 -11.08 5.17 -3.31
CA VAL A 72 -9.92 4.35 -3.67
C VAL A 72 -10.21 3.50 -4.92
N VAL A 73 -11.39 2.87 -4.96
CA VAL A 73 -11.77 2.04 -6.10
C VAL A 73 -11.72 2.85 -7.40
N SER A 74 -12.14 4.10 -7.32
CA SER A 74 -12.10 4.99 -8.47
C SER A 74 -10.67 5.19 -8.94
N ARG A 75 -9.75 5.30 -7.98
CA ARG A 75 -8.33 5.47 -8.28
C ARG A 75 -7.75 4.19 -8.88
N ILE A 76 -8.24 3.05 -8.38
CA ILE A 76 -7.82 1.76 -8.90
C ILE A 76 -8.24 1.61 -10.36
N ARG A 77 -9.45 2.04 -10.66
CA ARG A 77 -9.97 1.98 -12.03
C ARG A 77 -9.25 2.98 -12.92
N ALA A 78 -8.68 4.01 -12.30
CA ALA A 78 -7.94 5.03 -13.04
C ALA A 78 -6.62 4.47 -13.57
N ALA A 79 -6.23 3.30 -13.08
CA ALA A 79 -5.06 2.61 -13.60
C ALA A 79 -5.46 1.80 -14.83
N LEU A 80 -4.77 2.06 -15.93
CA LEU A 80 -5.12 1.45 -17.21
C LEU A 80 -4.46 0.10 -17.36
N ASN A 81 -3.14 0.08 -17.41
CA ASN A 81 -2.39 -1.15 -17.58
C ASN A 81 -1.77 -1.60 -16.27
N ALA A 82 -1.47 -0.63 -15.41
CA ALA A 82 -0.82 -0.94 -14.14
C ALA A 82 -1.15 0.09 -13.08
N VAL A 83 -1.12 -0.33 -11.83
CA VAL A 83 -1.39 0.56 -10.70
C VAL A 83 -0.26 0.47 -9.68
N ARG A 84 0.05 1.57 -9.02
CA ARG A 84 1.09 1.58 -7.99
C ARG A 84 0.46 1.80 -6.62
N LEU A 85 0.54 0.79 -5.78
CA LEU A 85 -0.10 0.85 -4.46
C LEU A 85 0.93 0.85 -3.34
N LEU A 86 0.85 1.84 -2.47
CA LEU A 86 1.72 1.91 -1.30
C LEU A 86 0.99 1.29 -0.12
N VAL A 87 1.56 0.23 0.44
CA VAL A 87 0.92 -0.45 1.58
C VAL A 87 1.92 -0.70 2.70
N VAL A 88 1.39 -0.92 3.89
CA VAL A 88 2.21 -1.20 5.06
C VAL A 88 1.46 -2.15 6.01
N ASP A 89 2.21 -3.05 6.64
CA ASP A 89 1.65 -3.94 7.65
C ASP A 89 1.24 -3.15 8.89
N PRO A 90 -0.03 -3.33 9.33
CA PRO A 90 -0.62 -2.55 10.43
C PRO A 90 0.12 -2.68 11.76
N GLU A 91 0.70 -3.85 12.01
CA GLU A 91 1.45 -4.05 13.25
C GLU A 91 2.77 -3.29 13.20
N THR A 92 3.40 -3.32 12.05
CA THR A 92 4.63 -2.58 11.83
C THR A 92 4.33 -1.08 11.79
N ASP A 93 3.21 -0.73 11.16
CA ASP A 93 2.77 0.66 11.04
C ASP A 93 2.60 1.30 12.40
N GLU A 94 2.18 0.49 13.36
CA GLU A 94 2.00 0.95 14.74
C GLU A 94 3.31 1.51 15.27
N GLN A 95 4.41 0.85 14.94
CA GLN A 95 5.74 1.36 15.27
C GLN A 95 6.09 2.55 14.38
N LEU A 96 5.90 2.36 13.08
CA LEU A 96 6.45 3.27 12.07
C LEU A 96 5.89 4.68 12.19
N GLN A 97 4.58 4.79 12.42
CA GLN A 97 3.94 6.09 12.56
C GLN A 97 4.47 6.83 13.78
N LYS A 98 4.76 6.08 14.84
CA LYS A 98 5.29 6.67 16.07
C LYS A 98 6.73 7.10 15.85
N LEU A 99 7.46 6.32 15.06
CA LEU A 99 8.84 6.64 14.73
C LEU A 99 8.92 7.95 13.96
N GLY A 100 8.25 8.00 12.80
CA GLY A 100 8.16 9.21 12.04
C GLY A 100 8.15 8.94 10.56
N VAL A 101 8.59 9.93 9.80
CA VAL A 101 8.70 9.86 8.34
C VAL A 101 7.33 9.76 7.65
N GLN A 102 7.24 10.35 6.46
CA GLN A 102 6.02 10.25 5.67
C GLN A 102 6.00 8.92 4.92
N VAL A 103 5.38 7.94 5.56
CA VAL A 103 5.40 6.55 5.13
C VAL A 103 4.90 6.33 3.69
N ARG A 104 4.06 7.24 3.19
CA ARG A 104 3.38 7.02 1.92
C ARG A 104 4.33 6.98 0.71
N GLU A 105 5.55 7.49 0.86
CA GLU A 105 6.53 7.42 -0.23
C GLU A 105 7.88 8.06 0.13
N GLU A 106 7.93 8.82 1.22
CA GLU A 106 9.15 9.54 1.59
C GLU A 106 10.34 8.59 1.72
N LEU A 107 10.08 7.40 2.23
CA LEU A 107 11.09 6.36 2.32
C LEU A 107 11.40 5.77 0.95
N LEU A 108 10.35 5.59 0.17
CA LEU A 108 10.45 4.87 -1.11
C LEU A 108 11.29 5.64 -2.13
N ARG A 109 11.19 6.96 -2.10
CA ARG A 109 11.95 7.79 -3.03
C ARG A 109 13.41 7.90 -2.58
N ALA A 110 13.62 7.82 -1.28
CA ALA A 110 14.97 7.97 -0.73
C ALA A 110 15.80 6.71 -0.95
N GLN A 111 15.19 5.56 -0.76
CA GLN A 111 15.91 4.30 -0.86
C GLN A 111 15.31 3.40 -1.94
N GLU A 112 15.03 3.99 -3.10
CA GLU A 112 14.47 3.22 -4.21
C GLU A 112 15.45 2.16 -4.69
N ALA A 113 14.93 1.06 -5.21
CA ALA A 113 15.75 -0.05 -5.65
C ALA A 113 15.02 -0.88 -6.69
N PRO A 114 15.58 -1.00 -7.90
CA PRO A 114 15.01 -1.79 -8.98
C PRO A 114 14.93 -3.28 -8.61
N GLY A 115 13.71 -3.76 -8.42
CA GLY A 115 13.50 -5.13 -8.03
C GLY A 115 12.27 -5.30 -7.16
N GLN A 116 11.95 -4.23 -6.43
CA GLN A 116 10.78 -4.18 -5.55
C GLN A 116 10.93 -5.09 -4.34
N ALA A 117 10.85 -6.39 -4.56
CA ALA A 117 10.96 -7.37 -3.49
C ALA A 117 11.69 -8.62 -3.98
N GLY A 1 17.28 0.93 22.23
CA GLY A 1 16.05 1.52 22.79
C GLY A 1 14.91 1.53 21.80
N ILE A 2 14.93 2.50 20.90
CA ILE A 2 13.92 2.60 19.85
C ILE A 2 14.58 2.79 18.50
N ASP A 3 14.05 2.12 17.49
CA ASP A 3 14.54 2.24 16.13
C ASP A 3 13.63 3.13 15.29
N PRO A 4 14.21 4.04 14.51
CA PRO A 4 13.45 5.00 13.69
C PRO A 4 12.70 4.32 12.57
N PHE A 5 13.21 3.19 12.10
CA PHE A 5 12.59 2.46 11.02
C PHE A 5 12.86 0.96 11.13
N THR A 6 11.90 0.19 10.65
CA THR A 6 11.97 -1.25 10.69
C THR A 6 10.83 -1.82 9.86
N MET A 7 11.17 -2.64 8.87
CA MET A 7 10.19 -3.24 7.97
C MET A 7 9.32 -2.14 7.34
N LEU A 8 9.97 -1.18 6.72
CA LEU A 8 9.27 -0.07 6.08
C LEU A 8 8.74 -0.48 4.71
N PRO A 9 7.77 0.28 4.16
CA PRO A 9 6.99 -0.16 3.02
C PRO A 9 7.61 0.18 1.68
N ARG A 10 6.98 -0.34 0.62
CA ARG A 10 7.42 -0.11 -0.74
C ARG A 10 6.20 0.15 -1.60
N LEU A 11 6.37 0.87 -2.70
CA LEU A 11 5.28 1.12 -3.61
C LEU A 11 5.16 -0.05 -4.56
N CYS A 12 4.09 -0.80 -4.43
CA CYS A 12 3.92 -2.04 -5.16
C CYS A 12 3.16 -1.78 -6.46
N CYS A 13 3.87 -1.89 -7.57
CA CYS A 13 3.28 -1.67 -8.87
C CYS A 13 2.85 -3.00 -9.48
N LEU A 14 1.56 -3.19 -9.58
CA LEU A 14 1.02 -4.40 -10.18
C LEU A 14 0.30 -4.06 -11.47
N GLU A 15 0.32 -5.01 -12.38
CA GLU A 15 -0.18 -4.77 -13.72
C GLU A 15 -1.42 -5.59 -13.98
N LYS A 16 -2.41 -4.94 -14.56
CA LYS A 16 -3.71 -5.54 -14.76
C LYS A 16 -3.64 -6.66 -15.80
N GLY A 17 -3.85 -7.88 -15.34
CA GLY A 17 -3.84 -9.02 -16.24
C GLY A 17 -5.20 -9.28 -16.84
N PRO A 18 -5.47 -10.53 -17.25
CA PRO A 18 -6.71 -10.90 -17.96
C PRO A 18 -7.94 -10.90 -17.06
N ASN A 19 -7.75 -10.76 -15.76
CA ASN A 19 -8.87 -10.73 -14.82
C ASN A 19 -8.82 -9.48 -13.94
N GLY A 20 -7.94 -8.55 -14.29
CA GLY A 20 -7.73 -7.41 -13.43
C GLY A 20 -6.43 -7.53 -12.66
N TYR A 21 -6.43 -7.15 -11.39
CA TYR A 21 -5.18 -7.13 -10.63
C TYR A 21 -5.07 -8.33 -9.69
N GLY A 22 -6.21 -8.78 -9.17
CA GLY A 22 -6.22 -9.95 -8.35
C GLY A 22 -6.16 -9.64 -6.87
N PHE A 23 -6.74 -8.52 -6.48
CA PHE A 23 -6.85 -8.19 -5.06
C PHE A 23 -8.23 -7.61 -4.78
N HIS A 24 -8.70 -7.80 -3.57
CA HIS A 24 -9.99 -7.30 -3.15
C HIS A 24 -9.81 -6.42 -1.93
N LEU A 25 -10.38 -5.22 -1.98
CA LEU A 25 -10.18 -4.23 -0.95
C LEU A 25 -11.37 -4.19 0.01
N HIS A 26 -11.09 -4.06 1.31
CA HIS A 26 -12.15 -3.98 2.32
C HIS A 26 -11.77 -2.99 3.40
N GLY A 27 -12.76 -2.40 4.04
CA GLY A 27 -12.51 -1.49 5.12
C GLY A 27 -13.26 -1.88 6.37
N GLU A 28 -12.77 -1.47 7.52
CA GLU A 28 -13.45 -1.72 8.78
C GLU A 28 -14.61 -0.74 8.92
N LYS A 29 -15.26 -0.71 10.09
CA LYS A 29 -16.42 0.17 10.26
C LYS A 29 -15.97 1.61 10.44
N GLY A 30 -15.90 2.32 9.33
CA GLY A 30 -15.58 3.72 9.34
C GLY A 30 -14.13 3.92 9.05
N LYS A 31 -13.34 3.79 10.11
CA LYS A 31 -11.90 4.00 10.07
C LYS A 31 -11.50 5.16 9.15
N LEU A 32 -10.27 5.11 8.63
CA LEU A 32 -9.83 6.08 7.65
C LEU A 32 -8.90 5.44 6.63
N GLY A 33 -8.73 4.13 6.74
CA GLY A 33 -7.81 3.43 5.87
C GLY A 33 -8.41 2.15 5.31
N GLN A 34 -7.93 1.74 4.16
CA GLN A 34 -8.43 0.53 3.51
C GLN A 34 -7.43 -0.60 3.65
N TYR A 35 -7.93 -1.82 3.73
CA TYR A 35 -7.08 -2.98 3.96
C TYR A 35 -7.32 -4.04 2.88
N ILE A 36 -6.30 -4.84 2.62
CA ILE A 36 -6.40 -5.95 1.68
C ILE A 36 -7.28 -7.06 2.27
N ARG A 37 -8.36 -7.40 1.57
CA ARG A 37 -9.24 -8.46 2.03
C ARG A 37 -8.77 -9.79 1.46
N LEU A 38 -8.46 -9.77 0.17
CA LEU A 38 -8.03 -10.97 -0.52
C LEU A 38 -7.05 -10.60 -1.62
N VAL A 39 -6.07 -11.45 -1.82
CA VAL A 39 -5.20 -11.36 -2.97
C VAL A 39 -5.14 -12.73 -3.64
N GLU A 40 -5.67 -12.80 -4.85
CA GLU A 40 -5.96 -14.07 -5.51
C GLU A 40 -4.69 -14.78 -5.92
N PRO A 41 -4.59 -16.08 -5.61
CA PRO A 41 -3.43 -16.89 -5.98
C PRO A 41 -3.24 -16.96 -7.49
N GLY A 42 -2.11 -16.46 -7.93
CA GLY A 42 -1.80 -16.43 -9.35
C GLY A 42 -1.88 -15.04 -9.94
N SER A 43 -2.25 -14.07 -9.11
CA SER A 43 -2.41 -12.70 -9.57
C SER A 43 -1.08 -11.94 -9.56
N PRO A 44 -1.01 -10.85 -10.34
CA PRO A 44 0.14 -9.94 -10.28
C PRO A 44 0.19 -9.20 -8.95
N ALA A 45 -0.93 -9.19 -8.25
CA ALA A 45 -1.02 -8.54 -6.95
C ALA A 45 -0.09 -9.20 -5.95
N GLU A 46 -0.08 -10.54 -5.95
CA GLU A 46 0.83 -11.29 -5.09
C GLU A 46 2.26 -10.93 -5.40
N LYS A 47 2.57 -10.87 -6.68
CA LYS A 47 3.92 -10.62 -7.16
C LYS A 47 4.36 -9.18 -6.88
N ALA A 48 3.39 -8.32 -6.62
CA ALA A 48 3.70 -6.95 -6.24
C ALA A 48 4.00 -6.86 -4.75
N GLY A 49 3.57 -7.88 -4.01
CA GLY A 49 3.86 -7.94 -2.59
C GLY A 49 2.66 -7.60 -1.73
N LEU A 50 1.46 -7.82 -2.26
CA LEU A 50 0.24 -7.56 -1.51
C LEU A 50 -0.16 -8.76 -0.68
N LEU A 51 -0.55 -8.53 0.56
CA LEU A 51 -1.02 -9.59 1.43
C LEU A 51 -2.25 -9.13 2.20
N ALA A 52 -3.18 -10.05 2.42
CA ALA A 52 -4.43 -9.74 3.11
C ALA A 52 -4.16 -9.19 4.51
N GLY A 53 -4.57 -7.96 4.75
CA GLY A 53 -4.37 -7.34 6.03
C GLY A 53 -3.59 -6.04 5.92
N ASP A 54 -2.77 -5.95 4.87
CA ASP A 54 -1.91 -4.78 4.67
C ASP A 54 -2.72 -3.49 4.57
N ARG A 55 -2.17 -2.43 5.15
CA ARG A 55 -2.81 -1.13 5.16
C ARG A 55 -2.50 -0.36 3.89
N LEU A 56 -3.54 0.02 3.16
CA LEU A 56 -3.38 0.82 1.95
C LEU A 56 -3.12 2.28 2.30
N VAL A 57 -1.97 2.79 1.90
CA VAL A 57 -1.55 4.14 2.27
C VAL A 57 -1.72 5.11 1.10
N GLU A 58 -1.37 4.66 -0.11
CA GLU A 58 -1.43 5.52 -1.28
C GLU A 58 -1.72 4.70 -2.54
N VAL A 59 -2.37 5.34 -3.51
CA VAL A 59 -2.77 4.67 -4.74
C VAL A 59 -2.32 5.46 -5.97
N ASN A 60 -1.43 4.85 -6.76
CA ASN A 60 -0.80 5.46 -7.94
C ASN A 60 0.15 6.58 -7.54
N GLY A 61 -0.41 7.55 -6.85
CA GLY A 61 0.36 8.69 -6.37
C GLY A 61 -0.52 9.64 -5.59
N GLU A 62 -1.57 9.11 -4.98
CA GLU A 62 -2.50 9.92 -4.21
C GLU A 62 -2.63 9.33 -2.82
N ASN A 63 -2.43 10.16 -1.80
CA ASN A 63 -2.50 9.71 -0.42
C ASN A 63 -3.92 9.36 -0.03
N VAL A 64 -4.16 8.08 0.27
CA VAL A 64 -5.51 7.62 0.60
C VAL A 64 -5.61 7.23 2.07
N GLU A 65 -4.82 7.88 2.90
CA GLU A 65 -4.76 7.60 4.34
C GLU A 65 -6.01 8.10 5.08
N LYS A 66 -6.85 8.86 4.41
CA LYS A 66 -8.10 9.33 5.01
C LYS A 66 -9.26 9.24 4.03
N GLU A 67 -9.21 8.23 3.17
CA GLU A 67 -10.20 8.09 2.11
C GLU A 67 -11.16 6.94 2.40
N THR A 68 -12.00 6.61 1.43
CA THR A 68 -12.97 5.53 1.57
C THR A 68 -12.79 4.50 0.46
N HIS A 69 -13.52 3.39 0.53
CA HIS A 69 -13.48 2.37 -0.50
C HIS A 69 -13.80 2.99 -1.86
N GLN A 70 -14.87 3.78 -1.90
CA GLN A 70 -15.33 4.39 -3.14
C GLN A 70 -14.31 5.40 -3.67
N GLN A 71 -13.77 6.21 -2.78
CA GLN A 71 -12.77 7.21 -3.17
C GLN A 71 -11.55 6.54 -3.78
N VAL A 72 -11.12 5.45 -3.16
CA VAL A 72 -9.96 4.71 -3.63
C VAL A 72 -10.26 3.98 -4.95
N VAL A 73 -11.47 3.42 -5.06
CA VAL A 73 -11.86 2.69 -6.28
C VAL A 73 -11.78 3.60 -7.51
N SER A 74 -12.19 4.85 -7.36
CA SER A 74 -12.09 5.81 -8.45
C SER A 74 -10.63 5.95 -8.89
N ARG A 75 -9.74 6.01 -7.90
CA ARG A 75 -8.31 6.12 -8.15
C ARG A 75 -7.74 4.84 -8.76
N ILE A 76 -8.28 3.70 -8.33
CA ILE A 76 -7.93 2.42 -8.93
C ILE A 76 -8.41 2.38 -10.39
N ARG A 77 -9.53 3.04 -10.65
CA ARG A 77 -10.06 3.16 -12.01
C ARG A 77 -9.23 4.11 -12.85
N ALA A 78 -8.50 5.00 -12.18
CA ALA A 78 -7.59 5.92 -12.86
C ALA A 78 -6.37 5.16 -13.37
N ALA A 79 -6.16 3.96 -12.81
CA ALA A 79 -5.12 3.08 -13.28
C ALA A 79 -5.62 2.31 -14.49
N LEU A 80 -4.99 2.59 -15.62
CA LEU A 80 -5.40 2.05 -16.91
C LEU A 80 -5.17 0.54 -17.00
N ASN A 81 -3.91 0.17 -16.93
CA ASN A 81 -3.52 -1.23 -17.05
C ASN A 81 -2.50 -1.61 -15.99
N ALA A 82 -2.13 -0.65 -15.16
CA ALA A 82 -1.26 -0.93 -14.02
C ALA A 82 -1.51 0.08 -12.90
N VAL A 83 -1.48 -0.39 -11.66
CA VAL A 83 -1.74 0.47 -10.52
C VAL A 83 -0.60 0.38 -9.52
N ARG A 84 -0.28 1.49 -8.88
CA ARG A 84 0.74 1.51 -7.85
C ARG A 84 0.11 1.55 -6.47
N LEU A 85 0.26 0.49 -5.71
CA LEU A 85 -0.35 0.40 -4.41
C LEU A 85 0.70 0.42 -3.31
N LEU A 86 0.63 1.44 -2.46
CA LEU A 86 1.52 1.52 -1.33
C LEU A 86 0.83 0.93 -0.10
N VAL A 87 1.40 -0.15 0.42
CA VAL A 87 0.84 -0.78 1.60
C VAL A 87 1.92 -1.01 2.64
N VAL A 88 1.51 -1.07 3.89
CA VAL A 88 2.43 -1.28 4.98
C VAL A 88 1.83 -2.21 6.02
N ASP A 89 2.67 -3.00 6.67
CA ASP A 89 2.23 -3.91 7.71
C ASP A 89 1.65 -3.13 8.89
N PRO A 90 0.38 -3.42 9.23
CA PRO A 90 -0.38 -2.66 10.24
C PRO A 90 0.26 -2.69 11.63
N GLU A 91 0.93 -3.79 11.94
CA GLU A 91 1.56 -3.95 13.25
C GLU A 91 2.78 -3.05 13.36
N THR A 92 3.58 -3.02 12.31
CA THR A 92 4.74 -2.14 12.26
C THR A 92 4.29 -0.69 12.10
N ASP A 93 3.24 -0.50 11.32
CA ASP A 93 2.70 0.83 11.05
C ASP A 93 2.34 1.55 12.34
N GLU A 94 1.89 0.80 13.33
CA GLU A 94 1.54 1.38 14.62
C GLU A 94 2.72 2.11 15.26
N GLN A 95 3.87 1.46 15.32
CA GLN A 95 5.04 2.09 15.92
C GLN A 95 5.62 3.18 15.01
N LEU A 96 5.62 2.91 13.70
CA LEU A 96 6.16 3.85 12.73
C LEU A 96 5.31 5.13 12.67
N GLN A 97 4.00 4.95 12.85
CA GLN A 97 3.03 6.05 12.82
C GLN A 97 3.37 7.12 13.84
N LYS A 98 3.62 6.69 15.07
CA LYS A 98 3.88 7.60 16.17
C LYS A 98 5.21 8.32 16.01
N LEU A 99 6.08 7.77 15.15
CA LEU A 99 7.39 8.37 14.92
C LEU A 99 7.29 9.55 13.96
N GLY A 100 6.11 9.70 13.34
CA GLY A 100 5.87 10.82 12.44
C GLY A 100 6.63 10.68 11.13
N VAL A 101 6.57 9.50 10.54
CA VAL A 101 7.31 9.22 9.33
C VAL A 101 6.47 9.50 8.07
N GLN A 102 7.17 9.66 6.96
CA GLN A 102 6.53 9.99 5.68
C GLN A 102 6.46 8.75 4.78
N VAL A 103 5.63 7.81 5.18
CA VAL A 103 5.51 6.50 4.52
C VAL A 103 5.17 6.60 3.02
N ARG A 104 4.50 7.68 2.62
CA ARG A 104 3.85 7.73 1.31
C ARG A 104 4.82 7.55 0.13
N GLU A 105 6.08 7.94 0.29
CA GLU A 105 7.03 7.80 -0.82
C GLU A 105 8.45 8.19 -0.41
N GLU A 106 8.57 9.06 0.57
CA GLU A 106 9.85 9.68 0.90
C GLU A 106 10.92 8.67 1.29
N LEU A 107 10.53 7.56 1.93
CA LEU A 107 11.50 6.52 2.29
C LEU A 107 11.84 5.65 1.09
N LEU A 108 10.97 5.68 0.10
CA LEU A 108 11.10 4.81 -1.07
C LEU A 108 12.16 5.34 -2.01
N ARG A 109 12.23 6.66 -2.16
CA ARG A 109 13.25 7.28 -2.98
C ARG A 109 14.56 7.38 -2.18
N ALA A 110 14.44 7.29 -0.88
CA ALA A 110 15.59 7.30 0.01
C ALA A 110 16.24 5.93 0.03
N GLN A 111 17.22 5.74 0.92
CA GLN A 111 17.98 4.52 1.01
C GLN A 111 18.60 4.17 -0.33
N GLU A 112 19.02 5.21 -1.05
CA GLU A 112 19.57 5.05 -2.39
C GLU A 112 21.07 4.79 -2.33
N ALA A 113 21.54 4.40 -1.14
CA ALA A 113 22.95 4.14 -0.89
C ALA A 113 23.81 5.36 -1.17
N PRO A 114 23.84 6.32 -0.24
CA PRO A 114 24.67 7.52 -0.36
C PRO A 114 26.14 7.19 -0.48
N GLY A 115 26.63 7.13 -1.71
CA GLY A 115 28.01 6.78 -1.96
C GLY A 115 28.59 7.50 -3.17
N GLN A 116 27.93 8.57 -3.57
CA GLN A 116 28.41 9.40 -4.68
C GLN A 116 29.66 10.17 -4.25
N ALA A 117 29.58 10.79 -3.07
CA ALA A 117 30.71 11.51 -2.53
C ALA A 117 31.26 10.78 -1.30
N GLY A 1 17.59 5.33 20.61
CA GLY A 1 16.71 4.88 21.71
C GLY A 1 15.58 4.02 21.18
N ILE A 2 14.51 4.67 20.73
CA ILE A 2 13.42 3.98 20.07
C ILE A 2 13.78 3.81 18.59
N ASP A 3 13.44 2.67 18.01
CA ASP A 3 13.82 2.40 16.64
C ASP A 3 12.88 3.13 15.70
N PRO A 4 13.43 4.08 14.93
CA PRO A 4 12.64 4.94 14.05
C PRO A 4 12.04 4.17 12.90
N PHE A 5 12.63 3.03 12.60
CA PHE A 5 12.23 2.26 11.43
C PHE A 5 12.38 0.77 11.66
N THR A 6 11.48 0.03 11.04
CA THR A 6 11.41 -1.41 11.16
C THR A 6 10.40 -1.94 10.16
N MET A 7 10.78 -2.99 9.43
CA MET A 7 9.94 -3.62 8.40
C MET A 7 9.92 -2.75 7.14
N LEU A 8 9.42 -1.52 7.30
CA LEU A 8 9.27 -0.51 6.23
C LEU A 8 8.54 -1.02 4.98
N PRO A 9 7.58 -0.22 4.51
CA PRO A 9 6.72 -0.56 3.36
C PRO A 9 7.41 -0.42 2.02
N ARG A 10 6.72 -0.84 0.97
CA ARG A 10 7.22 -0.72 -0.39
C ARG A 10 6.06 -0.41 -1.33
N LEU A 11 6.39 0.17 -2.48
CA LEU A 11 5.41 0.41 -3.52
C LEU A 11 5.25 -0.84 -4.37
N CYS A 12 4.07 -1.40 -4.34
CA CYS A 12 3.77 -2.59 -5.12
C CYS A 12 3.13 -2.18 -6.44
N CYS A 13 3.89 -2.31 -7.51
CA CYS A 13 3.42 -1.94 -8.83
C CYS A 13 2.83 -3.15 -9.55
N LEU A 14 1.53 -3.12 -9.76
CA LEU A 14 0.86 -4.20 -10.46
C LEU A 14 0.13 -3.66 -11.69
N GLU A 15 0.03 -4.51 -12.69
CA GLU A 15 -0.48 -4.10 -14.00
C GLU A 15 -1.81 -4.76 -14.27
N LYS A 16 -2.77 -3.99 -14.76
CA LYS A 16 -4.14 -4.45 -14.90
C LYS A 16 -4.21 -5.67 -15.82
N GLY A 17 -4.67 -6.78 -15.26
CA GLY A 17 -4.80 -8.01 -16.01
C GLY A 17 -6.08 -8.08 -16.80
N PRO A 18 -6.49 -9.28 -17.22
CA PRO A 18 -7.66 -9.49 -18.08
C PRO A 18 -8.94 -8.94 -17.48
N ASN A 19 -9.06 -8.97 -16.16
CA ASN A 19 -10.30 -8.57 -15.50
C ASN A 19 -10.02 -7.71 -14.28
N GLY A 20 -8.87 -7.06 -14.25
CA GLY A 20 -8.53 -6.22 -13.13
C GLY A 20 -7.20 -6.60 -12.54
N TYR A 21 -7.01 -6.33 -11.25
CA TYR A 21 -5.72 -6.52 -10.62
C TYR A 21 -5.67 -7.78 -9.75
N GLY A 22 -6.82 -8.15 -9.19
CA GLY A 22 -6.91 -9.42 -8.49
C GLY A 22 -6.81 -9.30 -6.98
N PHE A 23 -7.23 -8.18 -6.44
CA PHE A 23 -7.20 -7.99 -5.00
C PHE A 23 -8.53 -7.41 -4.51
N HIS A 24 -8.99 -7.88 -3.36
CA HIS A 24 -10.18 -7.36 -2.71
C HIS A 24 -9.75 -6.44 -1.58
N LEU A 25 -10.50 -5.37 -1.37
CA LEU A 25 -10.09 -4.33 -0.43
C LEU A 25 -11.15 -4.11 0.64
N HIS A 26 -10.75 -4.14 1.91
CA HIS A 26 -11.67 -3.87 3.01
C HIS A 26 -11.11 -2.74 3.87
N GLY A 27 -11.98 -1.87 4.31
CA GLY A 27 -11.55 -0.74 5.13
C GLY A 27 -12.17 -0.78 6.50
N GLU A 28 -12.88 -1.88 6.78
CA GLU A 28 -13.55 -2.09 8.06
C GLU A 28 -14.64 -1.05 8.28
N LYS A 29 -15.24 -1.05 9.46
CA LYS A 29 -16.30 -0.12 9.77
C LYS A 29 -15.81 0.94 10.74
N GLY A 30 -15.91 2.20 10.33
CA GLY A 30 -15.50 3.29 11.19
C GLY A 30 -14.12 3.80 10.86
N LYS A 31 -13.43 3.09 9.98
CA LYS A 31 -12.09 3.50 9.56
C LYS A 31 -12.14 4.28 8.28
N LEU A 32 -11.02 4.91 7.95
CA LEU A 32 -10.87 5.64 6.70
C LEU A 32 -9.57 5.21 6.04
N GLY A 33 -9.09 4.04 6.45
CA GLY A 33 -7.92 3.45 5.86
C GLY A 33 -8.26 2.07 5.33
N GLN A 34 -7.66 1.70 4.21
CA GLN A 34 -8.04 0.47 3.55
C GLN A 34 -6.99 -0.60 3.80
N TYR A 35 -7.43 -1.84 3.89
CA TYR A 35 -6.53 -2.96 4.15
C TYR A 35 -6.75 -4.05 3.11
N ILE A 36 -5.72 -4.83 2.83
CA ILE A 36 -5.83 -5.91 1.86
C ILE A 36 -6.72 -7.02 2.40
N ARG A 37 -7.82 -7.27 1.71
CA ARG A 37 -8.83 -8.20 2.16
C ARG A 37 -8.61 -9.60 1.60
N LEU A 38 -8.43 -9.68 0.30
CA LEU A 38 -8.24 -10.98 -0.36
C LEU A 38 -7.42 -10.81 -1.62
N VAL A 39 -6.54 -11.77 -1.87
CA VAL A 39 -5.72 -11.76 -3.06
C VAL A 39 -6.01 -13.00 -3.90
N GLU A 40 -6.31 -12.78 -5.17
CA GLU A 40 -6.63 -13.86 -6.08
C GLU A 40 -5.34 -14.50 -6.58
N PRO A 41 -5.14 -15.79 -6.33
CA PRO A 41 -3.92 -16.49 -6.74
C PRO A 41 -3.84 -16.69 -8.24
N GLY A 42 -3.04 -15.86 -8.87
CA GLY A 42 -2.89 -15.90 -10.32
C GLY A 42 -3.08 -14.55 -10.98
N SER A 43 -2.90 -13.49 -10.21
CA SER A 43 -3.05 -12.13 -10.71
C SER A 43 -1.73 -11.38 -10.58
N PRO A 44 -1.67 -10.15 -11.12
CA PRO A 44 -0.49 -9.28 -10.95
C PRO A 44 -0.35 -8.76 -9.52
N ALA A 45 -1.39 -8.90 -8.73
CA ALA A 45 -1.37 -8.43 -7.35
C ALA A 45 -0.30 -9.15 -6.54
N GLU A 46 -0.27 -10.47 -6.65
CA GLU A 46 0.73 -11.29 -5.96
C GLU A 46 2.11 -11.01 -6.53
N LYS A 47 2.13 -10.73 -7.82
CA LYS A 47 3.37 -10.46 -8.54
C LYS A 47 3.96 -9.11 -8.10
N ALA A 48 3.11 -8.25 -7.54
CA ALA A 48 3.54 -6.95 -7.06
C ALA A 48 3.94 -7.02 -5.58
N GLY A 49 3.50 -8.08 -4.92
CA GLY A 49 3.84 -8.26 -3.52
C GLY A 49 2.73 -7.80 -2.59
N LEU A 50 1.49 -8.05 -2.98
CA LEU A 50 0.35 -7.74 -2.14
C LEU A 50 -0.02 -8.96 -1.31
N LEU A 51 -0.20 -8.75 -0.01
CA LEU A 51 -0.52 -9.84 0.90
C LEU A 51 -1.73 -9.48 1.75
N ALA A 52 -2.63 -10.45 1.94
CA ALA A 52 -3.85 -10.22 2.70
C ALA A 52 -3.55 -9.88 4.15
N GLY A 53 -3.69 -8.61 4.49
CA GLY A 53 -3.39 -8.16 5.83
C GLY A 53 -2.68 -6.83 5.84
N ASP A 54 -1.96 -6.56 4.75
CA ASP A 54 -1.22 -5.32 4.60
C ASP A 54 -2.15 -4.11 4.53
N ARG A 55 -1.65 -2.99 5.02
CA ARG A 55 -2.42 -1.76 5.08
C ARG A 55 -2.19 -0.92 3.83
N LEU A 56 -3.26 -0.55 3.17
CA LEU A 56 -3.20 0.23 1.94
C LEU A 56 -3.00 1.71 2.27
N VAL A 57 -1.77 2.16 2.16
CA VAL A 57 -1.42 3.52 2.53
C VAL A 57 -1.66 4.49 1.36
N GLU A 58 -1.34 4.05 0.15
CA GLU A 58 -1.46 4.93 -1.00
C GLU A 58 -1.84 4.15 -2.26
N VAL A 59 -2.54 4.84 -3.18
CA VAL A 59 -2.98 4.24 -4.43
C VAL A 59 -2.62 5.13 -5.61
N ASN A 60 -1.68 4.65 -6.43
CA ASN A 60 -1.27 5.30 -7.68
C ASN A 60 -0.47 6.57 -7.42
N GLY A 61 -0.65 7.17 -6.26
CA GLY A 61 0.04 8.40 -5.94
C GLY A 61 -0.76 9.32 -5.03
N GLU A 62 -1.82 8.82 -4.42
CA GLU A 62 -2.58 9.60 -3.46
C GLU A 62 -2.69 8.83 -2.14
N ASN A 63 -2.48 9.54 -1.04
CA ASN A 63 -2.46 8.94 0.28
C ASN A 63 -3.88 8.59 0.72
N VAL A 64 -4.22 7.32 0.63
CA VAL A 64 -5.60 6.88 0.82
C VAL A 64 -5.90 6.49 2.26
N GLU A 65 -4.99 6.82 3.17
CA GLU A 65 -5.21 6.58 4.60
C GLU A 65 -6.26 7.53 5.16
N LYS A 66 -6.76 8.43 4.32
CA LYS A 66 -7.81 9.35 4.71
C LYS A 66 -8.89 9.38 3.63
N GLU A 67 -9.06 8.24 2.96
CA GLU A 67 -10.04 8.10 1.89
C GLU A 67 -11.09 7.06 2.26
N THR A 68 -11.84 6.60 1.27
CA THR A 68 -12.85 5.56 1.49
C THR A 68 -12.73 4.48 0.42
N HIS A 69 -13.39 3.35 0.61
CA HIS A 69 -13.36 2.27 -0.37
C HIS A 69 -13.77 2.79 -1.75
N GLN A 70 -14.86 3.53 -1.79
CA GLN A 70 -15.38 4.07 -3.04
C GLN A 70 -14.37 5.00 -3.71
N GLN A 71 -13.78 5.90 -2.93
CA GLN A 71 -12.82 6.86 -3.47
C GLN A 71 -11.57 6.15 -3.97
N VAL A 72 -11.14 5.12 -3.24
CA VAL A 72 -9.99 4.33 -3.66
C VAL A 72 -10.28 3.58 -4.95
N VAL A 73 -11.50 3.04 -5.09
CA VAL A 73 -11.88 2.31 -6.29
C VAL A 73 -11.73 3.18 -7.53
N SER A 74 -12.21 4.42 -7.46
CA SER A 74 -12.07 5.36 -8.57
C SER A 74 -10.60 5.63 -8.87
N ARG A 75 -9.77 5.69 -7.82
CA ARG A 75 -8.34 5.90 -7.99
C ARG A 75 -7.68 4.69 -8.67
N ILE A 76 -8.18 3.50 -8.35
CA ILE A 76 -7.70 2.28 -8.99
C ILE A 76 -8.07 2.28 -10.48
N ARG A 77 -9.27 2.77 -10.77
CA ARG A 77 -9.73 2.88 -12.16
C ARG A 77 -8.99 4.00 -12.89
N ALA A 78 -8.41 4.92 -12.12
CA ALA A 78 -7.65 6.03 -12.69
C ALA A 78 -6.34 5.56 -13.28
N ALA A 79 -5.89 4.39 -12.83
CA ALA A 79 -4.70 3.78 -13.39
C ALA A 79 -4.95 3.40 -14.84
N LEU A 80 -4.02 3.78 -15.71
CA LEU A 80 -4.18 3.57 -17.14
C LEU A 80 -3.94 2.12 -17.51
N ASN A 81 -2.80 1.60 -17.09
CA ASN A 81 -2.45 0.22 -17.35
C ASN A 81 -1.96 -0.47 -16.08
N ALA A 82 -1.50 0.32 -15.12
CA ALA A 82 -0.94 -0.23 -13.89
C ALA A 82 -1.14 0.72 -12.74
N VAL A 83 -1.20 0.18 -11.53
CA VAL A 83 -1.40 0.99 -10.34
C VAL A 83 -0.28 0.71 -9.33
N ARG A 84 0.16 1.75 -8.66
CA ARG A 84 1.16 1.61 -7.61
C ARG A 84 0.50 1.62 -6.25
N LEU A 85 0.56 0.52 -5.55
CA LEU A 85 -0.07 0.39 -4.25
C LEU A 85 0.98 0.34 -3.15
N LEU A 86 0.95 1.30 -2.25
CA LEU A 86 1.88 1.32 -1.14
C LEU A 86 1.23 0.66 0.06
N VAL A 87 1.80 -0.45 0.50
CA VAL A 87 1.26 -1.16 1.65
C VAL A 87 2.33 -1.43 2.69
N VAL A 88 1.90 -1.53 3.93
CA VAL A 88 2.79 -1.75 5.04
C VAL A 88 2.08 -2.59 6.10
N ASP A 89 2.85 -3.32 6.90
CA ASP A 89 2.31 -4.02 8.06
C ASP A 89 1.55 -3.03 8.95
N PRO A 90 0.24 -3.28 9.12
CA PRO A 90 -0.67 -2.34 9.76
C PRO A 90 -0.27 -1.94 11.17
N GLU A 91 0.21 -2.92 11.95
CA GLU A 91 0.62 -2.65 13.32
C GLU A 91 1.94 -1.88 13.35
N THR A 92 2.84 -2.21 12.45
CA THR A 92 4.10 -1.50 12.35
C THR A 92 3.86 -0.06 11.90
N ASP A 93 2.91 0.12 11.00
CA ASP A 93 2.54 1.46 10.55
C ASP A 93 2.01 2.29 11.71
N GLU A 94 1.28 1.64 12.61
CA GLU A 94 0.70 2.31 13.76
C GLU A 94 1.80 2.98 14.59
N GLN A 95 2.87 2.24 14.88
CA GLN A 95 3.98 2.79 15.64
C GLN A 95 4.79 3.76 14.78
N LEU A 96 5.05 3.39 13.52
CA LEU A 96 5.87 4.22 12.64
C LEU A 96 5.26 5.61 12.47
N GLN A 97 3.95 5.66 12.26
CA GLN A 97 3.27 6.93 12.03
C GLN A 97 3.40 7.88 13.22
N LYS A 98 3.33 7.33 14.43
CA LYS A 98 3.40 8.16 15.63
C LYS A 98 4.83 8.64 15.89
N LEU A 99 5.79 7.95 15.28
CA LEU A 99 7.19 8.32 15.39
C LEU A 99 7.50 9.51 14.47
N GLY A 100 6.49 9.93 13.72
CA GLY A 100 6.68 11.03 12.78
C GLY A 100 7.24 10.55 11.47
N VAL A 101 6.91 9.33 11.11
CA VAL A 101 7.42 8.70 9.89
C VAL A 101 6.52 8.98 8.69
N GLN A 102 7.14 9.42 7.61
CA GLN A 102 6.42 9.62 6.34
C GLN A 102 6.57 8.37 5.48
N VAL A 103 5.70 7.41 5.72
CA VAL A 103 5.73 6.11 5.06
C VAL A 103 5.47 6.22 3.54
N ARG A 104 4.91 7.35 3.13
CA ARG A 104 4.35 7.49 1.78
C ARG A 104 5.38 7.27 0.67
N GLU A 105 6.57 7.86 0.79
CA GLU A 105 7.55 7.69 -0.27
C GLU A 105 8.94 8.16 0.17
N GLU A 106 9.03 8.82 1.31
CA GLU A 106 10.30 9.32 1.82
C GLU A 106 11.33 8.20 1.93
N LEU A 107 10.87 7.04 2.39
CA LEU A 107 11.72 5.87 2.52
C LEU A 107 12.18 5.38 1.16
N LEU A 108 11.28 5.41 0.20
CA LEU A 108 11.53 4.78 -1.09
C LEU A 108 12.31 5.72 -2.01
N ARG A 109 12.38 6.99 -1.63
CA ARG A 109 13.18 7.95 -2.37
C ARG A 109 14.65 7.78 -2.01
N ALA A 110 14.93 7.73 -0.71
CA ALA A 110 16.29 7.56 -0.23
C ALA A 110 16.81 6.18 -0.58
N GLN A 111 15.97 5.17 -0.41
CA GLN A 111 16.35 3.80 -0.73
C GLN A 111 15.81 3.42 -2.10
N GLU A 112 16.67 3.50 -3.11
CA GLU A 112 16.28 3.12 -4.44
C GLU A 112 16.12 1.60 -4.55
N ALA A 113 14.87 1.16 -4.52
CA ALA A 113 14.55 -0.26 -4.53
C ALA A 113 14.73 -0.85 -5.92
N PRO A 114 15.47 -1.96 -6.02
CA PRO A 114 15.72 -2.63 -7.30
C PRO A 114 14.54 -3.46 -7.76
N GLY A 115 13.60 -2.81 -8.42
CA GLY A 115 12.44 -3.50 -8.97
C GLY A 115 12.83 -4.31 -10.18
N GLN A 116 13.64 -3.70 -11.04
CA GLN A 116 14.18 -4.37 -12.21
C GLN A 116 15.55 -3.78 -12.52
N ALA A 117 16.37 -3.66 -11.48
CA ALA A 117 17.71 -3.11 -11.61
C ALA A 117 18.70 -4.21 -11.99
N GLY A 1 16.14 1.16 23.76
CA GLY A 1 16.41 0.79 22.36
C GLY A 1 15.14 0.53 21.58
N ILE A 2 14.84 1.40 20.62
CA ILE A 2 13.67 1.24 19.78
C ILE A 2 14.10 0.81 18.39
N ASP A 3 13.27 0.08 17.69
CA ASP A 3 13.55 -0.31 16.33
C ASP A 3 12.93 0.70 15.37
N PRO A 4 13.77 1.57 14.78
CA PRO A 4 13.32 2.64 13.89
C PRO A 4 12.66 2.07 12.64
N PHE A 5 13.13 0.90 12.26
CA PHE A 5 12.64 0.24 11.07
C PHE A 5 12.72 -1.26 11.23
N THR A 6 11.70 -1.94 10.75
CA THR A 6 11.56 -3.36 10.95
C THR A 6 10.84 -3.98 9.76
N MET A 7 9.77 -3.34 9.33
CA MET A 7 9.05 -3.75 8.14
C MET A 7 8.64 -2.52 7.36
N LEU A 8 9.60 -1.96 6.63
CA LEU A 8 9.36 -0.76 5.85
C LEU A 8 8.56 -1.10 4.58
N PRO A 9 7.85 -0.10 4.03
CA PRO A 9 6.95 -0.31 2.92
C PRO A 9 7.62 -0.04 1.58
N ARG A 10 7.03 -0.58 0.53
CA ARG A 10 7.52 -0.39 -0.81
C ARG A 10 6.34 -0.11 -1.74
N LEU A 11 6.58 0.67 -2.79
CA LEU A 11 5.53 0.99 -3.73
C LEU A 11 5.39 -0.16 -4.71
N CYS A 12 4.31 -0.91 -4.56
CA CYS A 12 4.15 -2.15 -5.27
C CYS A 12 3.39 -1.91 -6.56
N CYS A 13 4.10 -2.07 -7.67
CA CYS A 13 3.51 -1.85 -8.97
C CYS A 13 3.05 -3.18 -9.57
N LEU A 14 1.75 -3.35 -9.67
CA LEU A 14 1.19 -4.53 -10.29
C LEU A 14 0.54 -4.16 -11.59
N GLU A 15 0.43 -5.11 -12.49
CA GLU A 15 0.07 -4.83 -13.87
C GLU A 15 -1.21 -5.55 -14.22
N LYS A 16 -2.15 -4.81 -14.80
CA LYS A 16 -3.48 -5.31 -15.06
C LYS A 16 -3.44 -6.43 -16.10
N GLY A 17 -4.02 -7.56 -15.73
CA GLY A 17 -4.20 -8.64 -16.68
C GLY A 17 -5.66 -8.76 -17.06
N PRO A 18 -6.05 -9.83 -17.76
CA PRO A 18 -7.44 -10.04 -18.17
C PRO A 18 -8.37 -10.23 -16.96
N ASN A 19 -7.79 -10.51 -15.81
CA ASN A 19 -8.55 -10.68 -14.58
C ASN A 19 -8.55 -9.40 -13.76
N GLY A 20 -7.89 -8.38 -14.29
CA GLY A 20 -7.72 -7.15 -13.56
C GLY A 20 -6.42 -7.16 -12.77
N TYR A 21 -6.51 -7.04 -11.46
CA TYR A 21 -5.33 -7.12 -10.62
C TYR A 21 -5.44 -8.29 -9.64
N GLY A 22 -6.67 -8.68 -9.34
CA GLY A 22 -6.89 -9.87 -8.53
C GLY A 22 -6.79 -9.62 -7.04
N PHE A 23 -7.15 -8.43 -6.60
CA PHE A 23 -7.14 -8.12 -5.18
C PHE A 23 -8.47 -7.53 -4.76
N HIS A 24 -8.78 -7.65 -3.49
CA HIS A 24 -10.03 -7.13 -2.94
C HIS A 24 -9.71 -6.22 -1.75
N LEU A 25 -10.50 -5.17 -1.60
CA LEU A 25 -10.21 -4.16 -0.58
C LEU A 25 -11.38 -4.04 0.39
N HIS A 26 -11.10 -3.83 1.67
CA HIS A 26 -12.17 -3.68 2.67
C HIS A 26 -11.86 -2.57 3.67
N GLY A 27 -12.92 -1.91 4.13
CA GLY A 27 -12.79 -0.88 5.15
C GLY A 27 -13.42 -1.31 6.45
N GLU A 28 -12.58 -1.59 7.45
CA GLU A 28 -13.03 -2.10 8.73
C GLU A 28 -13.77 -1.06 9.54
N LYS A 29 -14.75 -1.50 10.32
CA LYS A 29 -15.50 -0.59 11.19
C LYS A 29 -14.59 -0.06 12.30
N GLY A 30 -14.36 1.26 12.31
CA GLY A 30 -13.51 1.86 13.32
C GLY A 30 -12.09 1.99 12.83
N LYS A 31 -11.93 2.58 11.64
CA LYS A 31 -10.61 2.72 11.03
C LYS A 31 -10.44 4.12 10.47
N LEU A 32 -9.35 4.32 9.74
CA LEU A 32 -9.14 5.55 9.00
C LEU A 32 -8.78 5.24 7.54
N GLY A 33 -8.14 4.10 7.33
CA GLY A 33 -7.67 3.74 6.01
C GLY A 33 -8.29 2.46 5.49
N GLN A 34 -7.68 1.91 4.45
CA GLN A 34 -8.20 0.70 3.80
C GLN A 34 -7.28 -0.49 4.04
N TYR A 35 -7.83 -1.68 3.95
CA TYR A 35 -7.06 -2.90 4.14
C TYR A 35 -7.32 -3.88 3.02
N ILE A 36 -6.34 -4.72 2.71
CA ILE A 36 -6.50 -5.77 1.73
C ILE A 36 -7.39 -6.88 2.28
N ARG A 37 -8.47 -7.19 1.57
CA ARG A 37 -9.41 -8.21 2.00
C ARG A 37 -8.98 -9.58 1.50
N LEU A 38 -8.51 -9.61 0.27
CA LEU A 38 -8.12 -10.85 -0.37
C LEU A 38 -7.23 -10.59 -1.56
N VAL A 39 -6.35 -11.53 -1.84
CA VAL A 39 -5.56 -11.52 -3.05
C VAL A 39 -5.68 -12.88 -3.72
N GLU A 40 -5.98 -12.89 -5.00
CA GLU A 40 -6.21 -14.13 -5.71
C GLU A 40 -4.88 -14.79 -6.02
N PRO A 41 -4.62 -15.98 -5.45
CA PRO A 41 -3.37 -16.70 -5.69
C PRO A 41 -3.22 -17.05 -7.16
N GLY A 42 -2.23 -16.45 -7.77
CA GLY A 42 -2.03 -16.59 -9.19
C GLY A 42 -2.54 -15.39 -9.95
N SER A 43 -2.29 -14.20 -9.42
CA SER A 43 -2.67 -12.96 -10.09
C SER A 43 -1.41 -12.11 -10.38
N PRO A 44 -1.54 -10.82 -10.70
CA PRO A 44 -0.41 -9.90 -10.62
C PRO A 44 -0.27 -9.23 -9.24
N ALA A 45 -1.32 -9.33 -8.42
CA ALA A 45 -1.35 -8.62 -7.14
C ALA A 45 -0.43 -9.25 -6.10
N GLU A 46 -0.40 -10.58 -6.05
CA GLU A 46 0.36 -11.27 -5.01
C GLU A 46 1.82 -11.18 -5.37
N LYS A 47 2.03 -11.22 -6.67
CA LYS A 47 3.31 -11.06 -7.30
C LYS A 47 3.93 -9.71 -6.92
N ALA A 48 3.08 -8.70 -6.76
CA ALA A 48 3.54 -7.37 -6.39
C ALA A 48 3.84 -7.27 -4.90
N GLY A 49 3.33 -8.23 -4.13
CA GLY A 49 3.58 -8.25 -2.72
C GLY A 49 2.35 -7.97 -1.88
N LEU A 50 1.20 -7.85 -2.55
CA LEU A 50 -0.05 -7.59 -1.84
C LEU A 50 -0.56 -8.86 -1.17
N LEU A 51 -0.90 -8.75 0.09
CA LEU A 51 -1.42 -9.89 0.84
C LEU A 51 -2.59 -9.45 1.70
N ALA A 52 -3.51 -10.37 1.96
CA ALA A 52 -4.71 -10.07 2.73
C ALA A 52 -4.37 -9.77 4.18
N GLY A 53 -4.21 -8.49 4.47
CA GLY A 53 -3.86 -8.06 5.81
C GLY A 53 -3.07 -6.77 5.78
N ASP A 54 -2.40 -6.53 4.66
CA ASP A 54 -1.61 -5.32 4.46
C ASP A 54 -2.49 -4.07 4.52
N ARG A 55 -1.97 -3.03 5.14
CA ARG A 55 -2.68 -1.77 5.25
C ARG A 55 -2.36 -0.89 4.04
N LEU A 56 -3.40 -0.42 3.38
CA LEU A 56 -3.25 0.39 2.20
C LEU A 56 -2.96 1.84 2.59
N VAL A 57 -1.78 2.33 2.20
CA VAL A 57 -1.34 3.66 2.58
C VAL A 57 -1.51 4.65 1.45
N GLU A 58 -1.27 4.21 0.22
CA GLU A 58 -1.36 5.10 -0.93
C GLU A 58 -1.84 4.33 -2.16
N VAL A 59 -2.55 5.03 -3.04
CA VAL A 59 -3.06 4.44 -4.27
C VAL A 59 -2.85 5.40 -5.45
N ASN A 60 -2.06 4.96 -6.42
CA ASN A 60 -1.84 5.71 -7.65
C ASN A 60 -1.21 7.06 -7.33
N GLY A 61 -0.32 7.08 -6.34
CA GLY A 61 0.38 8.29 -5.98
C GLY A 61 -0.45 9.21 -5.11
N GLU A 62 -1.51 8.68 -4.52
CA GLU A 62 -2.39 9.49 -3.69
C GLU A 62 -2.54 8.87 -2.31
N ASN A 63 -2.45 9.70 -1.28
CA ASN A 63 -2.50 9.26 0.11
C ASN A 63 -3.90 8.78 0.48
N VAL A 64 -4.04 7.49 0.76
CA VAL A 64 -5.35 6.94 1.12
C VAL A 64 -5.36 6.49 2.59
N GLU A 65 -4.52 7.12 3.40
CA GLU A 65 -4.45 6.81 4.83
C GLU A 65 -5.77 7.07 5.54
N LYS A 66 -6.56 7.97 4.97
CA LYS A 66 -7.75 8.45 5.64
C LYS A 66 -8.90 8.67 4.67
N GLU A 67 -8.98 7.80 3.67
CA GLU A 67 -10.02 7.91 2.66
C GLU A 67 -11.02 6.77 2.79
N THR A 68 -11.87 6.62 1.78
CA THR A 68 -12.89 5.58 1.79
C THR A 68 -12.63 4.54 0.72
N HIS A 69 -13.33 3.43 0.80
CA HIS A 69 -13.26 2.38 -0.20
C HIS A 69 -13.59 2.96 -1.58
N GLN A 70 -14.64 3.78 -1.64
CA GLN A 70 -15.12 4.36 -2.89
C GLN A 70 -14.06 5.27 -3.52
N GLN A 71 -13.46 6.13 -2.70
CA GLN A 71 -12.44 7.06 -3.18
C GLN A 71 -11.25 6.30 -3.74
N VAL A 72 -10.85 5.25 -3.05
CA VAL A 72 -9.72 4.44 -3.50
C VAL A 72 -10.04 3.73 -4.82
N VAL A 73 -11.25 3.21 -4.96
CA VAL A 73 -11.65 2.49 -6.18
C VAL A 73 -11.50 3.38 -7.41
N SER A 74 -11.94 4.63 -7.31
CA SER A 74 -11.84 5.55 -8.42
C SER A 74 -10.37 5.81 -8.77
N ARG A 75 -9.52 5.87 -7.75
CA ARG A 75 -8.08 6.06 -7.95
C ARG A 75 -7.48 4.86 -8.68
N ILE A 76 -7.97 3.67 -8.35
CA ILE A 76 -7.53 2.44 -9.02
C ILE A 76 -7.92 2.49 -10.50
N ARG A 77 -9.04 3.14 -10.79
CA ARG A 77 -9.52 3.28 -12.16
C ARG A 77 -8.62 4.23 -12.95
N ALA A 78 -7.88 5.07 -12.24
CA ALA A 78 -6.97 6.03 -12.87
C ALA A 78 -5.71 5.32 -13.39
N ALA A 79 -5.59 4.05 -13.06
CA ALA A 79 -4.48 3.23 -13.55
C ALA A 79 -4.88 2.57 -14.86
N LEU A 80 -4.07 2.77 -15.88
CA LEU A 80 -4.38 2.29 -17.22
C LEU A 80 -4.16 0.79 -17.32
N ASN A 81 -2.91 0.36 -17.41
CA ASN A 81 -2.61 -1.07 -17.50
C ASN A 81 -1.77 -1.54 -16.33
N ALA A 82 -1.40 -0.62 -15.46
CA ALA A 82 -0.70 -0.96 -14.23
C ALA A 82 -0.99 0.05 -13.15
N VAL A 83 -0.98 -0.38 -11.90
CA VAL A 83 -1.31 0.48 -10.77
C VAL A 83 -0.21 0.44 -9.71
N ARG A 84 0.07 1.59 -9.11
CA ARG A 84 1.00 1.66 -8.01
C ARG A 84 0.24 1.68 -6.69
N LEU A 85 0.46 0.67 -5.87
CA LEU A 85 -0.18 0.58 -4.58
C LEU A 85 0.86 0.50 -3.47
N LEU A 86 0.76 1.39 -2.50
CA LEU A 86 1.66 1.37 -1.37
C LEU A 86 0.98 0.71 -0.18
N VAL A 87 1.51 -0.42 0.26
CA VAL A 87 0.98 -1.09 1.43
C VAL A 87 2.11 -1.39 2.41
N VAL A 88 1.73 -1.53 3.67
CA VAL A 88 2.67 -1.84 4.73
C VAL A 88 1.95 -2.68 5.79
N ASP A 89 2.72 -3.47 6.53
CA ASP A 89 2.16 -4.25 7.63
C ASP A 89 1.47 -3.33 8.62
N PRO A 90 0.18 -3.57 8.90
CA PRO A 90 -0.67 -2.70 9.72
C PRO A 90 -0.13 -2.49 11.12
N GLU A 91 0.47 -3.53 11.69
CA GLU A 91 1.03 -3.44 13.03
C GLU A 91 2.30 -2.59 13.01
N THR A 92 3.13 -2.82 12.01
CA THR A 92 4.35 -2.04 11.83
C THR A 92 4.03 -0.59 11.50
N ASP A 93 2.98 -0.40 10.72
CA ASP A 93 2.55 0.95 10.33
C ASP A 93 2.23 1.78 11.57
N GLU A 94 1.61 1.13 12.56
CA GLU A 94 1.28 1.78 13.81
C GLU A 94 2.53 2.31 14.50
N GLN A 95 3.56 1.47 14.61
CA GLN A 95 4.78 1.86 15.31
C GLN A 95 5.60 2.87 14.50
N LEU A 96 5.67 2.69 13.18
CA LEU A 96 6.55 3.52 12.35
C LEU A 96 6.02 4.95 12.23
N GLN A 97 4.70 5.11 12.02
CA GLN A 97 4.12 6.44 11.82
C GLN A 97 4.41 7.37 12.99
N LYS A 98 4.17 6.89 14.20
CA LYS A 98 4.30 7.71 15.40
C LYS A 98 5.75 8.09 15.66
N LEU A 99 6.69 7.36 15.06
CA LEU A 99 8.10 7.68 15.17
C LEU A 99 8.43 8.96 14.42
N GLY A 100 7.56 9.32 13.48
CA GLY A 100 7.77 10.52 12.70
C GLY A 100 8.29 10.23 11.32
N VAL A 101 7.88 9.09 10.76
CA VAL A 101 8.34 8.67 9.46
C VAL A 101 7.24 8.80 8.41
N GLN A 102 7.59 9.40 7.28
CA GLN A 102 6.65 9.58 6.19
C GLN A 102 6.66 8.35 5.29
N VAL A 103 5.83 7.39 5.63
CA VAL A 103 5.78 6.09 4.96
C VAL A 103 5.31 6.20 3.50
N ARG A 104 4.47 7.18 3.19
CA ARG A 104 3.78 7.21 1.90
C ARG A 104 4.73 7.26 0.70
N GLU A 105 5.77 8.08 0.76
CA GLU A 105 6.62 8.26 -0.39
C GLU A 105 7.99 8.81 0.00
N GLU A 106 8.00 9.66 1.03
CA GLU A 106 9.23 10.28 1.51
C GLU A 106 10.28 9.22 1.87
N LEU A 107 9.83 8.13 2.49
CA LEU A 107 10.72 7.07 2.89
C LEU A 107 11.30 6.33 1.69
N LEU A 108 10.64 6.44 0.55
CA LEU A 108 11.07 5.76 -0.66
C LEU A 108 12.03 6.63 -1.46
N ARG A 109 11.81 7.95 -1.40
CA ARG A 109 12.66 8.91 -2.10
C ARG A 109 13.91 9.23 -1.28
N ALA A 110 13.78 9.16 0.03
CA ALA A 110 14.88 9.44 0.93
C ALA A 110 14.87 8.49 2.11
N GLN A 111 15.68 7.44 2.02
CA GLN A 111 15.79 6.45 3.09
C GLN A 111 17.01 6.77 3.94
N GLU A 112 17.51 7.98 3.77
CA GLU A 112 18.73 8.42 4.42
C GLU A 112 18.46 8.88 5.85
N ALA A 113 18.37 7.92 6.75
CA ALA A 113 18.16 8.19 8.16
C ALA A 113 19.46 8.61 8.82
N PRO A 114 19.55 9.86 9.27
CA PRO A 114 20.73 10.40 9.94
C PRO A 114 20.99 9.70 11.28
N GLY A 115 22.24 9.77 11.73
CA GLY A 115 22.57 9.24 13.04
C GLY A 115 22.08 10.15 14.15
N GLN A 116 22.98 10.93 14.70
CA GLN A 116 22.60 11.96 15.68
C GLN A 116 22.85 13.34 15.09
N ALA A 117 23.19 13.36 13.81
CA ALA A 117 23.49 14.59 13.11
C ALA A 117 23.27 14.40 11.61
N GLY A 1 12.58 -1.75 22.59
CA GLY A 1 12.05 -0.42 22.94
C GLY A 1 11.15 0.12 21.86
N ILE A 2 11.26 1.42 21.59
CA ILE A 2 10.52 2.04 20.50
C ILE A 2 11.36 1.97 19.23
N ASP A 3 10.72 1.66 18.13
CA ASP A 3 11.42 1.62 16.86
C ASP A 3 11.07 2.85 16.03
N PRO A 4 12.09 3.56 15.55
CA PRO A 4 11.90 4.66 14.63
C PRO A 4 11.60 4.16 13.22
N PHE A 5 12.16 2.99 12.93
CA PHE A 5 12.04 2.36 11.63
C PHE A 5 12.20 0.85 11.81
N THR A 6 11.48 0.06 11.02
CA THR A 6 11.42 -1.36 11.28
C THR A 6 11.40 -2.19 9.98
N MET A 7 10.23 -2.63 9.52
CA MET A 7 10.14 -3.39 8.28
C MET A 7 9.76 -2.46 7.16
N LEU A 8 9.05 -1.39 7.56
CA LEU A 8 8.80 -0.24 6.71
C LEU A 8 7.73 -0.52 5.66
N PRO A 9 7.11 0.54 5.10
CA PRO A 9 6.07 0.44 4.07
C PRO A 9 6.61 -0.07 2.75
N ARG A 10 5.73 -0.64 1.93
CA ARG A 10 6.11 -1.17 0.64
C ARG A 10 5.21 -0.66 -0.46
N LEU A 11 5.82 -0.10 -1.48
CA LEU A 11 5.08 0.34 -2.66
C LEU A 11 5.04 -0.79 -3.68
N CYS A 12 3.88 -1.40 -3.80
CA CYS A 12 3.69 -2.48 -4.74
C CYS A 12 3.03 -1.97 -6.01
N CYS A 13 3.80 -1.90 -7.09
CA CYS A 13 3.27 -1.44 -8.36
C CYS A 13 2.96 -2.63 -9.26
N LEU A 14 1.69 -2.84 -9.50
CA LEU A 14 1.25 -3.96 -10.32
C LEU A 14 0.59 -3.45 -11.59
N GLU A 15 0.42 -4.34 -12.54
CA GLU A 15 0.00 -3.97 -13.88
C GLU A 15 -1.31 -4.65 -14.21
N LYS A 16 -2.13 -3.98 -15.00
CA LYS A 16 -3.44 -4.49 -15.34
C LYS A 16 -3.32 -5.67 -16.31
N GLY A 17 -3.58 -6.85 -15.81
CA GLY A 17 -3.59 -8.03 -16.66
C GLY A 17 -4.96 -8.30 -17.23
N PRO A 18 -5.21 -9.51 -17.75
CA PRO A 18 -6.49 -9.87 -18.35
C PRO A 18 -7.65 -9.78 -17.36
N ASN A 19 -7.36 -9.96 -16.08
CA ASN A 19 -8.39 -9.93 -15.04
C ASN A 19 -8.21 -8.71 -14.15
N GLY A 20 -7.60 -7.67 -14.69
CA GLY A 20 -7.38 -6.46 -13.94
C GLY A 20 -6.16 -6.55 -13.06
N TYR A 21 -6.35 -6.72 -11.77
CA TYR A 21 -5.22 -6.77 -10.84
C TYR A 21 -5.32 -7.96 -9.89
N GLY A 22 -6.53 -8.22 -9.39
CA GLY A 22 -6.78 -9.43 -8.63
C GLY A 22 -6.60 -9.28 -7.13
N PHE A 23 -7.09 -8.19 -6.56
CA PHE A 23 -7.01 -7.98 -5.12
C PHE A 23 -8.36 -7.51 -4.59
N HIS A 24 -8.57 -7.71 -3.30
CA HIS A 24 -9.82 -7.33 -2.66
C HIS A 24 -9.56 -6.47 -1.42
N LEU A 25 -10.42 -5.50 -1.18
CA LEU A 25 -10.23 -4.56 -0.08
C LEU A 25 -11.43 -4.52 0.84
N HIS A 26 -11.18 -4.13 2.08
CA HIS A 26 -12.25 -3.89 3.04
C HIS A 26 -11.94 -2.65 3.86
N GLY A 27 -12.96 -1.85 4.10
CA GLY A 27 -12.81 -0.67 4.91
C GLY A 27 -13.42 -0.87 6.28
N GLU A 28 -12.60 -0.80 7.31
CA GLU A 28 -13.04 -1.07 8.66
C GLU A 28 -13.87 0.07 9.22
N LYS A 29 -14.99 -0.29 9.85
CA LYS A 29 -15.92 0.67 10.41
C LYS A 29 -15.24 1.55 11.46
N GLY A 30 -15.02 2.80 11.11
CA GLY A 30 -14.36 3.72 12.00
C GLY A 30 -13.18 4.37 11.32
N LYS A 31 -12.55 3.64 10.41
CA LYS A 31 -11.40 4.15 9.68
C LYS A 31 -11.78 4.38 8.22
N LEU A 32 -11.01 5.20 7.56
CA LEU A 32 -11.21 5.48 6.15
C LEU A 32 -10.14 4.79 5.32
N GLY A 33 -9.20 4.17 6.02
CA GLY A 33 -8.12 3.47 5.35
C GLY A 33 -8.54 2.07 4.96
N GLN A 34 -8.01 1.58 3.86
CA GLN A 34 -8.41 0.28 3.35
C GLN A 34 -7.36 -0.76 3.68
N TYR A 35 -7.78 -2.00 3.81
CA TYR A 35 -6.86 -3.09 4.11
C TYR A 35 -7.01 -4.19 3.08
N ILE A 36 -5.91 -4.85 2.75
CA ILE A 36 -5.94 -5.94 1.78
C ILE A 36 -6.62 -7.17 2.39
N ARG A 37 -7.70 -7.61 1.77
CA ARG A 37 -8.46 -8.74 2.29
C ARG A 37 -8.04 -10.02 1.61
N LEU A 38 -7.95 -9.98 0.29
CA LEU A 38 -7.61 -11.16 -0.47
C LEU A 38 -6.80 -10.82 -1.71
N VAL A 39 -5.95 -11.74 -2.11
CA VAL A 39 -5.22 -11.63 -3.34
C VAL A 39 -5.50 -12.88 -4.19
N GLU A 40 -6.04 -12.66 -5.38
CA GLU A 40 -6.38 -13.76 -6.27
C GLU A 40 -5.11 -14.48 -6.70
N PRO A 41 -5.09 -15.81 -6.63
CA PRO A 41 -3.91 -16.58 -6.98
C PRO A 41 -3.66 -16.58 -8.48
N GLY A 42 -2.47 -16.14 -8.84
CA GLY A 42 -2.10 -16.02 -10.24
C GLY A 42 -2.34 -14.62 -10.77
N SER A 43 -2.39 -13.65 -9.87
CA SER A 43 -2.61 -12.27 -10.26
C SER A 43 -1.30 -11.47 -10.19
N PRO A 44 -1.24 -10.35 -10.93
CA PRO A 44 -0.08 -9.44 -10.86
C PRO A 44 0.05 -8.80 -9.48
N ALA A 45 -1.01 -8.89 -8.68
CA ALA A 45 -1.00 -8.38 -7.32
C ALA A 45 -0.01 -9.16 -6.45
N GLU A 46 0.01 -10.47 -6.64
CA GLU A 46 0.94 -11.34 -5.92
C GLU A 46 2.37 -11.00 -6.33
N LYS A 47 2.55 -10.70 -7.61
CA LYS A 47 3.86 -10.40 -8.17
C LYS A 47 4.38 -9.07 -7.64
N ALA A 48 3.46 -8.16 -7.31
CA ALA A 48 3.83 -6.86 -6.78
C ALA A 48 4.18 -6.94 -5.30
N GLY A 49 3.74 -8.02 -4.67
CA GLY A 49 4.03 -8.21 -3.26
C GLY A 49 2.90 -7.77 -2.36
N LEU A 50 1.66 -7.93 -2.82
CA LEU A 50 0.50 -7.61 -2.01
C LEU A 50 0.10 -8.80 -1.15
N LEU A 51 -0.18 -8.55 0.11
CA LEU A 51 -0.59 -9.61 1.02
C LEU A 51 -1.76 -9.15 1.87
N ALA A 52 -2.55 -10.13 2.30
CA ALA A 52 -3.73 -9.86 3.10
C ALA A 52 -3.32 -9.46 4.52
N GLY A 53 -3.85 -8.34 4.97
CA GLY A 53 -3.52 -7.85 6.30
C GLY A 53 -2.75 -6.56 6.26
N ASP A 54 -2.21 -6.23 5.08
CA ASP A 54 -1.45 -5.00 4.89
C ASP A 54 -2.39 -3.80 4.74
N ARG A 55 -1.94 -2.65 5.22
CA ARG A 55 -2.74 -1.43 5.22
C ARG A 55 -2.47 -0.61 3.96
N LEU A 56 -3.53 -0.26 3.24
CA LEU A 56 -3.42 0.54 2.03
C LEU A 56 -3.20 2.00 2.38
N VAL A 57 -2.01 2.51 2.05
CA VAL A 57 -1.64 3.88 2.40
C VAL A 57 -1.69 4.79 1.18
N GLU A 58 -1.41 4.25 0.00
CA GLU A 58 -1.41 5.06 -1.21
C GLU A 58 -1.94 4.26 -2.39
N VAL A 59 -2.57 4.97 -3.33
CA VAL A 59 -3.10 4.37 -4.55
C VAL A 59 -2.76 5.23 -5.75
N ASN A 60 -1.92 4.70 -6.63
CA ASN A 60 -1.56 5.34 -7.89
C ASN A 60 -0.82 6.67 -7.63
N GLY A 61 -0.02 6.70 -6.58
CA GLY A 61 0.79 7.86 -6.30
C GLY A 61 0.07 8.90 -5.47
N GLU A 62 -1.08 8.54 -4.91
CA GLU A 62 -1.82 9.47 -4.08
C GLU A 62 -2.10 8.86 -2.70
N ASN A 63 -1.82 9.63 -1.67
CA ASN A 63 -1.99 9.18 -0.29
C ASN A 63 -3.47 9.01 0.05
N VAL A 64 -3.90 7.76 0.18
CA VAL A 64 -5.31 7.46 0.42
C VAL A 64 -5.61 7.31 1.91
N GLU A 65 -4.69 7.79 2.75
CA GLU A 65 -4.88 7.77 4.19
C GLU A 65 -5.85 8.87 4.63
N LYS A 66 -6.43 9.52 3.64
CA LYS A 66 -7.48 10.51 3.86
C LYS A 66 -8.59 10.32 2.84
N GLU A 67 -8.69 9.11 2.32
CA GLU A 67 -9.63 8.80 1.26
C GLU A 67 -10.76 7.92 1.78
N THR A 68 -11.60 7.44 0.87
CA THR A 68 -12.71 6.57 1.23
C THR A 68 -12.68 5.32 0.36
N HIS A 69 -13.57 4.38 0.62
CA HIS A 69 -13.62 3.17 -0.17
C HIS A 69 -13.95 3.51 -1.63
N GLN A 70 -14.95 4.35 -1.83
CA GLN A 70 -15.34 4.73 -3.18
C GLN A 70 -14.23 5.54 -3.86
N GLN A 71 -13.61 6.45 -3.11
CA GLN A 71 -12.59 7.32 -3.66
C GLN A 71 -11.34 6.55 -4.06
N VAL A 72 -10.94 5.56 -3.26
CA VAL A 72 -9.78 4.74 -3.63
C VAL A 72 -10.07 3.88 -4.85
N VAL A 73 -11.28 3.32 -4.89
CA VAL A 73 -11.74 2.59 -6.08
C VAL A 73 -11.67 3.49 -7.31
N SER A 74 -12.03 4.75 -7.12
CA SER A 74 -11.95 5.74 -8.20
C SER A 74 -10.50 5.90 -8.67
N ARG A 75 -9.56 5.87 -7.72
CA ARG A 75 -8.15 5.96 -8.04
C ARG A 75 -7.69 4.71 -8.79
N ILE A 76 -8.24 3.56 -8.42
CA ILE A 76 -7.95 2.30 -9.11
C ILE A 76 -8.44 2.39 -10.55
N ARG A 77 -9.59 3.04 -10.74
CA ARG A 77 -10.14 3.26 -12.07
C ARG A 77 -9.28 4.24 -12.87
N ALA A 78 -8.55 5.09 -12.16
CA ALA A 78 -7.71 6.09 -12.79
C ALA A 78 -6.43 5.45 -13.36
N ALA A 79 -6.10 4.26 -12.87
CA ALA A 79 -4.97 3.52 -13.39
C ALA A 79 -5.18 3.18 -14.85
N LEU A 80 -4.17 3.46 -15.67
CA LEU A 80 -4.26 3.25 -17.11
C LEU A 80 -3.79 1.85 -17.47
N ASN A 81 -2.51 1.60 -17.30
CA ASN A 81 -1.93 0.30 -17.61
C ASN A 81 -1.48 -0.39 -16.35
N ALA A 82 -1.19 0.41 -15.32
CA ALA A 82 -0.72 -0.13 -14.06
C ALA A 82 -1.13 0.78 -12.90
N VAL A 83 -1.18 0.22 -11.71
CA VAL A 83 -1.55 0.98 -10.53
C VAL A 83 -0.52 0.75 -9.43
N ARG A 84 -0.23 1.79 -8.67
CA ARG A 84 0.67 1.64 -7.54
C ARG A 84 -0.15 1.49 -6.28
N LEU A 85 0.15 0.47 -5.51
CA LEU A 85 -0.52 0.28 -4.24
C LEU A 85 0.51 0.23 -3.13
N LEU A 86 0.50 1.26 -2.30
CA LEU A 86 1.43 1.33 -1.19
C LEU A 86 0.78 0.76 0.06
N VAL A 87 1.44 -0.19 0.67
CA VAL A 87 0.92 -0.81 1.87
C VAL A 87 1.97 -0.85 2.97
N VAL A 88 1.52 -1.12 4.18
CA VAL A 88 2.40 -1.25 5.33
C VAL A 88 1.81 -2.27 6.31
N ASP A 89 2.67 -3.09 6.89
CA ASP A 89 2.23 -4.10 7.85
C ASP A 89 1.90 -3.44 9.18
N PRO A 90 0.88 -3.98 9.88
CA PRO A 90 0.28 -3.36 11.08
C PRO A 90 1.27 -3.05 12.20
N GLU A 91 2.33 -3.85 12.32
CA GLU A 91 3.33 -3.64 13.36
C GLU A 91 4.17 -2.41 13.03
N THR A 92 4.64 -2.35 11.80
CA THR A 92 5.37 -1.18 11.33
C THR A 92 4.45 0.04 11.32
N ASP A 93 3.24 -0.18 10.82
CA ASP A 93 2.26 0.88 10.65
C ASP A 93 1.90 1.56 11.96
N GLU A 94 1.79 0.78 13.03
CA GLU A 94 1.35 1.29 14.32
C GLU A 94 2.27 2.43 14.78
N GLN A 95 3.57 2.18 14.73
CA GLN A 95 4.54 3.19 15.10
C GLN A 95 4.66 4.26 14.01
N LEU A 96 4.78 3.81 12.76
CA LEU A 96 5.08 4.69 11.63
C LEU A 96 4.03 5.78 11.44
N GLN A 97 2.75 5.47 11.64
CA GLN A 97 1.70 6.45 11.44
C GLN A 97 1.81 7.60 12.45
N LYS A 98 2.14 7.27 13.69
CA LYS A 98 2.23 8.27 14.75
C LYS A 98 3.49 9.10 14.62
N LEU A 99 4.56 8.45 14.17
CA LEU A 99 5.86 9.10 14.04
C LEU A 99 5.82 10.24 13.03
N GLY A 100 4.92 10.15 12.06
CA GLY A 100 4.85 11.17 11.02
C GLY A 100 5.98 11.02 10.03
N VAL A 101 5.89 10.00 9.19
CA VAL A 101 6.97 9.65 8.29
C VAL A 101 6.50 9.72 6.84
N GLN A 102 7.44 9.96 5.93
CA GLN A 102 7.17 9.96 4.49
C GLN A 102 6.92 8.54 3.97
N VAL A 103 5.93 7.88 4.56
CA VAL A 103 5.57 6.50 4.25
C VAL A 103 5.09 6.36 2.81
N ARG A 104 4.53 7.43 2.26
CA ARG A 104 3.81 7.38 0.99
C ARG A 104 4.69 6.92 -0.18
N GLU A 105 6.01 7.09 -0.05
CA GLU A 105 6.96 6.66 -1.08
C GLU A 105 8.35 7.16 -0.76
N GLU A 106 8.42 8.40 -0.31
CA GLU A 106 9.67 9.13 -0.18
C GLU A 106 10.69 8.36 0.68
N LEU A 107 10.21 7.60 1.66
CA LEU A 107 11.10 6.82 2.51
C LEU A 107 11.71 5.65 1.75
N LEU A 108 10.90 4.98 0.94
CA LEU A 108 11.35 3.80 0.22
C LEU A 108 11.92 4.17 -1.15
N ARG A 109 11.68 5.41 -1.55
CA ARG A 109 12.28 5.95 -2.76
C ARG A 109 13.72 6.36 -2.48
N ALA A 110 13.90 7.07 -1.37
CA ALA A 110 15.22 7.49 -0.94
C ALA A 110 16.12 6.31 -0.61
N GLN A 111 15.63 5.43 0.26
CA GLN A 111 16.39 4.25 0.64
C GLN A 111 15.63 2.98 0.29
N GLU A 112 16.16 2.24 -0.68
CA GLU A 112 15.56 0.98 -1.09
C GLU A 112 16.57 -0.16 -0.91
N ALA A 113 17.70 0.18 -0.29
CA ALA A 113 18.82 -0.76 -0.11
C ALA A 113 19.37 -1.21 -1.46
N PRO A 114 20.20 -0.38 -2.09
CA PRO A 114 20.75 -0.66 -3.40
C PRO A 114 21.96 -1.59 -3.32
N GLY A 115 21.68 -2.86 -3.34
CA GLY A 115 22.71 -3.86 -3.24
C GLY A 115 22.15 -5.21 -2.84
N GLN A 116 21.27 -5.72 -3.69
CA GLN A 116 20.65 -7.01 -3.44
C GLN A 116 21.64 -8.14 -3.62
N ALA A 117 21.45 -9.21 -2.86
CA ALA A 117 22.32 -10.37 -2.95
C ALA A 117 21.83 -11.31 -4.04
N GLY A 1 17.74 -0.92 21.77
CA GLY A 1 17.20 0.46 21.68
C GLY A 1 15.94 0.51 20.85
N ILE A 2 15.29 1.66 20.82
CA ILE A 2 14.06 1.80 20.05
C ILE A 2 14.38 1.87 18.57
N ASP A 3 13.60 1.16 17.78
CA ASP A 3 13.76 1.16 16.34
C ASP A 3 12.81 2.18 15.71
N PRO A 4 13.36 3.28 15.17
CA PRO A 4 12.58 4.32 14.51
C PRO A 4 12.12 3.90 13.13
N PHE A 5 12.77 2.86 12.63
CA PHE A 5 12.53 2.38 11.29
C PHE A 5 12.64 0.87 11.26
N THR A 6 11.80 0.24 10.46
CA THR A 6 11.64 -1.20 10.51
C THR A 6 10.60 -1.66 9.50
N MET A 7 10.96 -2.69 8.73
CA MET A 7 10.07 -3.29 7.72
C MET A 7 9.35 -2.23 6.89
N LEU A 8 10.10 -1.23 6.43
CA LEU A 8 9.52 -0.12 5.70
C LEU A 8 8.92 -0.60 4.40
N PRO A 9 7.72 -0.12 4.09
CA PRO A 9 6.94 -0.56 2.92
C PRO A 9 7.57 -0.15 1.59
N ARG A 10 7.23 -0.91 0.57
CA ARG A 10 7.68 -0.63 -0.78
C ARG A 10 6.46 -0.34 -1.65
N LEU A 11 6.69 0.42 -2.72
CA LEU A 11 5.62 0.75 -3.64
C LEU A 11 5.44 -0.40 -4.63
N CYS A 12 4.28 -1.02 -4.57
CA CYS A 12 3.99 -2.18 -5.39
C CYS A 12 3.31 -1.76 -6.69
N CYS A 13 3.98 -1.99 -7.80
CA CYS A 13 3.43 -1.68 -9.10
C CYS A 13 2.97 -2.96 -9.78
N LEU A 14 1.67 -3.09 -9.95
CA LEU A 14 1.11 -4.27 -10.59
C LEU A 14 0.30 -3.87 -11.81
N GLU A 15 0.16 -4.80 -12.73
CA GLU A 15 -0.45 -4.51 -14.02
C GLU A 15 -1.86 -5.06 -14.08
N LYS A 16 -2.72 -4.35 -14.77
CA LYS A 16 -4.10 -4.71 -14.90
C LYS A 16 -4.27 -5.85 -15.90
N GLY A 17 -4.79 -6.97 -15.44
CA GLY A 17 -5.06 -8.08 -16.32
C GLY A 17 -6.54 -8.19 -16.64
N PRO A 18 -7.01 -9.37 -17.06
CA PRO A 18 -8.41 -9.59 -17.42
C PRO A 18 -9.35 -9.40 -16.23
N ASN A 19 -8.84 -9.65 -15.03
CA ASN A 19 -9.66 -9.55 -13.82
C ASN A 19 -9.23 -8.34 -13.00
N GLY A 20 -8.65 -7.35 -13.68
CA GLY A 20 -8.17 -6.17 -12.99
C GLY A 20 -6.82 -6.41 -12.38
N TYR A 21 -6.78 -6.65 -11.07
CA TYR A 21 -5.50 -6.87 -10.41
C TYR A 21 -5.53 -8.09 -9.48
N GLY A 22 -6.74 -8.48 -9.06
CA GLY A 22 -6.88 -9.70 -8.28
C GLY A 22 -6.70 -9.50 -6.79
N PHE A 23 -7.00 -8.31 -6.29
CA PHE A 23 -6.95 -8.06 -4.87
C PHE A 23 -8.28 -7.49 -4.41
N HIS A 24 -8.74 -7.90 -3.24
CA HIS A 24 -9.97 -7.39 -2.69
C HIS A 24 -9.66 -6.52 -1.48
N LEU A 25 -10.36 -5.40 -1.37
CA LEU A 25 -10.06 -4.40 -0.36
C LEU A 25 -11.20 -4.29 0.65
N HIS A 26 -10.87 -4.29 1.94
CA HIS A 26 -11.89 -4.17 2.98
C HIS A 26 -11.61 -2.98 3.88
N GLY A 27 -12.68 -2.37 4.35
CA GLY A 27 -12.57 -1.28 5.29
C GLY A 27 -13.37 -1.59 6.52
N GLU A 28 -12.67 -1.77 7.63
CA GLU A 28 -13.32 -2.18 8.87
C GLU A 28 -14.32 -1.12 9.33
N LYS A 29 -15.51 -1.59 9.70
CA LYS A 29 -16.62 -0.71 10.05
C LYS A 29 -16.28 0.19 11.23
N GLY A 30 -15.89 1.43 10.92
CA GLY A 30 -15.57 2.39 11.95
C GLY A 30 -14.16 2.91 11.82
N LYS A 31 -13.35 2.25 10.99
CA LYS A 31 -11.99 2.68 10.75
C LYS A 31 -11.93 3.63 9.55
N LEU A 32 -10.90 4.46 9.52
CA LEU A 32 -10.74 5.43 8.46
C LEU A 32 -9.68 4.97 7.45
N GLY A 33 -9.39 3.68 7.45
CA GLY A 33 -8.36 3.16 6.58
C GLY A 33 -8.78 1.89 5.87
N GLN A 34 -8.20 1.66 4.70
CA GLN A 34 -8.53 0.49 3.91
C GLN A 34 -7.42 -0.55 4.01
N TYR A 35 -7.82 -1.81 4.14
CA TYR A 35 -6.86 -2.90 4.30
C TYR A 35 -7.11 -3.96 3.23
N ILE A 36 -6.08 -4.74 2.91
CA ILE A 36 -6.20 -5.83 1.95
C ILE A 36 -7.01 -6.97 2.57
N ARG A 37 -8.04 -7.41 1.86
CA ARG A 37 -8.94 -8.45 2.37
C ARG A 37 -8.60 -9.79 1.75
N LEU A 38 -8.40 -9.81 0.44
CA LEU A 38 -8.22 -11.06 -0.27
C LEU A 38 -7.26 -10.89 -1.43
N VAL A 39 -6.44 -11.90 -1.64
CA VAL A 39 -5.50 -11.91 -2.75
C VAL A 39 -5.78 -13.13 -3.61
N GLU A 40 -6.22 -12.89 -4.84
CA GLU A 40 -6.60 -13.98 -5.74
C GLU A 40 -5.35 -14.67 -6.27
N PRO A 41 -5.31 -16.00 -6.19
CA PRO A 41 -4.17 -16.78 -6.67
C PRO A 41 -4.07 -16.76 -8.19
N GLY A 42 -2.92 -16.33 -8.67
CA GLY A 42 -2.69 -16.22 -10.09
C GLY A 42 -2.89 -14.79 -10.59
N SER A 43 -2.87 -13.85 -9.67
CA SER A 43 -3.07 -12.45 -9.99
C SER A 43 -1.75 -11.69 -10.03
N PRO A 44 -1.73 -10.55 -10.71
CA PRO A 44 -0.56 -9.65 -10.69
C PRO A 44 -0.33 -9.05 -9.30
N ALA A 45 -1.37 -9.06 -8.48
CA ALA A 45 -1.29 -8.52 -7.13
C ALA A 45 -0.30 -9.32 -6.28
N GLU A 46 -0.36 -10.65 -6.42
CA GLU A 46 0.56 -11.52 -5.69
C GLU A 46 2.00 -11.20 -6.04
N LYS A 47 2.23 -10.97 -7.31
CA LYS A 47 3.57 -10.72 -7.83
C LYS A 47 4.10 -9.38 -7.37
N ALA A 48 3.18 -8.46 -7.04
CA ALA A 48 3.57 -7.15 -6.57
C ALA A 48 3.80 -7.15 -5.06
N GLY A 49 3.28 -8.17 -4.39
CA GLY A 49 3.50 -8.28 -2.95
C GLY A 49 2.29 -7.87 -2.13
N LEU A 50 1.10 -8.04 -2.68
CA LEU A 50 -0.13 -7.75 -1.95
C LEU A 50 -0.45 -8.88 -0.98
N LEU A 51 -0.77 -8.54 0.26
CA LEU A 51 -1.08 -9.54 1.27
C LEU A 51 -2.26 -9.10 2.13
N ALA A 52 -3.11 -10.06 2.47
CA ALA A 52 -4.32 -9.80 3.24
C ALA A 52 -3.99 -9.40 4.67
N GLY A 53 -4.03 -8.09 4.92
CA GLY A 53 -3.70 -7.58 6.22
C GLY A 53 -2.99 -6.24 6.11
N ASP A 54 -2.25 -6.08 5.01
CA ASP A 54 -1.54 -4.84 4.74
C ASP A 54 -2.49 -3.64 4.65
N ARG A 55 -2.05 -2.52 5.19
CA ARG A 55 -2.83 -1.29 5.13
C ARG A 55 -2.48 -0.52 3.87
N LEU A 56 -3.50 -0.08 3.16
CA LEU A 56 -3.32 0.70 1.95
C LEU A 56 -2.90 2.13 2.32
N VAL A 57 -1.68 2.49 1.95
CA VAL A 57 -1.12 3.78 2.32
C VAL A 57 -1.17 4.77 1.16
N GLU A 58 -0.96 4.27 -0.06
CA GLU A 58 -0.97 5.14 -1.23
C GLU A 58 -1.55 4.42 -2.44
N VAL A 59 -2.17 5.19 -3.33
CA VAL A 59 -2.71 4.67 -4.58
C VAL A 59 -2.36 5.61 -5.74
N ASN A 60 -1.44 5.16 -6.57
CA ASN A 60 -0.99 5.88 -7.77
C ASN A 60 -0.31 7.20 -7.43
N GLY A 61 0.18 7.32 -6.21
CA GLY A 61 0.83 8.56 -5.79
C GLY A 61 0.00 9.39 -4.84
N GLU A 62 -1.15 8.86 -4.45
CA GLU A 62 -2.03 9.57 -3.52
C GLU A 62 -2.03 8.90 -2.16
N ASN A 63 -1.79 9.68 -1.12
CA ASN A 63 -1.74 9.17 0.24
C ASN A 63 -3.13 8.83 0.74
N VAL A 64 -3.52 7.56 0.58
CA VAL A 64 -4.89 7.14 0.88
C VAL A 64 -5.01 6.55 2.29
N GLU A 65 -4.25 7.10 3.22
CA GLU A 65 -4.27 6.63 4.60
C GLU A 65 -5.62 6.85 5.28
N LYS A 66 -6.44 7.74 4.72
CA LYS A 66 -7.73 8.05 5.32
C LYS A 66 -8.82 8.10 4.25
N GLU A 67 -8.54 7.52 3.11
CA GLU A 67 -9.46 7.52 1.99
C GLU A 67 -10.32 6.27 2.01
N THR A 68 -11.60 6.43 1.67
CA THR A 68 -12.56 5.34 1.77
C THR A 68 -12.48 4.40 0.57
N HIS A 69 -13.26 3.32 0.62
CA HIS A 69 -13.27 2.32 -0.44
C HIS A 69 -13.54 2.96 -1.80
N GLN A 70 -14.55 3.83 -1.85
CA GLN A 70 -14.91 4.47 -3.10
C GLN A 70 -13.80 5.38 -3.59
N GLN A 71 -13.21 6.11 -2.66
CA GLN A 71 -12.18 7.09 -2.99
C GLN A 71 -10.97 6.42 -3.62
N VAL A 72 -10.54 5.30 -3.04
CA VAL A 72 -9.41 4.56 -3.57
C VAL A 72 -9.74 3.84 -4.87
N VAL A 73 -10.89 3.19 -4.92
CA VAL A 73 -11.32 2.47 -6.12
C VAL A 73 -11.43 3.40 -7.32
N SER A 74 -11.86 4.64 -7.07
CA SER A 74 -11.93 5.64 -8.11
C SER A 74 -10.56 5.85 -8.76
N ARG A 75 -9.53 5.86 -7.92
CA ARG A 75 -8.16 6.00 -8.40
C ARG A 75 -7.72 4.74 -9.14
N ILE A 76 -8.15 3.59 -8.64
CA ILE A 76 -7.83 2.31 -9.26
C ILE A 76 -8.48 2.23 -10.65
N ARG A 77 -9.69 2.76 -10.77
CA ARG A 77 -10.39 2.81 -12.06
C ARG A 77 -9.68 3.78 -13.01
N ALA A 78 -8.94 4.72 -12.44
CA ALA A 78 -8.22 5.70 -13.25
C ALA A 78 -6.97 5.09 -13.85
N ALA A 79 -6.48 4.02 -13.22
CA ALA A 79 -5.32 3.30 -13.73
C ALA A 79 -5.64 2.65 -15.07
N LEU A 80 -4.79 2.92 -16.05
CA LEU A 80 -5.01 2.47 -17.42
C LEU A 80 -4.65 1.00 -17.56
N ASN A 81 -3.39 0.70 -17.32
CA ASN A 81 -2.88 -0.66 -17.49
C ASN A 81 -2.12 -1.12 -16.25
N ALA A 82 -1.83 -0.21 -15.35
CA ALA A 82 -1.16 -0.55 -14.10
C ALA A 82 -1.52 0.43 -13.01
N VAL A 83 -1.47 -0.03 -11.77
CA VAL A 83 -1.77 0.81 -10.62
C VAL A 83 -0.62 0.76 -9.62
N ARG A 84 -0.37 1.86 -8.93
CA ARG A 84 0.63 1.87 -7.87
C ARG A 84 -0.05 1.69 -6.55
N LEU A 85 0.31 0.65 -5.84
CA LEU A 85 -0.25 0.42 -4.53
C LEU A 85 0.83 0.34 -3.47
N LEU A 86 0.81 1.28 -2.55
CA LEU A 86 1.74 1.28 -1.44
C LEU A 86 1.05 0.75 -0.19
N VAL A 87 1.53 -0.37 0.33
CA VAL A 87 0.95 -0.97 1.51
C VAL A 87 2.01 -1.31 2.54
N VAL A 88 1.61 -1.34 3.80
CA VAL A 88 2.52 -1.65 4.89
C VAL A 88 1.80 -2.48 5.95
N ASP A 89 2.57 -3.34 6.63
CA ASP A 89 2.05 -4.17 7.72
C ASP A 89 1.40 -3.30 8.80
N PRO A 90 0.17 -3.65 9.18
CA PRO A 90 -0.66 -2.85 10.11
C PRO A 90 -0.04 -2.68 11.48
N GLU A 91 0.68 -3.69 11.95
CA GLU A 91 1.33 -3.62 13.26
C GLU A 91 2.50 -2.65 13.19
N THR A 92 3.27 -2.76 12.12
CA THR A 92 4.40 -1.87 11.89
C THR A 92 3.92 -0.44 11.65
N ASP A 93 2.84 -0.31 10.89
CA ASP A 93 2.28 1.01 10.55
C ASP A 93 1.90 1.79 11.80
N GLU A 94 1.28 1.12 12.77
CA GLU A 94 0.79 1.80 13.97
C GLU A 94 1.95 2.49 14.69
N GLN A 95 3.06 1.78 14.88
CA GLN A 95 4.23 2.37 15.53
C GLN A 95 4.93 3.35 14.59
N LEU A 96 4.98 3.02 13.30
CA LEU A 96 5.70 3.81 12.32
C LEU A 96 5.07 5.19 12.11
N GLN A 97 3.74 5.24 12.08
CA GLN A 97 3.02 6.49 11.77
C GLN A 97 3.23 7.56 12.84
N LYS A 98 3.29 7.16 14.11
CA LYS A 98 3.46 8.12 15.20
C LYS A 98 4.87 8.69 15.20
N LEU A 99 5.77 8.01 14.51
CA LEU A 99 7.16 8.45 14.40
C LEU A 99 7.29 9.55 13.36
N GLY A 100 6.18 9.86 12.69
CA GLY A 100 6.14 10.95 11.73
C GLY A 100 6.94 10.68 10.47
N VAL A 101 6.83 9.46 9.97
CA VAL A 101 7.62 9.04 8.81
C VAL A 101 6.83 9.21 7.52
N GLN A 102 7.52 9.71 6.49
CA GLN A 102 6.91 9.93 5.17
C GLN A 102 6.83 8.62 4.38
N VAL A 103 6.21 7.61 4.98
CA VAL A 103 6.09 6.28 4.36
C VAL A 103 5.33 6.33 3.04
N ARG A 104 4.46 7.33 2.89
CA ARG A 104 3.51 7.38 1.77
C ARG A 104 4.18 7.56 0.40
N GLU A 105 5.51 7.76 0.37
CA GLU A 105 6.28 7.76 -0.88
C GLU A 105 7.69 8.29 -0.63
N GLU A 106 7.76 9.44 0.01
CA GLU A 106 9.02 10.17 0.19
C GLU A 106 10.10 9.30 0.86
N LEU A 107 9.70 8.48 1.83
CA LEU A 107 10.66 7.65 2.56
C LEU A 107 11.32 6.63 1.64
N LEU A 108 10.61 6.25 0.58
CA LEU A 108 11.11 5.24 -0.34
C LEU A 108 12.35 5.74 -1.10
N ARG A 109 12.61 7.03 -1.01
CA ARG A 109 13.79 7.61 -1.61
C ARG A 109 15.07 7.03 -0.98
N ALA A 110 15.34 7.44 0.26
CA ALA A 110 16.52 6.97 0.99
C ALA A 110 16.56 7.54 2.40
N GLN A 111 16.81 8.85 2.49
CA GLN A 111 17.03 9.54 3.75
C GLN A 111 18.11 8.87 4.57
N GLU A 112 19.17 8.45 3.90
CA GLU A 112 20.37 7.98 4.57
C GLU A 112 21.20 9.19 4.93
N ALA A 113 21.12 9.58 6.20
CA ALA A 113 21.64 10.86 6.68
C ALA A 113 20.87 12.00 6.03
N PRO A 114 19.81 12.47 6.71
CA PRO A 114 18.92 13.51 6.20
C PRO A 114 19.66 14.80 5.85
N GLY A 115 19.85 15.02 4.55
CA GLY A 115 20.53 16.21 4.08
C GLY A 115 19.70 16.97 3.08
N GLN A 116 18.41 17.03 3.32
CA GLN A 116 17.48 17.75 2.46
C GLN A 116 16.64 18.71 3.30
N ALA A 117 17.09 19.96 3.38
CA ALA A 117 16.38 20.99 4.11
C ALA A 117 16.96 22.35 3.76
N GLY A 1 17.70 0.31 21.93
CA GLY A 1 17.32 1.70 22.28
C GLY A 1 15.99 2.08 21.65
N ILE A 2 16.01 3.05 20.75
CA ILE A 2 14.82 3.44 20.03
C ILE A 2 15.14 3.58 18.55
N ASP A 3 14.28 3.01 17.72
CA ASP A 3 14.41 3.13 16.29
C ASP A 3 13.27 3.95 15.72
N PRO A 4 13.60 5.01 14.98
CA PRO A 4 12.60 5.92 14.42
C PRO A 4 11.90 5.33 13.21
N PHE A 5 12.60 4.47 12.49
CA PHE A 5 12.09 3.91 11.25
C PHE A 5 12.55 2.47 11.09
N THR A 6 11.75 1.67 10.38
CA THR A 6 11.94 0.23 10.33
C THR A 6 10.82 -0.40 9.51
N MET A 7 11.17 -1.43 8.75
CA MET A 7 10.19 -2.23 8.00
C MET A 7 9.23 -1.33 7.20
N LEU A 8 9.79 -0.36 6.50
CA LEU A 8 8.99 0.62 5.80
C LEU A 8 8.32 0.02 4.57
N PRO A 9 7.22 0.64 4.11
CA PRO A 9 6.41 0.14 2.99
C PRO A 9 7.16 0.12 1.66
N ARG A 10 6.46 -0.34 0.65
CA ARG A 10 7.03 -0.45 -0.69
C ARG A 10 5.95 -0.11 -1.72
N LEU A 11 6.38 0.43 -2.85
CA LEU A 11 5.45 0.72 -3.94
C LEU A 11 5.25 -0.53 -4.78
N CYS A 12 4.09 -1.12 -4.66
CA CYS A 12 3.76 -2.33 -5.36
C CYS A 12 3.06 -2.01 -6.67
N CYS A 13 3.76 -2.22 -7.77
CA CYS A 13 3.17 -2.00 -9.08
C CYS A 13 2.64 -3.31 -9.63
N LEU A 14 1.33 -3.40 -9.75
CA LEU A 14 0.69 -4.59 -10.26
C LEU A 14 -0.16 -4.26 -11.47
N GLU A 15 -0.28 -5.23 -12.35
CA GLU A 15 -0.97 -5.02 -13.61
C GLU A 15 -2.31 -5.73 -13.58
N LYS A 16 -3.29 -5.17 -14.27
CA LYS A 16 -4.63 -5.72 -14.28
C LYS A 16 -4.66 -7.05 -15.02
N GLY A 17 -4.59 -8.14 -14.28
CA GLY A 17 -4.71 -9.44 -14.87
C GLY A 17 -6.13 -9.76 -15.28
N PRO A 18 -6.42 -11.03 -15.60
CA PRO A 18 -7.75 -11.44 -16.05
C PRO A 18 -8.84 -11.15 -15.03
N ASN A 19 -8.47 -11.25 -13.76
CA ASN A 19 -9.41 -11.11 -12.66
C ASN A 19 -9.29 -9.74 -11.99
N GLY A 20 -8.79 -8.76 -12.76
CA GLY A 20 -8.70 -7.40 -12.25
C GLY A 20 -7.71 -7.28 -11.12
N TYR A 21 -6.45 -7.53 -11.44
CA TYR A 21 -5.32 -7.41 -10.52
C TYR A 21 -5.22 -8.60 -9.58
N GLY A 22 -6.37 -9.09 -9.14
CA GLY A 22 -6.39 -10.25 -8.29
C GLY A 22 -6.45 -9.89 -6.83
N PHE A 23 -6.74 -8.63 -6.54
CA PHE A 23 -6.86 -8.21 -5.14
C PHE A 23 -8.22 -7.58 -4.87
N HIS A 24 -8.69 -7.74 -3.64
CA HIS A 24 -9.94 -7.15 -3.21
C HIS A 24 -9.68 -6.30 -1.97
N LEU A 25 -10.19 -5.09 -1.97
CA LEU A 25 -9.89 -4.12 -0.93
C LEU A 25 -11.07 -3.98 0.02
N HIS A 26 -10.80 -3.84 1.31
CA HIS A 26 -11.87 -3.66 2.28
C HIS A 26 -11.58 -2.50 3.23
N GLY A 27 -12.58 -1.68 3.45
CA GLY A 27 -12.49 -0.63 4.44
C GLY A 27 -13.31 -0.98 5.65
N GLU A 28 -12.64 -1.39 6.72
CA GLU A 28 -13.31 -1.89 7.91
C GLU A 28 -14.23 -0.86 8.52
N LYS A 29 -15.34 -1.33 9.08
CA LYS A 29 -16.33 -0.47 9.69
C LYS A 29 -15.73 0.31 10.84
N GLY A 30 -15.72 1.63 10.71
CA GLY A 30 -15.16 2.49 11.72
C GLY A 30 -13.83 3.05 11.30
N LYS A 31 -13.04 2.23 10.61
CA LYS A 31 -11.72 2.64 10.15
C LYS A 31 -11.84 3.71 9.07
N LEU A 32 -10.78 4.47 8.90
CA LEU A 32 -10.75 5.53 7.91
C LEU A 32 -9.74 5.20 6.82
N GLY A 33 -9.18 4.01 6.89
CA GLY A 33 -8.23 3.56 5.90
C GLY A 33 -8.65 2.26 5.27
N GLN A 34 -8.02 1.91 4.15
CA GLN A 34 -8.35 0.69 3.44
C GLN A 34 -7.28 -0.37 3.69
N TYR A 35 -7.69 -1.63 3.70
CA TYR A 35 -6.77 -2.74 3.92
C TYR A 35 -6.98 -3.80 2.85
N ILE A 36 -5.94 -4.58 2.58
CA ILE A 36 -6.04 -5.69 1.63
C ILE A 36 -6.89 -6.80 2.22
N ARG A 37 -8.06 -7.02 1.62
CA ARG A 37 -8.99 -8.01 2.12
C ARG A 37 -8.65 -9.39 1.56
N LEU A 38 -8.43 -9.44 0.27
CA LEU A 38 -8.17 -10.69 -0.40
C LEU A 38 -7.18 -10.49 -1.54
N VAL A 39 -6.31 -11.46 -1.72
CA VAL A 39 -5.46 -11.54 -2.89
C VAL A 39 -5.46 -12.98 -3.40
N GLU A 40 -6.04 -13.18 -4.56
CA GLU A 40 -6.26 -14.52 -5.09
C GLU A 40 -4.98 -15.08 -5.69
N PRO A 41 -4.67 -16.34 -5.37
CA PRO A 41 -3.45 -16.99 -5.83
C PRO A 41 -3.39 -17.08 -7.36
N GLY A 42 -2.28 -16.65 -7.90
CA GLY A 42 -2.10 -16.65 -9.34
C GLY A 42 -2.24 -15.28 -9.94
N SER A 43 -2.49 -14.30 -9.08
CA SER A 43 -2.69 -12.93 -9.52
C SER A 43 -1.38 -12.14 -9.47
N PRO A 44 -1.26 -11.13 -10.34
CA PRO A 44 -0.11 -10.22 -10.33
C PRO A 44 -0.05 -9.37 -9.07
N ALA A 45 -1.14 -9.35 -8.31
CA ALA A 45 -1.19 -8.67 -7.03
C ALA A 45 -0.21 -9.32 -6.06
N GLU A 46 -0.15 -10.65 -6.10
CA GLU A 46 0.79 -11.40 -5.27
C GLU A 46 2.22 -11.03 -5.67
N LYS A 47 2.44 -10.89 -6.96
CA LYS A 47 3.75 -10.56 -7.51
C LYS A 47 4.20 -9.18 -7.07
N ALA A 48 3.24 -8.29 -6.85
CA ALA A 48 3.55 -6.93 -6.45
C ALA A 48 3.89 -6.84 -4.96
N GLY A 49 3.48 -7.85 -4.21
CA GLY A 49 3.77 -7.87 -2.79
C GLY A 49 2.59 -7.41 -1.94
N LEU A 50 1.43 -7.99 -2.20
CA LEU A 50 0.22 -7.64 -1.47
C LEU A 50 -0.40 -8.90 -0.86
N LEU A 51 -0.54 -8.93 0.45
CA LEU A 51 -1.25 -10.03 1.09
C LEU A 51 -2.39 -9.49 1.96
N ALA A 52 -3.21 -10.40 2.45
CA ALA A 52 -4.46 -10.02 3.11
C ALA A 52 -4.19 -9.59 4.55
N GLY A 53 -3.73 -8.37 4.69
CA GLY A 53 -3.40 -7.83 5.99
C GLY A 53 -2.67 -6.51 5.89
N ASP A 54 -2.06 -6.25 4.73
CA ASP A 54 -1.30 -5.02 4.52
C ASP A 54 -2.21 -3.80 4.59
N ARG A 55 -1.71 -2.72 5.18
CA ARG A 55 -2.46 -1.48 5.26
C ARG A 55 -2.19 -0.63 4.02
N LEU A 56 -3.25 -0.24 3.33
CA LEU A 56 -3.12 0.58 2.13
C LEU A 56 -2.87 2.03 2.52
N VAL A 57 -1.74 2.56 2.10
CA VAL A 57 -1.35 3.92 2.45
C VAL A 57 -1.55 4.88 1.29
N GLU A 58 -1.33 4.40 0.08
CA GLU A 58 -1.42 5.25 -1.11
C GLU A 58 -1.85 4.44 -2.34
N VAL A 59 -2.53 5.13 -3.26
CA VAL A 59 -3.01 4.48 -4.48
C VAL A 59 -2.64 5.32 -5.69
N ASN A 60 -1.87 4.72 -6.60
CA ASN A 60 -1.50 5.32 -7.88
C ASN A 60 -0.46 6.43 -7.70
N GLY A 61 -0.47 7.06 -6.54
CA GLY A 61 0.42 8.17 -6.26
C GLY A 61 -0.21 9.22 -5.36
N GLU A 62 -1.36 8.89 -4.77
CA GLU A 62 -2.04 9.79 -3.87
C GLU A 62 -2.31 9.09 -2.54
N ASN A 63 -1.92 9.73 -1.44
CA ASN A 63 -2.11 9.17 -0.10
C ASN A 63 -3.58 8.89 0.17
N VAL A 64 -3.87 7.70 0.68
CA VAL A 64 -5.24 7.29 0.94
C VAL A 64 -5.43 6.79 2.37
N GLU A 65 -4.64 7.31 3.30
CA GLU A 65 -4.68 6.87 4.69
C GLU A 65 -6.01 7.21 5.35
N LYS A 66 -6.69 8.22 4.85
CA LYS A 66 -7.98 8.65 5.40
C LYS A 66 -9.03 8.77 4.31
N GLU A 67 -8.88 7.96 3.27
CA GLU A 67 -9.78 8.00 2.12
C GLU A 67 -10.88 6.95 2.27
N THR A 68 -11.76 6.91 1.28
CA THR A 68 -12.88 5.98 1.32
C THR A 68 -12.67 4.85 0.32
N HIS A 69 -13.48 3.82 0.42
CA HIS A 69 -13.40 2.68 -0.49
C HIS A 69 -13.70 3.15 -1.91
N GLN A 70 -14.73 3.96 -2.04
CA GLN A 70 -15.09 4.52 -3.35
C GLN A 70 -13.98 5.44 -3.84
N GLN A 71 -13.37 6.16 -2.90
CA GLN A 71 -12.33 7.11 -3.19
C GLN A 71 -11.10 6.45 -3.80
N VAL A 72 -10.68 5.34 -3.22
CA VAL A 72 -9.54 4.60 -3.74
C VAL A 72 -9.89 3.91 -5.05
N VAL A 73 -11.10 3.35 -5.12
CA VAL A 73 -11.59 2.73 -6.34
C VAL A 73 -11.59 3.71 -7.51
N SER A 74 -11.90 4.96 -7.22
CA SER A 74 -11.85 6.01 -8.24
C SER A 74 -10.43 6.10 -8.83
N ARG A 75 -9.43 6.00 -7.96
CA ARG A 75 -8.03 6.00 -8.38
C ARG A 75 -7.69 4.72 -9.14
N ILE A 76 -8.26 3.61 -8.71
CA ILE A 76 -8.09 2.32 -9.39
C ILE A 76 -8.69 2.40 -10.79
N ARG A 77 -9.77 3.17 -10.92
CA ARG A 77 -10.40 3.41 -12.22
C ARG A 77 -9.52 4.30 -13.10
N ALA A 78 -8.61 5.04 -12.47
CA ALA A 78 -7.66 5.87 -13.20
C ALA A 78 -6.49 5.02 -13.70
N ALA A 79 -6.33 3.85 -13.10
CA ALA A 79 -5.34 2.89 -13.56
C ALA A 79 -5.93 2.03 -14.67
N LEU A 80 -5.32 2.10 -15.83
CA LEU A 80 -5.84 1.42 -17.02
C LEU A 80 -5.36 -0.01 -17.08
N ASN A 81 -4.05 -0.18 -17.20
CA ASN A 81 -3.47 -1.50 -17.39
C ASN A 81 -2.78 -1.96 -16.12
N ALA A 82 -2.32 -0.99 -15.33
CA ALA A 82 -1.63 -1.30 -14.09
C ALA A 82 -1.81 -0.19 -13.08
N VAL A 83 -1.69 -0.52 -11.81
CA VAL A 83 -1.85 0.45 -10.72
C VAL A 83 -0.69 0.32 -9.74
N ARG A 84 -0.37 1.41 -9.05
CA ARG A 84 0.66 1.38 -8.01
C ARG A 84 0.00 1.44 -6.64
N LEU A 85 0.30 0.47 -5.78
CA LEU A 85 -0.27 0.45 -4.45
C LEU A 85 0.83 0.49 -3.40
N LEU A 86 0.71 1.43 -2.48
CA LEU A 86 1.67 1.54 -1.38
C LEU A 86 1.04 0.98 -0.11
N VAL A 87 1.63 -0.08 0.41
CA VAL A 87 1.12 -0.72 1.62
C VAL A 87 2.23 -0.93 2.64
N VAL A 88 1.83 -0.97 3.90
CA VAL A 88 2.78 -1.13 4.99
C VAL A 88 2.31 -2.23 5.96
N ASP A 89 3.27 -2.91 6.57
CA ASP A 89 2.97 -3.95 7.55
C ASP A 89 2.38 -3.33 8.81
N PRO A 90 1.17 -3.78 9.20
CA PRO A 90 0.39 -3.20 10.32
C PRO A 90 1.15 -3.21 11.63
N GLU A 91 1.99 -4.22 11.82
CA GLU A 91 2.76 -4.36 13.05
C GLU A 91 3.65 -3.14 13.25
N THR A 92 4.36 -2.80 12.19
CA THR A 92 5.26 -1.67 12.19
C THR A 92 4.49 -0.35 12.15
N ASP A 93 3.38 -0.35 11.40
CA ASP A 93 2.57 0.85 11.20
C ASP A 93 2.11 1.43 12.54
N GLU A 94 1.74 0.55 13.46
CA GLU A 94 1.25 0.98 14.77
C GLU A 94 2.31 1.77 15.54
N GLN A 95 3.56 1.31 15.53
CA GLN A 95 4.63 2.07 16.17
C GLN A 95 5.02 3.30 15.35
N LEU A 96 5.05 3.13 14.01
CA LEU A 96 5.49 4.21 13.12
C LEU A 96 4.56 5.41 13.15
N GLN A 97 3.26 5.17 13.32
CA GLN A 97 2.30 6.27 13.41
C GLN A 97 2.63 7.18 14.60
N LYS A 98 3.14 6.58 15.67
CA LYS A 98 3.55 7.32 16.85
C LYS A 98 4.83 8.11 16.56
N LEU A 99 5.71 7.50 15.79
CA LEU A 99 7.01 8.06 15.49
C LEU A 99 6.91 9.18 14.44
N GLY A 100 6.14 8.92 13.40
CA GLY A 100 5.96 9.88 12.33
C GLY A 100 5.81 9.19 10.98
N VAL A 101 4.57 8.96 10.57
CA VAL A 101 4.31 8.21 9.34
C VAL A 101 4.40 9.11 8.09
N GLN A 102 5.58 9.10 7.47
CA GLN A 102 5.81 9.79 6.22
C GLN A 102 6.06 8.78 5.10
N VAL A 103 5.48 7.60 5.28
CA VAL A 103 5.77 6.45 4.44
C VAL A 103 5.32 6.60 2.99
N ARG A 104 4.49 7.60 2.70
CA ARG A 104 3.78 7.67 1.41
C ARG A 104 4.74 7.70 0.21
N GLU A 105 5.86 8.38 0.33
CA GLU A 105 6.83 8.42 -0.76
C GLU A 105 8.20 8.87 -0.27
N GLU A 106 8.23 9.54 0.87
CA GLU A 106 9.50 9.96 1.48
C GLU A 106 10.43 8.77 1.67
N LEU A 107 9.85 7.63 2.00
CA LEU A 107 10.62 6.40 2.16
C LEU A 107 10.97 5.80 0.82
N LEU A 108 10.12 6.03 -0.16
CA LEU A 108 10.36 5.53 -1.51
C LEU A 108 11.46 6.35 -2.19
N ARG A 109 11.66 7.56 -1.70
CA ARG A 109 12.78 8.39 -2.10
C ARG A 109 14.08 7.68 -1.74
N ALA A 110 14.04 6.97 -0.62
CA ALA A 110 15.17 6.21 -0.09
C ALA A 110 16.26 7.14 0.42
N GLN A 111 16.46 7.11 1.72
CA GLN A 111 17.38 8.01 2.38
C GLN A 111 18.78 7.45 2.32
N GLU A 112 19.51 7.84 1.30
CA GLU A 112 20.89 7.40 1.14
C GLU A 112 21.78 8.12 2.15
N ALA A 113 22.59 7.35 2.84
CA ALA A 113 23.46 7.90 3.87
C ALA A 113 24.87 8.10 3.32
N PRO A 114 25.28 9.36 3.16
CA PRO A 114 26.60 9.72 2.62
C PRO A 114 27.75 9.08 3.40
N GLY A 115 28.34 8.05 2.82
CA GLY A 115 29.50 7.41 3.41
C GLY A 115 29.16 6.61 4.66
N GLN A 116 27.96 6.06 4.70
CA GLN A 116 27.54 5.22 5.82
C GLN A 116 26.22 4.54 5.51
N ALA A 117 25.66 3.86 6.51
CA ALA A 117 24.33 3.29 6.40
C ALA A 117 23.64 3.33 7.76
N GLY A 1 17.54 1.16 22.74
CA GLY A 1 16.21 1.76 22.45
C GLY A 1 15.52 1.08 21.29
N ILE A 2 14.71 1.84 20.57
CA ILE A 2 14.03 1.32 19.39
C ILE A 2 14.38 2.18 18.19
N ASP A 3 14.65 1.55 17.06
CA ASP A 3 15.03 2.25 15.85
C ASP A 3 13.84 2.99 15.26
N PRO A 4 14.07 4.24 14.81
CA PRO A 4 13.02 5.14 14.33
C PRO A 4 12.33 4.64 13.08
N PHE A 5 13.03 3.82 12.32
CA PHE A 5 12.51 3.33 11.05
C PHE A 5 12.98 1.92 10.81
N THR A 6 12.19 1.14 10.09
CA THR A 6 12.45 -0.27 9.94
C THR A 6 11.47 -0.89 8.95
N MET A 7 12.03 -1.58 7.95
CA MET A 7 11.26 -2.28 6.91
C MET A 7 10.64 -1.27 5.97
N LEU A 8 9.65 -0.55 6.48
CA LEU A 8 8.91 0.46 5.71
C LEU A 8 8.11 -0.19 4.57
N PRO A 9 7.06 0.51 4.10
CA PRO A 9 6.20 0.01 3.02
C PRO A 9 6.87 0.09 1.66
N ARG A 10 6.37 -0.71 0.73
CA ARG A 10 6.86 -0.69 -0.63
C ARG A 10 5.76 -0.22 -1.56
N LEU A 11 6.13 0.53 -2.59
CA LEU A 11 5.18 0.94 -3.60
C LEU A 11 5.02 -0.18 -4.62
N CYS A 12 3.89 -0.86 -4.54
CA CYS A 12 3.66 -2.03 -5.35
C CYS A 12 2.87 -1.67 -6.60
N CYS A 13 3.54 -1.70 -7.74
CA CYS A 13 2.90 -1.42 -9.01
C CYS A 13 2.40 -2.73 -9.61
N LEU A 14 1.09 -2.89 -9.68
CA LEU A 14 0.51 -4.10 -10.23
C LEU A 14 0.34 -3.95 -11.71
N GLU A 15 0.15 -5.07 -12.38
CA GLU A 15 -0.16 -5.07 -13.79
C GLU A 15 -1.56 -5.62 -13.99
N LYS A 16 -2.43 -4.85 -14.60
CA LYS A 16 -3.80 -5.28 -14.80
C LYS A 16 -3.87 -6.35 -15.87
N GLY A 17 -4.00 -7.60 -15.43
CA GLY A 17 -4.13 -8.70 -16.35
C GLY A 17 -5.58 -8.95 -16.73
N PRO A 18 -5.91 -10.16 -17.18
CA PRO A 18 -7.27 -10.52 -17.60
C PRO A 18 -8.28 -10.43 -16.46
N ASN A 19 -7.80 -10.61 -15.25
CA ASN A 19 -8.65 -10.62 -14.07
C ASN A 19 -8.57 -9.29 -13.34
N GLY A 20 -8.02 -8.28 -13.99
CA GLY A 20 -7.78 -7.03 -13.32
C GLY A 20 -6.49 -7.08 -12.51
N TYR A 21 -6.58 -6.79 -11.23
CA TYR A 21 -5.41 -6.81 -10.37
C TYR A 21 -5.44 -8.00 -9.42
N GLY A 22 -6.64 -8.53 -9.18
CA GLY A 22 -6.78 -9.76 -8.44
C GLY A 22 -6.69 -9.60 -6.93
N PHE A 23 -7.14 -8.47 -6.41
CA PHE A 23 -7.14 -8.26 -4.97
C PHE A 23 -8.48 -7.74 -4.52
N HIS A 24 -8.85 -8.07 -3.29
CA HIS A 24 -10.09 -7.58 -2.71
C HIS A 24 -9.75 -6.52 -1.67
N LEU A 25 -10.47 -5.41 -1.70
CA LEU A 25 -10.20 -4.32 -0.78
C LEU A 25 -11.43 -4.07 0.08
N HIS A 26 -11.27 -4.10 1.40
CA HIS A 26 -12.43 -3.95 2.27
C HIS A 26 -12.23 -2.80 3.25
N GLY A 27 -13.32 -2.14 3.56
CA GLY A 27 -13.30 -1.04 4.52
C GLY A 27 -14.14 -1.38 5.73
N GLU A 28 -13.47 -1.69 6.82
CA GLU A 28 -14.15 -2.12 8.03
C GLU A 28 -14.82 -0.95 8.75
N LYS A 29 -15.42 -1.24 9.88
CA LYS A 29 -16.02 -0.20 10.71
C LYS A 29 -15.07 0.14 11.85
N GLY A 30 -14.95 1.43 12.14
CA GLY A 30 -14.06 1.88 13.19
C GLY A 30 -12.71 2.35 12.68
N LYS A 31 -12.52 2.27 11.36
CA LYS A 31 -11.24 2.62 10.78
C LYS A 31 -11.30 3.97 10.08
N LEU A 32 -10.22 4.32 9.39
CA LEU A 32 -10.18 5.52 8.58
C LEU A 32 -9.72 5.21 7.17
N GLY A 33 -9.18 4.00 6.98
CA GLY A 33 -8.61 3.63 5.70
C GLY A 33 -9.06 2.26 5.23
N GLN A 34 -8.46 1.80 4.13
CA GLN A 34 -8.86 0.55 3.51
C GLN A 34 -7.82 -0.53 3.77
N TYR A 35 -8.27 -1.77 3.83
CA TYR A 35 -7.38 -2.89 4.10
C TYR A 35 -7.51 -3.95 3.01
N ILE A 36 -6.44 -4.69 2.80
CA ILE A 36 -6.46 -5.81 1.86
C ILE A 36 -7.30 -6.93 2.42
N ARG A 37 -8.32 -7.33 1.67
CA ARG A 37 -9.25 -8.36 2.10
C ARG A 37 -8.80 -9.74 1.62
N LEU A 38 -8.46 -9.85 0.35
CA LEU A 38 -7.96 -11.10 -0.19
C LEU A 38 -7.09 -10.86 -1.41
N VAL A 39 -6.16 -11.76 -1.64
CA VAL A 39 -5.33 -11.74 -2.82
C VAL A 39 -5.54 -13.03 -3.60
N GLU A 40 -6.09 -12.90 -4.81
CA GLU A 40 -6.36 -14.06 -5.64
C GLU A 40 -5.07 -14.79 -5.99
N PRO A 41 -5.01 -16.09 -5.76
CA PRO A 41 -3.81 -16.88 -6.04
C PRO A 41 -3.58 -17.03 -7.53
N GLY A 42 -2.56 -16.36 -8.00
CA GLY A 42 -2.27 -16.30 -9.42
C GLY A 42 -2.61 -14.96 -10.01
N SER A 43 -2.51 -13.92 -9.18
CA SER A 43 -2.80 -12.57 -9.60
C SER A 43 -1.53 -11.71 -9.54
N PRO A 44 -1.53 -10.57 -10.25
CA PRO A 44 -0.43 -9.60 -10.20
C PRO A 44 -0.30 -8.93 -8.85
N ALA A 45 -1.32 -9.07 -8.00
CA ALA A 45 -1.27 -8.53 -6.66
C ALA A 45 -0.19 -9.23 -5.83
N GLU A 46 -0.09 -10.54 -6.02
CA GLU A 46 0.88 -11.34 -5.29
C GLU A 46 2.31 -10.98 -5.68
N LYS A 47 2.55 -10.89 -7.00
CA LYS A 47 3.90 -10.67 -7.51
C LYS A 47 4.49 -9.35 -7.04
N ALA A 48 3.64 -8.34 -6.88
CA ALA A 48 4.11 -7.02 -6.48
C ALA A 48 4.23 -6.90 -4.97
N GLY A 49 3.58 -7.81 -4.24
CA GLY A 49 3.70 -7.83 -2.80
C GLY A 49 2.49 -7.25 -2.09
N LEU A 50 1.33 -7.84 -2.32
CA LEU A 50 0.12 -7.50 -1.57
C LEU A 50 -0.40 -8.72 -0.85
N LEU A 51 -0.60 -8.61 0.45
CA LEU A 51 -1.14 -9.73 1.22
C LEU A 51 -2.34 -9.28 2.05
N ALA A 52 -3.06 -10.26 2.56
CA ALA A 52 -4.27 -9.99 3.33
C ALA A 52 -3.91 -9.49 4.71
N GLY A 53 -4.07 -8.20 4.94
CA GLY A 53 -3.74 -7.62 6.22
C GLY A 53 -3.09 -6.27 6.08
N ASP A 54 -2.45 -6.03 4.94
CA ASP A 54 -1.79 -4.76 4.67
C ASP A 54 -2.80 -3.62 4.64
N ARG A 55 -2.40 -2.45 5.12
CA ARG A 55 -3.26 -1.28 5.08
C ARG A 55 -2.94 -0.44 3.87
N LEU A 56 -3.97 -0.03 3.16
CA LEU A 56 -3.82 0.79 1.97
C LEU A 56 -3.44 2.22 2.39
N VAL A 57 -2.20 2.60 2.10
CA VAL A 57 -1.70 3.90 2.49
C VAL A 57 -1.84 4.92 1.36
N GLU A 58 -1.47 4.51 0.16
CA GLU A 58 -1.50 5.40 -0.97
C GLU A 58 -1.92 4.66 -2.23
N VAL A 59 -2.57 5.38 -3.14
CA VAL A 59 -2.99 4.83 -4.43
C VAL A 59 -2.71 5.82 -5.54
N ASN A 60 -1.87 5.42 -6.48
CA ASN A 60 -1.59 6.22 -7.67
C ASN A 60 -0.93 7.55 -7.27
N GLY A 61 -0.08 7.49 -6.26
CA GLY A 61 0.72 8.64 -5.88
C GLY A 61 0.00 9.56 -4.90
N GLU A 62 -1.16 9.16 -4.44
CA GLU A 62 -1.92 9.98 -3.50
C GLU A 62 -2.28 9.20 -2.25
N ASN A 63 -1.97 9.79 -1.09
CA ASN A 63 -2.28 9.19 0.19
C ASN A 63 -3.78 8.96 0.34
N VAL A 64 -4.15 7.70 0.52
CA VAL A 64 -5.56 7.32 0.59
C VAL A 64 -5.92 6.75 1.96
N GLU A 65 -5.11 7.08 2.95
CA GLU A 65 -5.32 6.57 4.31
C GLU A 65 -6.63 7.07 4.91
N LYS A 66 -7.20 8.10 4.30
CA LYS A 66 -8.44 8.70 4.78
C LYS A 66 -9.51 8.66 3.70
N GLU A 67 -9.33 7.80 2.70
CA GLU A 67 -10.28 7.69 1.58
C GLU A 67 -11.33 6.63 1.86
N THR A 68 -12.19 6.41 0.89
CA THR A 68 -13.24 5.39 0.99
C THR A 68 -13.00 4.30 -0.05
N HIS A 69 -13.73 3.20 0.06
CA HIS A 69 -13.61 2.12 -0.92
C HIS A 69 -13.85 2.64 -2.33
N GLN A 70 -14.89 3.43 -2.50
CA GLN A 70 -15.25 3.95 -3.80
C GLN A 70 -14.18 4.91 -4.33
N GLN A 71 -13.74 5.83 -3.47
CA GLN A 71 -12.78 6.85 -3.88
C GLN A 71 -11.46 6.23 -4.32
N VAL A 72 -11.00 5.22 -3.61
CA VAL A 72 -9.76 4.56 -3.99
C VAL A 72 -9.92 3.75 -5.28
N VAL A 73 -11.03 3.03 -5.39
CA VAL A 73 -11.33 2.27 -6.61
C VAL A 73 -11.39 3.19 -7.82
N SER A 74 -11.90 4.41 -7.62
CA SER A 74 -11.95 5.40 -8.68
C SER A 74 -10.54 5.71 -9.17
N ARG A 75 -9.59 5.79 -8.23
CA ARG A 75 -8.19 5.99 -8.58
C ARG A 75 -7.63 4.77 -9.31
N ILE A 76 -8.08 3.58 -8.89
CA ILE A 76 -7.66 2.34 -9.51
C ILE A 76 -8.13 2.29 -10.97
N ARG A 77 -9.33 2.80 -11.22
CA ARG A 77 -9.88 2.84 -12.58
C ARG A 77 -9.14 3.87 -13.43
N ALA A 78 -8.52 4.85 -12.77
CA ALA A 78 -7.71 5.85 -13.46
C ALA A 78 -6.43 5.22 -14.00
N ALA A 79 -6.08 4.07 -13.45
CA ALA A 79 -4.94 3.31 -13.92
C ALA A 79 -5.33 2.49 -15.14
N LEU A 80 -4.57 2.63 -16.21
CA LEU A 80 -4.89 2.00 -17.48
C LEU A 80 -4.50 0.54 -17.50
N ASN A 81 -3.19 0.29 -17.55
CA ASN A 81 -2.68 -1.07 -17.62
C ASN A 81 -2.02 -1.47 -16.31
N ALA A 82 -1.68 -0.50 -15.48
CA ALA A 82 -1.06 -0.78 -14.20
C ALA A 82 -1.36 0.31 -13.18
N VAL A 83 -1.35 -0.06 -11.90
CA VAL A 83 -1.63 0.88 -10.83
C VAL A 83 -0.57 0.78 -9.73
N ARG A 84 -0.26 1.89 -9.11
CA ARG A 84 0.67 1.91 -7.99
C ARG A 84 -0.08 1.92 -6.67
N LEU A 85 0.15 0.90 -5.86
CA LEU A 85 -0.49 0.80 -4.56
C LEU A 85 0.57 0.72 -3.46
N LEU A 86 0.51 1.66 -2.52
CA LEU A 86 1.43 1.67 -1.40
C LEU A 86 0.75 1.14 -0.15
N VAL A 87 1.26 0.04 0.39
CA VAL A 87 0.71 -0.54 1.60
C VAL A 87 1.80 -0.78 2.63
N VAL A 88 1.42 -0.78 3.89
CA VAL A 88 2.39 -0.95 4.98
C VAL A 88 1.88 -1.99 5.98
N ASP A 89 2.82 -2.67 6.62
CA ASP A 89 2.50 -3.61 7.69
C ASP A 89 2.05 -2.85 8.92
N PRO A 90 0.78 -3.03 9.33
CA PRO A 90 0.22 -2.33 10.49
C PRO A 90 1.01 -2.59 11.78
N GLU A 91 1.70 -3.71 11.81
CA GLU A 91 2.55 -4.07 12.95
C GLU A 91 3.71 -3.09 13.08
N THR A 92 4.40 -2.83 11.97
CA THR A 92 5.49 -1.86 11.96
C THR A 92 4.94 -0.43 12.03
N ASP A 93 3.84 -0.19 11.35
CA ASP A 93 3.20 1.13 11.31
C ASP A 93 2.82 1.61 12.70
N GLU A 94 2.49 0.67 13.57
CA GLU A 94 2.08 0.98 14.93
C GLU A 94 3.18 1.76 15.65
N GLN A 95 4.42 1.27 15.56
CA GLN A 95 5.55 1.98 16.15
C GLN A 95 5.94 3.20 15.32
N LEU A 96 5.89 3.05 13.98
CA LEU A 96 6.36 4.10 13.07
C LEU A 96 5.56 5.39 13.24
N GLN A 97 4.25 5.27 13.47
CA GLN A 97 3.39 6.43 13.67
C GLN A 97 3.86 7.28 14.84
N LYS A 98 4.37 6.63 15.87
CA LYS A 98 4.84 7.32 17.09
C LYS A 98 6.15 8.05 16.81
N LEU A 99 6.83 7.65 15.76
CA LEU A 99 8.15 8.18 15.44
C LEU A 99 8.08 9.21 14.32
N GLY A 100 7.17 9.01 13.38
CA GLY A 100 6.99 9.95 12.29
C GLY A 100 6.71 9.25 10.98
N VAL A 101 5.45 8.94 10.73
CA VAL A 101 5.08 8.17 9.55
C VAL A 101 4.90 9.06 8.32
N GLN A 102 5.91 9.04 7.45
CA GLN A 102 5.83 9.67 6.15
C GLN A 102 6.21 8.65 5.09
N VAL A 103 5.58 7.49 5.21
CA VAL A 103 5.87 6.32 4.38
C VAL A 103 5.52 6.50 2.90
N ARG A 104 4.75 7.53 2.56
CA ARG A 104 4.06 7.57 1.25
C ARG A 104 5.03 7.49 0.06
N GLU A 105 6.21 8.08 0.19
CA GLU A 105 7.19 7.99 -0.89
C GLU A 105 8.58 8.40 -0.40
N GLU A 106 8.61 9.18 0.67
CA GLU A 106 9.82 9.76 1.19
C GLU A 106 10.88 8.70 1.49
N LEU A 107 10.47 7.62 2.13
CA LEU A 107 11.38 6.52 2.46
C LEU A 107 11.66 5.65 1.25
N LEU A 108 10.80 5.73 0.24
CA LEU A 108 10.94 4.92 -0.96
C LEU A 108 12.05 5.45 -1.86
N ARG A 109 12.27 6.76 -1.83
CA ARG A 109 13.28 7.36 -2.68
C ARG A 109 14.64 7.37 -1.99
N ALA A 110 14.63 7.48 -0.66
CA ALA A 110 15.87 7.58 0.10
C ALA A 110 15.62 7.26 1.56
N GLN A 111 16.59 6.60 2.18
CA GLN A 111 16.56 6.33 3.59
C GLN A 111 17.82 6.90 4.23
N GLU A 112 17.66 7.72 5.25
CA GLU A 112 18.80 8.36 5.90
C GLU A 112 19.65 7.34 6.64
N ALA A 113 20.96 7.41 6.38
CA ALA A 113 21.92 6.42 6.88
C ALA A 113 21.59 5.04 6.31
N PRO A 114 21.80 4.87 5.00
CA PRO A 114 21.47 3.62 4.31
C PRO A 114 22.21 2.41 4.87
N GLY A 115 21.46 1.48 5.43
CA GLY A 115 22.06 0.26 5.96
C GLY A 115 22.32 -0.77 4.88
N GLN A 116 22.79 -0.31 3.74
CA GLN A 116 23.08 -1.18 2.61
C GLN A 116 24.58 -1.32 2.44
N ALA A 117 25.15 -0.40 1.68
CA ALA A 117 26.58 -0.35 1.42
C ALA A 117 26.92 0.93 0.68
N GLY A 1 16.07 -3.07 21.80
CA GLY A 1 15.05 -2.04 22.14
C GLY A 1 14.23 -1.65 20.93
N ILE A 2 14.65 -0.59 20.25
CA ILE A 2 13.96 -0.14 19.06
C ILE A 2 14.90 -0.06 17.87
N ASP A 3 14.46 -0.63 16.76
CA ASP A 3 15.17 -0.54 15.50
C ASP A 3 14.61 0.63 14.70
N PRO A 4 15.48 1.37 14.01
CA PRO A 4 15.10 2.57 13.26
C PRO A 4 14.15 2.26 12.10
N PHE A 5 14.15 1.01 11.67
CA PHE A 5 13.27 0.58 10.61
C PHE A 5 13.00 -0.91 10.71
N THR A 6 11.88 -1.31 10.14
CA THR A 6 11.44 -2.69 10.18
C THR A 6 10.25 -2.86 9.24
N MET A 7 10.35 -3.85 8.34
CA MET A 7 9.28 -4.17 7.39
C MET A 7 8.68 -2.90 6.77
N LEU A 8 9.50 -2.18 6.02
CA LEU A 8 9.09 -0.92 5.44
C LEU A 8 8.17 -1.14 4.24
N PRO A 9 7.21 -0.23 4.04
CA PRO A 9 6.22 -0.32 2.96
C PRO A 9 6.86 -0.17 1.58
N ARG A 10 6.40 -0.96 0.65
CA ARG A 10 6.90 -0.92 -0.72
C ARG A 10 5.82 -0.42 -1.65
N LEU A 11 6.20 0.40 -2.62
CA LEU A 11 5.26 0.83 -3.64
C LEU A 11 5.15 -0.25 -4.69
N CYS A 12 4.04 -0.96 -4.65
CA CYS A 12 3.86 -2.15 -5.44
C CYS A 12 3.11 -1.83 -6.73
N CYS A 13 3.79 -1.96 -7.85
CA CYS A 13 3.16 -1.73 -9.13
C CYS A 13 2.64 -3.04 -9.69
N LEU A 14 1.33 -3.11 -9.84
CA LEU A 14 0.69 -4.28 -10.40
C LEU A 14 0.40 -4.05 -11.86
N GLU A 15 0.45 -5.10 -12.62
CA GLU A 15 0.08 -5.02 -14.00
C GLU A 15 -1.32 -5.58 -14.15
N LYS A 16 -2.21 -4.76 -14.69
CA LYS A 16 -3.60 -5.12 -14.84
C LYS A 16 -3.75 -6.27 -15.84
N GLY A 17 -4.13 -7.42 -15.33
CA GLY A 17 -4.38 -8.57 -16.17
C GLY A 17 -5.81 -8.63 -16.65
N PRO A 18 -6.28 -9.79 -17.10
CA PRO A 18 -7.64 -9.96 -17.61
C PRO A 18 -8.70 -9.69 -16.55
N ASN A 19 -8.35 -9.96 -15.30
CA ASN A 19 -9.29 -9.81 -14.18
C ASN A 19 -8.86 -8.68 -13.25
N GLY A 20 -8.23 -7.66 -13.82
CA GLY A 20 -7.78 -6.55 -13.02
C GLY A 20 -6.45 -6.83 -12.35
N TYR A 21 -6.44 -6.87 -11.03
CA TYR A 21 -5.20 -7.04 -10.29
C TYR A 21 -5.28 -8.22 -9.34
N GLY A 22 -6.49 -8.56 -8.92
CA GLY A 22 -6.70 -9.77 -8.14
C GLY A 22 -6.59 -9.56 -6.63
N PHE A 23 -6.95 -8.38 -6.16
CA PHE A 23 -6.97 -8.14 -4.72
C PHE A 23 -8.34 -7.63 -4.30
N HIS A 24 -8.69 -7.91 -3.05
CA HIS A 24 -9.95 -7.44 -2.50
C HIS A 24 -9.68 -6.50 -1.34
N LEU A 25 -10.46 -5.44 -1.25
CA LEU A 25 -10.17 -4.35 -0.33
C LEU A 25 -11.35 -4.10 0.62
N HIS A 26 -11.09 -4.08 1.92
CA HIS A 26 -12.12 -3.75 2.88
C HIS A 26 -11.75 -2.46 3.62
N GLY A 27 -12.71 -1.57 3.74
CA GLY A 27 -12.48 -0.29 4.39
C GLY A 27 -13.10 -0.24 5.77
N GLU A 28 -13.63 -1.39 6.19
CA GLU A 28 -14.24 -1.55 7.51
C GLU A 28 -15.49 -0.68 7.67
N LYS A 29 -16.19 -0.90 8.79
CA LYS A 29 -17.35 -0.13 9.16
C LYS A 29 -17.16 0.45 10.55
N GLY A 30 -16.79 1.72 10.60
CA GLY A 30 -16.47 2.35 11.86
C GLY A 30 -15.04 2.85 11.86
N LYS A 31 -14.25 2.29 10.95
CA LYS A 31 -12.89 2.74 10.72
C LYS A 31 -12.86 3.68 9.53
N LEU A 32 -11.67 4.14 9.16
CA LEU A 32 -11.53 5.07 8.07
C LEU A 32 -10.30 4.76 7.23
N GLY A 33 -10.00 3.47 7.09
CA GLY A 33 -8.85 3.05 6.33
C GLY A 33 -9.15 1.83 5.48
N GLN A 34 -8.39 1.66 4.41
CA GLN A 34 -8.59 0.53 3.50
C GLN A 34 -7.52 -0.53 3.73
N TYR A 35 -7.92 -1.79 3.75
CA TYR A 35 -6.99 -2.89 4.01
C TYR A 35 -7.20 -4.02 3.00
N ILE A 36 -6.14 -4.77 2.75
CA ILE A 36 -6.21 -5.94 1.88
C ILE A 36 -7.01 -7.05 2.59
N ARG A 37 -8.10 -7.49 1.98
CA ARG A 37 -8.91 -8.52 2.59
C ARG A 37 -8.61 -9.89 1.98
N LEU A 38 -8.15 -9.88 0.73
CA LEU A 38 -7.84 -11.12 0.03
C LEU A 38 -6.98 -10.86 -1.19
N VAL A 39 -6.16 -11.85 -1.53
CA VAL A 39 -5.36 -11.82 -2.74
C VAL A 39 -5.64 -13.08 -3.55
N GLU A 40 -6.16 -12.89 -4.76
CA GLU A 40 -6.47 -14.00 -5.65
C GLU A 40 -5.19 -14.73 -6.03
N PRO A 41 -5.15 -16.06 -5.90
CA PRO A 41 -3.97 -16.83 -6.24
C PRO A 41 -3.72 -16.85 -7.75
N GLY A 42 -2.54 -16.41 -8.12
CA GLY A 42 -2.18 -16.32 -9.53
C GLY A 42 -2.43 -14.93 -10.10
N SER A 43 -2.49 -13.94 -9.23
CA SER A 43 -2.71 -12.58 -9.66
C SER A 43 -1.40 -11.78 -9.58
N PRO A 44 -1.30 -10.66 -10.32
CA PRO A 44 -0.15 -9.76 -10.24
C PRO A 44 0.05 -9.22 -8.83
N ALA A 45 -1.02 -9.26 -8.03
CA ALA A 45 -0.97 -8.80 -6.65
C ALA A 45 0.02 -9.62 -5.84
N GLU A 46 0.05 -10.92 -6.09
CA GLU A 46 0.97 -11.79 -5.36
C GLU A 46 2.41 -11.55 -5.80
N LYS A 47 2.59 -11.19 -7.08
CA LYS A 47 3.91 -10.96 -7.63
C LYS A 47 4.54 -9.69 -7.05
N ALA A 48 3.73 -8.67 -6.82
CA ALA A 48 4.23 -7.43 -6.24
C ALA A 48 4.37 -7.56 -4.72
N GLY A 49 3.70 -8.56 -4.15
CA GLY A 49 3.85 -8.85 -2.74
C GLY A 49 2.75 -8.26 -1.87
N LEU A 50 1.53 -8.28 -2.37
CA LEU A 50 0.39 -7.82 -1.57
C LEU A 50 -0.09 -8.94 -0.67
N LEU A 51 -0.21 -8.66 0.62
CA LEU A 51 -0.63 -9.67 1.57
C LEU A 51 -1.89 -9.24 2.30
N ALA A 52 -2.78 -10.19 2.53
CA ALA A 52 -4.03 -9.93 3.24
C ALA A 52 -3.74 -9.48 4.68
N GLY A 53 -3.85 -8.18 4.90
CA GLY A 53 -3.51 -7.61 6.18
C GLY A 53 -2.88 -6.25 6.03
N ASP A 54 -2.22 -6.04 4.89
CA ASP A 54 -1.58 -4.76 4.60
C ASP A 54 -2.60 -3.64 4.53
N ARG A 55 -2.24 -2.48 5.07
CA ARG A 55 -3.09 -1.31 5.00
C ARG A 55 -2.75 -0.52 3.75
N LEU A 56 -3.78 -0.13 3.02
CA LEU A 56 -3.60 0.65 1.81
C LEU A 56 -3.25 2.08 2.17
N VAL A 57 -2.02 2.47 1.86
CA VAL A 57 -1.51 3.79 2.22
C VAL A 57 -1.68 4.78 1.08
N GLU A 58 -1.34 4.34 -0.13
CA GLU A 58 -1.37 5.24 -1.27
C GLU A 58 -1.79 4.50 -2.53
N VAL A 59 -2.43 5.22 -3.45
CA VAL A 59 -2.90 4.65 -4.70
C VAL A 59 -2.60 5.62 -5.86
N ASN A 60 -1.75 5.17 -6.78
CA ASN A 60 -1.40 5.92 -7.98
C ASN A 60 -0.73 7.24 -7.63
N GLY A 61 -0.01 7.27 -6.52
CA GLY A 61 0.75 8.45 -6.16
C GLY A 61 0.02 9.36 -5.18
N GLU A 62 -1.13 8.93 -4.66
CA GLU A 62 -1.87 9.74 -3.71
C GLU A 62 -2.16 8.97 -2.43
N ASN A 63 -1.95 9.65 -1.30
CA ASN A 63 -2.19 9.08 0.02
C ASN A 63 -3.69 8.85 0.21
N VAL A 64 -4.08 7.59 0.39
CA VAL A 64 -5.51 7.24 0.48
C VAL A 64 -5.85 6.63 1.84
N GLU A 65 -5.09 6.96 2.85
CA GLU A 65 -5.29 6.41 4.18
C GLU A 65 -6.51 6.97 4.87
N LYS A 66 -6.96 8.13 4.39
CA LYS A 66 -8.12 8.79 4.96
C LYS A 66 -9.19 8.99 3.89
N GLU A 67 -9.10 8.18 2.85
CA GLU A 67 -10.00 8.27 1.70
C GLU A 67 -11.05 7.18 1.78
N THR A 68 -12.20 7.43 1.16
CA THR A 68 -13.29 6.47 1.18
C THR A 68 -13.01 5.34 0.20
N HIS A 69 -13.71 4.23 0.35
CA HIS A 69 -13.52 3.09 -0.52
C HIS A 69 -13.75 3.50 -1.98
N GLN A 70 -14.78 4.32 -2.20
CA GLN A 70 -15.15 4.77 -3.53
C GLN A 70 -14.07 5.68 -4.12
N GLN A 71 -13.53 6.57 -3.28
CA GLN A 71 -12.48 7.47 -3.71
C GLN A 71 -11.24 6.69 -4.15
N VAL A 72 -10.94 5.64 -3.41
CA VAL A 72 -9.79 4.80 -3.73
C VAL A 72 -10.02 4.04 -5.03
N VAL A 73 -11.17 3.38 -5.16
CA VAL A 73 -11.46 2.57 -6.34
C VAL A 73 -11.47 3.41 -7.61
N SER A 74 -11.94 4.65 -7.49
CA SER A 74 -11.95 5.59 -8.60
C SER A 74 -10.53 5.79 -9.14
N ARG A 75 -9.56 5.94 -8.24
CA ARG A 75 -8.17 6.09 -8.61
C ARG A 75 -7.66 4.82 -9.29
N ILE A 76 -8.07 3.67 -8.77
CA ILE A 76 -7.68 2.38 -9.33
C ILE A 76 -8.19 2.24 -10.77
N ARG A 77 -9.35 2.82 -11.03
CA ARG A 77 -9.95 2.82 -12.36
C ARG A 77 -9.20 3.75 -13.29
N ALA A 78 -8.48 4.71 -12.73
CA ALA A 78 -7.69 5.65 -13.51
C ALA A 78 -6.39 5.01 -13.99
N ALA A 79 -6.01 3.91 -13.36
CA ALA A 79 -4.86 3.14 -13.79
C ALA A 79 -5.17 2.49 -15.15
N LEU A 80 -4.29 2.72 -16.11
CA LEU A 80 -4.51 2.28 -17.47
C LEU A 80 -4.14 0.82 -17.66
N ASN A 81 -2.86 0.51 -17.55
CA ASN A 81 -2.39 -0.86 -17.76
C ASN A 81 -1.79 -1.40 -16.47
N ALA A 82 -1.43 -0.51 -15.57
CA ALA A 82 -0.82 -0.89 -14.32
C ALA A 82 -1.16 0.12 -13.23
N VAL A 83 -1.15 -0.33 -11.98
CA VAL A 83 -1.46 0.53 -10.86
C VAL A 83 -0.35 0.45 -9.82
N ARG A 84 -0.07 1.55 -9.16
CA ARG A 84 0.91 1.56 -8.09
C ARG A 84 0.21 1.70 -6.75
N LEU A 85 0.38 0.69 -5.92
CA LEU A 85 -0.26 0.66 -4.61
C LEU A 85 0.78 0.62 -3.51
N LEU A 86 0.71 1.59 -2.62
CA LEU A 86 1.58 1.63 -1.46
C LEU A 86 0.86 1.04 -0.26
N VAL A 87 1.40 -0.03 0.30
CA VAL A 87 0.79 -0.67 1.45
C VAL A 87 1.82 -0.93 2.53
N VAL A 88 1.35 -1.01 3.77
CA VAL A 88 2.22 -1.32 4.90
C VAL A 88 1.44 -2.12 5.94
N ASP A 89 2.11 -3.10 6.53
CA ASP A 89 1.53 -3.86 7.62
C ASP A 89 1.22 -2.93 8.80
N PRO A 90 -0.07 -2.86 9.17
CA PRO A 90 -0.58 -1.91 10.17
C PRO A 90 0.09 -2.06 11.54
N GLU A 91 0.46 -3.28 11.87
CA GLU A 91 1.11 -3.54 13.14
C GLU A 91 2.53 -2.99 13.14
N THR A 92 3.20 -3.11 12.00
CA THR A 92 4.51 -2.50 11.84
C THR A 92 4.41 -0.98 11.73
N ASP A 93 3.37 -0.52 11.03
CA ASP A 93 3.10 0.91 10.91
C ASP A 93 2.91 1.53 12.29
N GLU A 94 2.32 0.76 13.19
CA GLU A 94 2.15 1.17 14.57
C GLU A 94 3.51 1.47 15.20
N GLN A 95 4.52 0.67 14.85
CA GLN A 95 5.88 0.93 15.30
C GLN A 95 6.46 2.13 14.58
N LEU A 96 6.33 2.15 13.26
CA LEU A 96 7.00 3.13 12.42
C LEU A 96 6.55 4.56 12.75
N GLN A 97 5.26 4.70 13.07
CA GLN A 97 4.71 6.00 13.44
C GLN A 97 5.34 6.53 14.72
N LYS A 98 5.63 5.65 15.66
CA LYS A 98 6.23 6.06 16.93
C LYS A 98 7.68 6.49 16.70
N LEU A 99 8.28 5.96 15.64
CA LEU A 99 9.68 6.21 15.33
C LEU A 99 9.82 7.53 14.58
N GLY A 100 8.70 8.10 14.16
CA GLY A 100 8.72 9.35 13.43
C GLY A 100 8.79 9.13 11.93
N VAL A 101 8.43 7.94 11.49
CA VAL A 101 8.49 7.61 10.07
C VAL A 101 7.15 7.90 9.39
N GLN A 102 7.19 8.38 8.16
CA GLN A 102 5.99 8.55 7.36
C GLN A 102 6.07 7.66 6.14
N VAL A 103 5.43 6.51 6.23
CA VAL A 103 5.41 5.52 5.16
C VAL A 103 4.67 6.04 3.92
N ARG A 104 3.93 7.13 4.12
CA ARG A 104 2.96 7.62 3.15
C ARG A 104 3.56 7.93 1.78
N GLU A 105 4.85 8.32 1.75
CA GLU A 105 5.56 8.56 0.48
C GLU A 105 6.95 9.10 0.78
N GLU A 106 7.11 9.71 1.96
CA GLU A 106 8.40 10.29 2.38
C GLU A 106 9.51 9.24 2.29
N LEU A 107 9.18 8.01 2.65
CA LEU A 107 10.12 6.90 2.62
C LEU A 107 10.36 6.39 1.20
N LEU A 108 9.35 6.56 0.34
CA LEU A 108 9.38 6.03 -1.02
C LEU A 108 10.35 6.81 -1.90
N ARG A 109 10.80 7.95 -1.41
CA ARG A 109 11.79 8.74 -2.12
C ARG A 109 13.16 8.08 -2.03
N ALA A 110 13.55 7.74 -0.81
CA ALA A 110 14.83 7.07 -0.56
C ALA A 110 14.86 5.69 -1.20
N GLN A 111 13.83 4.89 -0.94
CA GLN A 111 13.77 3.53 -1.47
C GLN A 111 13.16 3.52 -2.87
N GLU A 112 13.86 2.91 -3.81
CA GLU A 112 13.35 2.79 -5.18
C GLU A 112 12.67 1.45 -5.39
N ALA A 113 11.82 1.39 -6.39
CA ALA A 113 11.16 0.15 -6.77
C ALA A 113 11.44 -0.16 -8.24
N PRO A 114 12.16 -1.26 -8.52
CA PRO A 114 12.48 -1.69 -9.89
C PRO A 114 11.22 -1.90 -10.72
N GLY A 115 11.02 -1.04 -11.71
CA GLY A 115 9.81 -1.06 -12.48
C GLY A 115 9.99 -1.77 -13.80
N GLN A 116 9.51 -3.01 -13.88
CA GLN A 116 9.57 -3.76 -15.12
C GLN A 116 8.25 -3.63 -15.88
N ALA A 117 7.84 -2.38 -16.06
CA ALA A 117 6.60 -2.09 -16.75
C ALA A 117 6.86 -1.11 -17.89
N GLY A 1 16.40 -1.24 22.53
CA GLY A 1 15.85 0.14 22.59
C GLY A 1 14.75 0.34 21.57
N ILE A 2 14.88 1.37 20.75
CA ILE A 2 13.89 1.67 19.73
C ILE A 2 14.52 1.57 18.35
N ASP A 3 13.81 0.91 17.45
CA ASP A 3 14.27 0.80 16.07
C ASP A 3 13.66 1.94 15.26
N PRO A 4 14.51 2.83 14.71
CA PRO A 4 14.07 4.07 14.07
C PRO A 4 13.15 3.83 12.87
N PHE A 5 13.32 2.69 12.23
CA PHE A 5 12.47 2.26 11.14
C PHE A 5 12.70 0.79 10.87
N THR A 6 11.66 0.11 10.47
CA THR A 6 11.69 -1.32 10.33
C THR A 6 10.52 -1.77 9.49
N MET A 7 10.79 -2.69 8.57
CA MET A 7 9.75 -3.29 7.73
C MET A 7 9.03 -2.19 6.96
N LEU A 8 9.82 -1.30 6.40
CA LEU A 8 9.30 -0.14 5.70
C LEU A 8 8.45 -0.55 4.50
N PRO A 9 7.40 0.24 4.21
CA PRO A 9 6.48 -0.02 3.10
C PRO A 9 7.11 0.22 1.75
N ARG A 10 6.66 -0.53 0.76
CA ARG A 10 7.13 -0.38 -0.60
C ARG A 10 5.99 -0.01 -1.53
N LEU A 11 6.28 0.85 -2.49
CA LEU A 11 5.30 1.20 -3.50
C LEU A 11 5.33 0.13 -4.58
N CYS A 12 4.28 -0.66 -4.62
CA CYS A 12 4.27 -1.86 -5.44
C CYS A 12 3.34 -1.69 -6.64
N CYS A 13 3.89 -1.78 -7.83
CA CYS A 13 3.10 -1.72 -9.04
C CYS A 13 2.76 -3.12 -9.52
N LEU A 14 1.50 -3.32 -9.87
CA LEU A 14 1.03 -4.58 -10.39
C LEU A 14 0.17 -4.36 -11.61
N GLU A 15 0.11 -5.35 -12.49
CA GLU A 15 -0.58 -5.20 -13.76
C GLU A 15 -1.94 -5.85 -13.67
N LYS A 16 -2.86 -5.32 -14.46
CA LYS A 16 -4.21 -5.85 -14.53
C LYS A 16 -4.28 -6.95 -15.58
N GLY A 17 -4.55 -8.16 -15.15
CA GLY A 17 -4.62 -9.28 -16.07
C GLY A 17 -6.03 -9.49 -16.59
N PRO A 18 -6.35 -10.73 -17.00
CA PRO A 18 -7.67 -11.08 -17.56
C PRO A 18 -8.79 -10.90 -16.55
N ASN A 19 -8.44 -11.08 -15.29
CA ASN A 19 -9.39 -11.06 -14.20
C ASN A 19 -9.07 -9.91 -13.25
N GLY A 20 -8.46 -8.86 -13.80
CA GLY A 20 -8.07 -7.73 -13.00
C GLY A 20 -6.75 -7.98 -12.30
N TYR A 21 -6.60 -7.43 -11.10
CA TYR A 21 -5.34 -7.56 -10.38
C TYR A 21 -5.34 -8.75 -9.44
N GLY A 22 -6.54 -9.19 -9.07
CA GLY A 22 -6.66 -10.36 -8.22
C GLY A 22 -6.57 -10.04 -6.74
N PHE A 23 -6.99 -8.85 -6.35
CA PHE A 23 -6.98 -8.48 -4.94
C PHE A 23 -8.33 -7.90 -4.55
N HIS A 24 -8.63 -7.95 -3.27
CA HIS A 24 -9.89 -7.43 -2.74
C HIS A 24 -9.60 -6.47 -1.60
N LEU A 25 -10.41 -5.42 -1.47
CA LEU A 25 -10.13 -4.34 -0.54
C LEU A 25 -11.27 -4.13 0.46
N HIS A 26 -10.91 -3.93 1.73
CA HIS A 26 -11.91 -3.61 2.76
C HIS A 26 -11.42 -2.44 3.59
N GLY A 27 -12.32 -1.54 3.94
CA GLY A 27 -11.93 -0.37 4.70
C GLY A 27 -12.56 -0.32 6.07
N GLU A 28 -13.31 -1.36 6.39
CA GLU A 28 -14.02 -1.47 7.67
C GLU A 28 -14.98 -0.29 7.86
N LYS A 29 -15.50 -0.15 9.07
CA LYS A 29 -16.36 0.97 9.39
C LYS A 29 -15.90 1.60 10.71
N GLY A 30 -15.79 2.92 10.73
CA GLY A 30 -15.21 3.60 11.88
C GLY A 30 -13.75 3.89 11.66
N LYS A 31 -13.13 3.14 10.76
CA LYS A 31 -11.75 3.35 10.39
C LYS A 31 -11.66 4.40 9.30
N LEU A 32 -10.45 4.80 8.95
CA LEU A 32 -10.25 5.83 7.94
C LEU A 32 -9.22 5.38 6.91
N GLY A 33 -8.95 4.09 6.87
CA GLY A 33 -7.97 3.56 5.95
C GLY A 33 -8.43 2.27 5.32
N GLN A 34 -7.79 1.90 4.21
CA GLN A 34 -8.18 0.69 3.50
C GLN A 34 -7.19 -0.42 3.78
N TYR A 35 -7.67 -1.65 3.85
CA TYR A 35 -6.83 -2.80 4.09
C TYR A 35 -7.08 -3.87 3.04
N ILE A 36 -6.08 -4.66 2.75
CA ILE A 36 -6.23 -5.76 1.81
C ILE A 36 -7.09 -6.85 2.43
N ARG A 37 -8.15 -7.24 1.74
CA ARG A 37 -9.08 -8.24 2.26
C ARG A 37 -8.66 -9.63 1.78
N LEU A 38 -8.16 -9.71 0.56
CA LEU A 38 -7.74 -10.98 -0.01
C LEU A 38 -6.87 -10.75 -1.22
N VAL A 39 -5.93 -11.66 -1.43
CA VAL A 39 -5.15 -11.71 -2.65
C VAL A 39 -5.28 -13.09 -3.27
N GLU A 40 -5.82 -13.14 -4.48
CA GLU A 40 -6.01 -14.39 -5.20
C GLU A 40 -4.65 -15.01 -5.49
N PRO A 41 -4.46 -16.29 -5.13
CA PRO A 41 -3.19 -16.97 -5.30
C PRO A 41 -2.76 -17.06 -6.77
N GLY A 42 -1.55 -16.62 -7.03
CA GLY A 42 -1.00 -16.69 -8.37
C GLY A 42 -1.35 -15.47 -9.22
N SER A 43 -1.94 -14.46 -8.59
CA SER A 43 -2.35 -13.27 -9.33
C SER A 43 -1.18 -12.29 -9.46
N PRO A 44 -1.29 -11.30 -10.36
CA PRO A 44 -0.29 -10.25 -10.51
C PRO A 44 -0.07 -9.48 -9.20
N ALA A 45 -1.09 -9.45 -8.35
CA ALA A 45 -1.00 -8.77 -7.07
C ALA A 45 0.03 -9.44 -6.16
N GLU A 46 0.16 -10.75 -6.29
CA GLU A 46 1.11 -11.51 -5.50
C GLU A 46 2.54 -11.18 -5.90
N LYS A 47 2.72 -10.80 -7.16
CA LYS A 47 4.05 -10.43 -7.67
C LYS A 47 4.53 -9.17 -7.00
N ALA A 48 3.59 -8.26 -6.74
CA ALA A 48 3.90 -6.96 -6.16
C ALA A 48 4.10 -7.08 -4.65
N GLY A 49 3.62 -8.17 -4.08
CA GLY A 49 3.81 -8.42 -2.66
C GLY A 49 2.61 -8.02 -1.83
N LEU A 50 1.43 -8.11 -2.42
CA LEU A 50 0.20 -7.81 -1.70
C LEU A 50 -0.27 -9.04 -0.92
N LEU A 51 -0.72 -8.81 0.31
CA LEU A 51 -1.24 -9.89 1.15
C LEU A 51 -2.37 -9.34 2.00
N ALA A 52 -3.40 -10.16 2.22
CA ALA A 52 -4.56 -9.78 3.00
C ALA A 52 -4.16 -9.38 4.43
N GLY A 53 -4.13 -8.09 4.67
CA GLY A 53 -3.75 -7.58 5.97
C GLY A 53 -3.01 -6.25 5.85
N ASP A 54 -2.28 -6.08 4.75
CA ASP A 54 -1.51 -4.85 4.52
C ASP A 54 -2.43 -3.64 4.46
N ARG A 55 -1.96 -2.53 5.03
CA ARG A 55 -2.73 -1.29 5.04
C ARG A 55 -2.41 -0.47 3.80
N LEU A 56 -3.45 -0.12 3.06
CA LEU A 56 -3.32 0.69 1.86
C LEU A 56 -3.13 2.15 2.23
N VAL A 57 -1.95 2.69 1.96
CA VAL A 57 -1.63 4.05 2.34
C VAL A 57 -1.61 5.00 1.14
N GLU A 58 -1.34 4.48 -0.05
CA GLU A 58 -1.40 5.31 -1.27
C GLU A 58 -1.87 4.50 -2.46
N VAL A 59 -2.52 5.17 -3.41
CA VAL A 59 -2.96 4.55 -4.65
C VAL A 59 -2.67 5.48 -5.83
N ASN A 60 -1.77 5.05 -6.70
CA ASN A 60 -1.43 5.77 -7.93
C ASN A 60 -0.96 7.19 -7.64
N GLY A 61 -0.15 7.35 -6.62
CA GLY A 61 0.50 8.62 -6.39
C GLY A 61 -0.17 9.48 -5.32
N GLU A 62 -1.34 9.08 -4.84
CA GLU A 62 -2.04 9.87 -3.85
C GLU A 62 -2.37 9.03 -2.65
N ASN A 63 -1.99 9.53 -1.51
CA ASN A 63 -2.13 8.81 -0.28
C ASN A 63 -3.60 8.66 0.11
N VAL A 64 -3.94 7.45 0.51
CA VAL A 64 -5.30 7.11 0.88
C VAL A 64 -5.35 6.67 2.34
N GLU A 65 -4.35 7.13 3.09
CA GLU A 65 -4.20 6.80 4.51
C GLU A 65 -5.46 7.11 5.31
N LYS A 66 -6.15 8.17 4.89
CA LYS A 66 -7.32 8.66 5.60
C LYS A 66 -8.46 8.88 4.60
N GLU A 67 -8.35 8.21 3.47
CA GLU A 67 -9.27 8.38 2.36
C GLU A 67 -10.32 7.27 2.37
N THR A 68 -11.43 7.48 1.68
CA THR A 68 -12.56 6.56 1.77
C THR A 68 -12.46 5.45 0.74
N HIS A 69 -13.25 4.40 0.92
CA HIS A 69 -13.27 3.28 0.00
C HIS A 69 -13.64 3.74 -1.40
N GLN A 70 -14.68 4.56 -1.50
CA GLN A 70 -15.16 5.05 -2.78
C GLN A 70 -14.09 5.87 -3.50
N GLN A 71 -13.37 6.69 -2.73
CA GLN A 71 -12.30 7.50 -3.28
C GLN A 71 -11.18 6.61 -3.82
N VAL A 72 -10.83 5.58 -3.05
CA VAL A 72 -9.78 4.64 -3.45
C VAL A 72 -10.16 3.88 -4.71
N VAL A 73 -11.40 3.38 -4.76
CA VAL A 73 -11.87 2.61 -5.90
C VAL A 73 -11.83 3.44 -7.18
N SER A 74 -12.18 4.72 -7.05
CA SER A 74 -12.19 5.62 -8.19
C SER A 74 -10.80 5.72 -8.84
N ARG A 75 -9.77 5.71 -7.99
CA ARG A 75 -8.37 5.77 -8.44
C ARG A 75 -8.02 4.56 -9.32
N ILE A 76 -8.61 3.42 -9.00
CA ILE A 76 -8.31 2.18 -9.71
C ILE A 76 -8.70 2.29 -11.18
N ARG A 77 -9.75 3.06 -11.47
CA ARG A 77 -10.21 3.25 -12.84
C ARG A 77 -9.20 4.09 -13.64
N ALA A 78 -8.38 4.87 -12.92
CA ALA A 78 -7.38 5.70 -13.57
C ALA A 78 -6.25 4.83 -14.09
N ALA A 79 -6.06 3.69 -13.46
CA ALA A 79 -5.08 2.72 -13.91
C ALA A 79 -5.57 2.03 -15.18
N LEU A 80 -4.80 2.17 -16.24
CA LEU A 80 -5.18 1.61 -17.53
C LEU A 80 -4.95 0.11 -17.57
N ASN A 81 -3.70 -0.30 -17.40
CA ASN A 81 -3.35 -1.70 -17.47
C ASN A 81 -2.53 -2.13 -16.26
N ALA A 82 -2.14 -1.16 -15.44
CA ALA A 82 -1.42 -1.45 -14.20
C ALA A 82 -1.69 -0.36 -13.16
N VAL A 83 -1.57 -0.71 -11.88
CA VAL A 83 -1.83 0.22 -10.80
C VAL A 83 -0.69 0.23 -9.80
N ARG A 84 -0.39 1.38 -9.24
CA ARG A 84 0.66 1.50 -8.25
C ARG A 84 0.04 1.56 -6.85
N LEU A 85 0.33 0.59 -6.03
CA LEU A 85 -0.26 0.52 -4.70
C LEU A 85 0.80 0.56 -3.62
N LEU A 86 0.67 1.52 -2.73
CA LEU A 86 1.58 1.66 -1.60
C LEU A 86 0.91 1.11 -0.35
N VAL A 87 1.50 0.09 0.23
CA VAL A 87 0.96 -0.53 1.44
C VAL A 87 2.04 -0.71 2.49
N VAL A 88 1.61 -0.81 3.73
CA VAL A 88 2.53 -1.01 4.84
C VAL A 88 1.98 -2.10 5.76
N ASP A 89 2.89 -2.90 6.32
CA ASP A 89 2.53 -3.97 7.25
C ASP A 89 1.71 -3.42 8.41
N PRO A 90 0.54 -4.03 8.65
CA PRO A 90 -0.48 -3.50 9.59
C PRO A 90 0.02 -3.35 11.02
N GLU A 91 0.82 -4.31 11.48
CA GLU A 91 1.37 -4.24 12.83
C GLU A 91 2.46 -3.18 12.91
N THR A 92 3.27 -3.11 11.86
CA THR A 92 4.40 -2.20 11.81
C THR A 92 3.94 -0.75 11.65
N ASP A 93 2.88 -0.56 10.89
CA ASP A 93 2.34 0.78 10.63
C ASP A 93 1.99 1.51 11.92
N GLU A 94 1.36 0.81 12.83
CA GLU A 94 0.90 1.42 14.07
C GLU A 94 2.07 1.83 14.97
N GLN A 95 3.14 1.04 14.98
CA GLN A 95 4.33 1.43 15.72
C GLN A 95 5.12 2.52 14.98
N LEU A 96 5.20 2.41 13.65
CA LEU A 96 6.00 3.31 12.83
C LEU A 96 5.46 4.74 12.82
N GLN A 97 4.15 4.90 12.92
CA GLN A 97 3.53 6.21 12.76
C GLN A 97 4.08 7.26 13.72
N LYS A 98 4.41 6.86 14.95
CA LYS A 98 4.96 7.80 15.92
C LYS A 98 6.42 8.11 15.60
N LEU A 99 7.05 7.23 14.84
CA LEU A 99 8.44 7.39 14.45
C LEU A 99 8.54 8.30 13.23
N GLY A 100 7.62 8.11 12.30
CA GLY A 100 7.58 8.95 11.12
C GLY A 100 6.68 8.39 10.05
N VAL A 101 5.67 9.17 9.68
CA VAL A 101 4.72 8.76 8.65
C VAL A 101 5.26 9.10 7.27
N GLN A 102 6.55 8.85 7.09
CA GLN A 102 7.24 9.17 5.86
C GLN A 102 7.03 8.06 4.84
N VAL A 103 6.19 7.10 5.21
CA VAL A 103 5.91 5.94 4.36
C VAL A 103 5.19 6.36 3.09
N ARG A 104 4.67 7.58 3.08
CA ARG A 104 3.84 8.08 2.00
C ARG A 104 4.56 8.07 0.66
N GLU A 105 5.88 8.28 0.70
CA GLU A 105 6.72 8.24 -0.49
C GLU A 105 8.12 8.73 -0.14
N GLU A 106 8.19 9.63 0.82
CA GLU A 106 9.44 10.27 1.21
C GLU A 106 10.49 9.23 1.60
N LEU A 107 10.13 8.32 2.49
CA LEU A 107 11.08 7.30 2.95
C LEU A 107 11.56 6.46 1.78
N LEU A 108 10.70 6.29 0.79
CA LEU A 108 10.99 5.45 -0.35
C LEU A 108 12.06 6.07 -1.25
N ARG A 109 12.15 7.39 -1.23
CA ARG A 109 13.16 8.10 -2.00
C ARG A 109 14.54 7.72 -1.53
N ALA A 110 14.61 7.45 -0.23
CA ALA A 110 15.83 7.04 0.45
C ALA A 110 16.83 8.18 0.48
N GLN A 111 16.31 9.35 0.81
CA GLN A 111 17.08 10.58 0.85
C GLN A 111 18.06 10.62 2.02
N GLU A 112 18.08 9.56 2.81
CA GLU A 112 18.97 9.50 3.96
C GLU A 112 20.14 8.57 3.70
N ALA A 113 21.27 8.87 4.33
CA ALA A 113 22.50 8.11 4.15
C ALA A 113 22.97 8.15 2.70
N PRO A 114 23.51 9.28 2.27
CA PRO A 114 24.03 9.44 0.91
C PRO A 114 25.42 8.82 0.77
N GLY A 115 25.50 7.75 -0.01
CA GLY A 115 26.76 7.06 -0.21
C GLY A 115 27.68 7.80 -1.16
N GLN A 116 27.10 8.52 -2.09
CA GLN A 116 27.88 9.31 -3.04
C GLN A 116 28.08 10.73 -2.51
N ALA A 117 27.11 11.59 -2.79
CA ALA A 117 27.15 12.99 -2.38
C ALA A 117 25.88 13.70 -2.85
N GLY A 1 21.12 2.08 20.03
CA GLY A 1 19.86 2.85 20.16
C GLY A 1 18.68 2.11 19.57
N ILE A 2 17.52 2.72 19.64
CA ILE A 2 16.32 2.14 19.03
C ILE A 2 16.27 2.49 17.55
N ASP A 3 15.92 1.52 16.73
CA ASP A 3 15.88 1.71 15.28
C ASP A 3 14.77 2.68 14.91
N PRO A 4 15.12 3.72 14.13
CA PRO A 4 14.18 4.74 13.70
C PRO A 4 13.18 4.20 12.69
N PHE A 5 13.53 3.09 12.07
CA PHE A 5 12.68 2.46 11.09
C PHE A 5 12.92 0.97 11.06
N THR A 6 11.86 0.24 10.77
CA THR A 6 11.89 -1.22 10.77
C THR A 6 10.76 -1.73 9.90
N MET A 7 11.12 -2.52 8.90
CA MET A 7 10.15 -3.07 7.94
C MET A 7 9.48 -1.93 7.16
N LEU A 8 10.28 -1.24 6.38
CA LEU A 8 9.82 -0.11 5.59
C LEU A 8 9.15 -0.59 4.31
N PRO A 9 8.01 0.03 3.94
CA PRO A 9 7.19 -0.39 2.81
C PRO A 9 7.80 -0.08 1.46
N ARG A 10 7.17 -0.61 0.43
CA ARG A 10 7.64 -0.44 -0.93
C ARG A 10 6.42 -0.20 -1.83
N LEU A 11 6.64 0.43 -2.98
CA LEU A 11 5.54 0.67 -3.90
C LEU A 11 5.33 -0.56 -4.78
N CYS A 12 4.16 -1.15 -4.67
CA CYS A 12 3.83 -2.34 -5.40
C CYS A 12 3.12 -2.00 -6.70
N CYS A 13 3.79 -2.21 -7.82
CA CYS A 13 3.20 -1.93 -9.12
C CYS A 13 2.69 -3.21 -9.76
N LEU A 14 1.38 -3.31 -9.86
CA LEU A 14 0.74 -4.50 -10.41
C LEU A 14 -0.01 -4.16 -11.68
N GLU A 15 -0.03 -5.11 -12.60
CA GLU A 15 -0.55 -4.87 -13.94
C GLU A 15 -1.85 -5.64 -14.14
N LYS A 16 -2.79 -5.02 -14.84
CA LYS A 16 -4.09 -5.61 -15.05
C LYS A 16 -4.00 -6.84 -15.96
N GLY A 17 -4.40 -7.98 -15.42
CA GLY A 17 -4.39 -9.21 -16.15
C GLY A 17 -5.75 -9.54 -16.75
N PRO A 18 -6.07 -10.82 -16.90
CA PRO A 18 -7.34 -11.27 -17.50
C PRO A 18 -8.55 -10.90 -16.65
N ASN A 19 -8.34 -10.78 -15.34
CA ASN A 19 -9.44 -10.49 -14.43
C ASN A 19 -9.05 -9.39 -13.46
N GLY A 20 -8.60 -8.28 -14.02
CA GLY A 20 -8.24 -7.13 -13.20
C GLY A 20 -6.88 -7.28 -12.56
N TYR A 21 -6.82 -7.22 -11.24
CA TYR A 21 -5.53 -7.19 -10.57
C TYR A 21 -5.36 -8.33 -9.56
N GLY A 22 -6.46 -8.82 -8.99
CA GLY A 22 -6.35 -9.93 -8.06
C GLY A 22 -6.28 -9.49 -6.62
N PHE A 23 -6.89 -8.35 -6.29
CA PHE A 23 -6.91 -7.90 -4.91
C PHE A 23 -8.26 -7.27 -4.59
N HIS A 24 -8.72 -7.50 -3.37
CA HIS A 24 -9.99 -6.95 -2.90
C HIS A 24 -9.77 -6.27 -1.56
N LEU A 25 -10.47 -5.17 -1.31
CA LEU A 25 -10.23 -4.37 -0.12
C LEU A 25 -11.41 -4.40 0.84
N HIS A 26 -11.12 -4.27 2.12
CA HIS A 26 -12.14 -4.21 3.14
C HIS A 26 -11.82 -3.09 4.12
N GLY A 27 -12.84 -2.41 4.60
CA GLY A 27 -12.64 -1.34 5.55
C GLY A 27 -13.13 -1.71 6.93
N GLU A 28 -12.21 -1.80 7.87
CA GLU A 28 -12.56 -2.08 9.26
C GLU A 28 -13.57 -1.05 9.76
N LYS A 29 -14.69 -1.53 10.27
CA LYS A 29 -15.73 -0.64 10.72
C LYS A 29 -15.26 0.13 11.95
N GLY A 30 -15.51 1.43 11.94
CA GLY A 30 -15.01 2.28 13.00
C GLY A 30 -13.67 2.89 12.64
N LYS A 31 -13.04 2.34 11.62
CA LYS A 31 -11.76 2.85 11.13
C LYS A 31 -11.98 3.69 9.88
N LEU A 32 -10.91 4.25 9.34
CA LEU A 32 -11.01 5.19 8.23
C LEU A 32 -10.07 4.84 7.08
N GLY A 33 -9.72 3.57 6.98
CA GLY A 33 -8.78 3.16 5.96
C GLY A 33 -9.15 1.84 5.31
N GLN A 34 -8.51 1.54 4.19
CA GLN A 34 -8.77 0.29 3.48
C GLN A 34 -7.63 -0.70 3.71
N TYR A 35 -8.00 -1.95 3.94
CA TYR A 35 -7.02 -3.02 4.14
C TYR A 35 -7.24 -4.10 3.10
N ILE A 36 -6.20 -4.88 2.83
CA ILE A 36 -6.29 -5.96 1.86
C ILE A 36 -7.16 -7.10 2.41
N ARG A 37 -8.31 -7.34 1.78
CA ARG A 37 -9.22 -8.39 2.21
C ARG A 37 -8.79 -9.72 1.60
N LEU A 38 -8.44 -9.68 0.33
CA LEU A 38 -8.05 -10.88 -0.38
C LEU A 38 -7.04 -10.58 -1.46
N VAL A 39 -6.08 -11.49 -1.60
CA VAL A 39 -5.20 -11.49 -2.75
C VAL A 39 -5.47 -12.77 -3.54
N GLU A 40 -5.98 -12.63 -4.74
CA GLU A 40 -6.38 -13.77 -5.55
C GLU A 40 -5.13 -14.52 -6.01
N PRO A 41 -4.92 -15.76 -5.52
CA PRO A 41 -3.72 -16.53 -5.82
C PRO A 41 -3.54 -16.75 -7.31
N GLY A 42 -2.41 -16.30 -7.82
CA GLY A 42 -2.14 -16.38 -9.24
C GLY A 42 -2.30 -15.05 -9.93
N SER A 43 -2.38 -13.98 -9.15
CA SER A 43 -2.59 -12.64 -9.69
C SER A 43 -1.29 -11.84 -9.67
N PRO A 44 -1.22 -10.78 -10.49
CA PRO A 44 -0.09 -9.86 -10.50
C PRO A 44 0.02 -9.07 -9.20
N ALA A 45 -1.05 -9.06 -8.42
CA ALA A 45 -1.06 -8.39 -7.13
C ALA A 45 -0.05 -9.05 -6.19
N GLU A 46 0.00 -10.38 -6.23
CA GLU A 46 0.97 -11.13 -5.45
C GLU A 46 2.38 -10.79 -5.90
N LYS A 47 2.55 -10.73 -7.21
CA LYS A 47 3.86 -10.48 -7.83
C LYS A 47 4.39 -9.10 -7.45
N ALA A 48 3.48 -8.19 -7.13
CA ALA A 48 3.87 -6.83 -6.77
C ALA A 48 4.20 -6.74 -5.27
N GLY A 49 3.72 -7.71 -4.50
CA GLY A 49 4.02 -7.74 -3.08
C GLY A 49 2.84 -7.29 -2.22
N LEU A 50 1.64 -7.76 -2.54
CA LEU A 50 0.48 -7.49 -1.72
C LEU A 50 0.14 -8.72 -0.88
N LEU A 51 -0.37 -8.50 0.33
CA LEU A 51 -0.75 -9.59 1.21
C LEU A 51 -1.96 -9.21 2.03
N ALA A 52 -2.84 -10.18 2.27
CA ALA A 52 -4.09 -9.95 3.01
C ALA A 52 -3.78 -9.57 4.46
N GLY A 53 -3.87 -8.28 4.75
CA GLY A 53 -3.58 -7.81 6.09
C GLY A 53 -2.93 -6.44 6.06
N ASP A 54 -2.26 -6.13 4.95
CA ASP A 54 -1.57 -4.85 4.79
C ASP A 54 -2.56 -3.72 4.54
N ARG A 55 -2.23 -2.53 5.00
CA ARG A 55 -3.09 -1.37 4.83
C ARG A 55 -2.72 -0.61 3.56
N LEU A 56 -3.73 -0.27 2.78
CA LEU A 56 -3.53 0.51 1.59
C LEU A 56 -3.29 1.98 1.97
N VAL A 57 -2.05 2.42 1.82
CA VAL A 57 -1.64 3.77 2.23
C VAL A 57 -1.69 4.73 1.06
N GLU A 58 -1.38 4.25 -0.14
CA GLU A 58 -1.36 5.11 -1.31
C GLU A 58 -1.79 4.34 -2.57
N VAL A 59 -2.39 5.06 -3.51
CA VAL A 59 -2.79 4.50 -4.79
C VAL A 59 -2.44 5.46 -5.91
N ASN A 60 -1.51 5.04 -6.76
CA ASN A 60 -1.12 5.79 -7.95
C ASN A 60 -0.56 7.17 -7.61
N GLY A 61 0.12 7.26 -6.48
CA GLY A 61 0.72 8.53 -6.08
C GLY A 61 -0.23 9.42 -5.31
N GLU A 62 -1.31 8.84 -4.82
CA GLU A 62 -2.26 9.60 -4.00
C GLU A 62 -2.45 8.93 -2.65
N ASN A 63 -2.44 9.74 -1.60
CA ASN A 63 -2.50 9.26 -0.23
C ASN A 63 -3.91 8.76 0.10
N VAL A 64 -4.05 7.45 0.35
CA VAL A 64 -5.38 6.87 0.51
C VAL A 64 -5.55 6.04 1.78
N GLU A 65 -4.61 6.13 2.71
CA GLU A 65 -4.68 5.27 3.88
C GLU A 65 -5.78 5.73 4.83
N LYS A 66 -6.15 6.99 4.67
CA LYS A 66 -7.28 7.57 5.40
C LYS A 66 -8.45 7.86 4.44
N GLU A 67 -8.45 7.24 3.27
CA GLU A 67 -9.50 7.50 2.29
C GLU A 67 -10.62 6.46 2.34
N THR A 68 -11.64 6.68 1.52
CA THR A 68 -12.81 5.81 1.51
C THR A 68 -12.62 4.68 0.50
N HIS A 69 -13.56 3.75 0.48
CA HIS A 69 -13.54 2.68 -0.49
C HIS A 69 -13.75 3.25 -1.89
N GLN A 70 -14.70 4.16 -2.03
CA GLN A 70 -15.00 4.74 -3.32
C GLN A 70 -13.83 5.56 -3.85
N GLN A 71 -13.17 6.29 -2.96
CA GLN A 71 -12.06 7.13 -3.36
C GLN A 71 -10.94 6.30 -3.96
N VAL A 72 -10.60 5.20 -3.31
CA VAL A 72 -9.50 4.37 -3.77
C VAL A 72 -9.85 3.68 -5.08
N VAL A 73 -11.05 3.12 -5.16
CA VAL A 73 -11.52 2.48 -6.38
C VAL A 73 -11.44 3.42 -7.57
N SER A 74 -11.85 4.67 -7.37
CA SER A 74 -11.81 5.68 -8.42
C SER A 74 -10.38 5.90 -8.92
N ARG A 75 -9.43 5.93 -7.97
CA ARG A 75 -8.03 6.15 -8.30
C ARG A 75 -7.44 4.95 -9.05
N ILE A 76 -7.88 3.75 -8.67
CA ILE A 76 -7.41 2.52 -9.31
C ILE A 76 -7.79 2.51 -10.78
N ARG A 77 -9.01 2.93 -11.08
CA ARG A 77 -9.51 2.98 -12.45
C ARG A 77 -8.73 3.99 -13.30
N ALA A 78 -8.06 4.93 -12.64
CA ALA A 78 -7.29 5.96 -13.34
C ALA A 78 -6.07 5.36 -14.03
N ALA A 79 -5.58 4.23 -13.52
CA ALA A 79 -4.45 3.55 -14.13
C ALA A 79 -4.84 2.96 -15.47
N LEU A 80 -3.91 3.04 -16.41
CA LEU A 80 -4.15 2.62 -17.78
C LEU A 80 -4.04 1.10 -17.93
N ASN A 81 -2.90 0.56 -17.55
CA ASN A 81 -2.68 -0.87 -17.63
C ASN A 81 -2.29 -1.41 -16.27
N ALA A 82 -1.68 -0.56 -15.46
CA ALA A 82 -1.12 -1.00 -14.19
C ALA A 82 -1.23 0.09 -13.14
N VAL A 83 -1.49 -0.31 -11.90
CA VAL A 83 -1.66 0.62 -10.82
C VAL A 83 -0.48 0.54 -9.85
N ARG A 84 -0.27 1.60 -9.09
CA ARG A 84 0.76 1.61 -8.07
C ARG A 84 0.08 1.61 -6.70
N LEU A 85 0.34 0.58 -5.92
CA LEU A 85 -0.27 0.48 -4.60
C LEU A 85 0.80 0.46 -3.51
N LEU A 86 0.64 1.32 -2.53
CA LEU A 86 1.56 1.35 -1.40
C LEU A 86 0.87 0.77 -0.17
N VAL A 87 1.46 -0.26 0.40
CA VAL A 87 0.91 -0.87 1.60
C VAL A 87 1.99 -1.07 2.65
N VAL A 88 1.57 -1.12 3.89
CA VAL A 88 2.47 -1.37 5.01
C VAL A 88 1.71 -2.13 6.10
N ASP A 89 2.43 -2.95 6.85
CA ASP A 89 1.84 -3.72 7.93
C ASP A 89 1.30 -2.79 9.02
N PRO A 90 0.00 -2.86 9.30
CA PRO A 90 -0.69 -1.96 10.23
C PRO A 90 -0.14 -2.03 11.64
N GLU A 91 0.36 -3.20 12.02
CA GLU A 91 0.92 -3.40 13.35
C GLU A 91 2.24 -2.66 13.48
N THR A 92 3.10 -2.83 12.50
CA THR A 92 4.38 -2.14 12.43
C THR A 92 4.15 -0.64 12.25
N ASP A 93 3.15 -0.31 11.46
CA ASP A 93 2.82 1.09 11.19
C ASP A 93 2.50 1.83 12.48
N GLU A 94 1.85 1.16 13.43
CA GLU A 94 1.53 1.80 14.71
C GLU A 94 2.80 2.29 15.41
N GLN A 95 3.81 1.42 15.48
CA GLN A 95 5.06 1.80 16.11
C GLN A 95 5.83 2.79 15.24
N LEU A 96 5.79 2.59 13.92
CA LEU A 96 6.43 3.50 12.98
C LEU A 96 5.83 4.91 13.09
N GLN A 97 4.53 4.97 13.38
CA GLN A 97 3.83 6.24 13.57
C GLN A 97 4.47 7.05 14.69
N LYS A 98 4.83 6.37 15.76
CA LYS A 98 5.37 7.00 16.95
C LYS A 98 6.78 7.53 16.70
N LEU A 99 7.42 6.98 15.68
CA LEU A 99 8.77 7.37 15.32
C LEU A 99 8.74 8.45 14.25
N GLY A 100 7.87 8.25 13.28
CA GLY A 100 7.73 9.17 12.17
C GLY A 100 7.33 8.44 10.91
N VAL A 101 6.03 8.23 10.75
CA VAL A 101 5.51 7.45 9.63
C VAL A 101 5.75 8.15 8.28
N GLN A 102 6.90 7.85 7.69
CA GLN A 102 7.26 8.37 6.39
C GLN A 102 7.07 7.29 5.32
N VAL A 103 6.23 6.31 5.64
CA VAL A 103 5.98 5.17 4.76
C VAL A 103 5.29 5.60 3.47
N ARG A 104 4.70 6.79 3.50
CA ARG A 104 3.83 7.27 2.43
C ARG A 104 4.53 7.44 1.08
N GLU A 105 5.80 7.83 1.10
CA GLU A 105 6.52 8.08 -0.15
C GLU A 105 7.95 8.50 0.15
N GLU A 106 8.14 9.11 1.32
CA GLU A 106 9.44 9.66 1.70
C GLU A 106 10.54 8.59 1.64
N LEU A 107 10.22 7.38 2.09
CA LEU A 107 11.18 6.27 2.06
C LEU A 107 11.29 5.65 0.67
N LEU A 108 10.31 5.93 -0.16
CA LEU A 108 10.34 5.49 -1.56
C LEU A 108 11.23 6.45 -2.35
N ARG A 109 11.54 7.56 -1.71
CA ARG A 109 12.33 8.63 -2.29
C ARG A 109 13.78 8.49 -1.86
N ALA A 110 14.03 8.56 -0.55
CA ALA A 110 15.39 8.51 -0.04
C ALA A 110 15.43 7.94 1.37
N GLN A 111 16.48 7.18 1.66
CA GLN A 111 16.74 6.70 3.00
C GLN A 111 17.50 7.77 3.79
N GLU A 112 16.78 8.52 4.61
CA GLU A 112 17.39 9.56 5.42
C GLU A 112 18.16 8.97 6.59
N ALA A 113 19.36 8.54 6.27
CA ALA A 113 20.29 7.96 7.22
C ALA A 113 21.59 7.61 6.53
N PRO A 114 22.39 8.63 6.17
CA PRO A 114 23.68 8.44 5.50
C PRO A 114 24.73 7.84 6.44
N GLY A 115 24.55 6.57 6.75
CA GLY A 115 25.50 5.87 7.58
C GLY A 115 26.59 5.20 6.77
N GLN A 116 26.19 4.53 5.70
CA GLN A 116 27.14 3.85 4.82
C GLN A 116 28.07 4.85 4.14
N ALA A 117 27.53 6.02 3.82
CA ALA A 117 28.31 7.07 3.18
C ALA A 117 27.87 8.43 3.73
N GLY A 1 18.22 -0.21 21.75
CA GLY A 1 18.17 1.07 21.01
C GLY A 1 16.79 1.32 20.44
N ILE A 2 16.64 2.39 19.69
CA ILE A 2 15.37 2.70 19.06
C ILE A 2 15.51 2.62 17.55
N ASP A 3 14.56 1.96 16.92
CA ASP A 3 14.58 1.79 15.48
C ASP A 3 13.57 2.71 14.83
N PRO A 4 14.04 3.56 13.91
CA PRO A 4 13.18 4.50 13.19
C PRO A 4 12.35 3.79 12.13
N PHE A 5 12.87 2.68 11.65
CA PHE A 5 12.22 1.89 10.62
C PHE A 5 12.57 0.43 10.79
N THR A 6 11.66 -0.44 10.39
CA THR A 6 11.83 -1.86 10.57
C THR A 6 10.72 -2.61 9.82
N MET A 7 11.07 -3.15 8.66
CA MET A 7 10.08 -3.75 7.76
C MET A 7 9.24 -2.63 7.21
N LEU A 8 9.92 -1.78 6.46
CA LEU A 8 9.35 -0.53 5.99
C LEU A 8 8.47 -0.77 4.75
N PRO A 9 7.57 0.19 4.45
CA PRO A 9 6.57 0.03 3.39
C PRO A 9 7.17 0.12 1.99
N ARG A 10 6.40 -0.30 1.00
CA ARG A 10 6.83 -0.29 -0.38
C ARG A 10 5.69 0.07 -1.30
N LEU A 11 6.01 0.77 -2.38
CA LEU A 11 5.03 1.07 -3.42
C LEU A 11 4.96 -0.11 -4.38
N CYS A 12 3.85 -0.81 -4.36
CA CYS A 12 3.69 -2.02 -5.14
C CYS A 12 3.05 -1.71 -6.48
N CYS A 13 3.80 -1.93 -7.56
CA CYS A 13 3.30 -1.69 -8.89
C CYS A 13 2.93 -3.00 -9.56
N LEU A 14 1.65 -3.22 -9.77
CA LEU A 14 1.17 -4.47 -10.34
C LEU A 14 0.49 -4.23 -11.68
N GLU A 15 0.49 -5.26 -12.51
CA GLU A 15 0.05 -5.14 -13.90
C GLU A 15 -1.25 -5.91 -14.11
N LYS A 16 -2.17 -5.29 -14.83
CA LYS A 16 -3.49 -5.89 -15.08
C LYS A 16 -3.38 -7.12 -15.95
N GLY A 17 -4.02 -8.19 -15.52
CA GLY A 17 -4.12 -9.39 -16.31
C GLY A 17 -5.54 -9.65 -16.76
N PRO A 18 -5.93 -10.93 -16.91
CA PRO A 18 -7.27 -11.31 -17.39
C PRO A 18 -8.33 -11.21 -16.29
N ASN A 19 -7.90 -10.86 -15.11
CA ASN A 19 -8.76 -10.76 -13.96
C ASN A 19 -8.61 -9.40 -13.28
N GLY A 20 -8.12 -8.43 -14.05
CA GLY A 20 -7.79 -7.17 -13.48
C GLY A 20 -6.47 -7.24 -12.75
N TYR A 21 -6.52 -7.23 -11.43
CA TYR A 21 -5.30 -7.32 -10.64
C TYR A 21 -5.38 -8.42 -9.61
N GLY A 22 -6.59 -8.91 -9.35
CA GLY A 22 -6.77 -10.06 -8.50
C GLY A 22 -6.68 -9.75 -7.02
N PHE A 23 -7.09 -8.56 -6.61
CA PHE A 23 -7.09 -8.22 -5.19
C PHE A 23 -8.40 -7.53 -4.81
N HIS A 24 -8.78 -7.68 -3.56
CA HIS A 24 -10.03 -7.11 -3.05
C HIS A 24 -9.73 -6.32 -1.78
N LEU A 25 -10.41 -5.20 -1.61
CA LEU A 25 -10.16 -4.32 -0.46
C LEU A 25 -11.40 -4.19 0.42
N HIS A 26 -11.17 -3.96 1.69
CA HIS A 26 -12.24 -3.68 2.63
C HIS A 26 -11.90 -2.45 3.44
N GLY A 27 -12.90 -1.67 3.76
CA GLY A 27 -12.70 -0.47 4.53
C GLY A 27 -13.18 -0.63 5.94
N GLU A 28 -12.24 -0.70 6.87
CA GLU A 28 -12.56 -0.85 8.27
C GLU A 28 -13.16 0.43 8.81
N LYS A 29 -14.34 0.33 9.38
CA LYS A 29 -15.07 1.49 9.85
C LYS A 29 -14.31 2.15 10.99
N GLY A 30 -14.19 3.48 10.90
CA GLY A 30 -13.42 4.21 11.89
C GLY A 30 -12.00 4.43 11.43
N LYS A 31 -11.49 3.53 10.60
CA LYS A 31 -10.12 3.61 10.11
C LYS A 31 -10.05 4.36 8.78
N LEU A 32 -11.10 4.20 8.00
CA LEU A 32 -11.23 4.80 6.67
C LEU A 32 -10.36 4.10 5.63
N GLY A 33 -9.11 3.93 6.00
CA GLY A 33 -8.13 3.31 5.12
C GLY A 33 -8.55 1.92 4.68
N GLN A 34 -7.99 1.46 3.58
CA GLN A 34 -8.38 0.19 3.00
C GLN A 34 -7.35 -0.87 3.33
N TYR A 35 -7.82 -2.08 3.54
CA TYR A 35 -6.93 -3.20 3.79
C TYR A 35 -7.19 -4.27 2.75
N ILE A 36 -6.18 -5.06 2.45
CA ILE A 36 -6.33 -6.15 1.50
C ILE A 36 -7.19 -7.25 2.12
N ARG A 37 -8.41 -7.38 1.64
CA ARG A 37 -9.33 -8.37 2.17
C ARG A 37 -9.03 -9.73 1.57
N LEU A 38 -8.78 -9.72 0.27
CA LEU A 38 -8.45 -10.93 -0.45
C LEU A 38 -7.49 -10.62 -1.58
N VAL A 39 -6.59 -11.54 -1.84
CA VAL A 39 -5.75 -11.48 -3.00
C VAL A 39 -5.70 -12.86 -3.64
N GLU A 40 -6.11 -12.93 -4.90
CA GLU A 40 -6.29 -14.19 -5.60
C GLU A 40 -4.95 -14.91 -5.76
N PRO A 41 -4.88 -16.17 -5.32
CA PRO A 41 -3.65 -16.96 -5.43
C PRO A 41 -3.25 -17.16 -6.88
N GLY A 42 -2.18 -16.50 -7.26
CA GLY A 42 -1.69 -16.56 -8.63
C GLY A 42 -1.95 -15.26 -9.38
N SER A 43 -2.30 -14.22 -8.65
CA SER A 43 -2.56 -12.92 -9.25
C SER A 43 -1.28 -12.08 -9.26
N PRO A 44 -1.24 -11.06 -10.14
CA PRO A 44 -0.10 -10.13 -10.20
C PRO A 44 -0.03 -9.23 -8.97
N ALA A 45 -1.09 -9.20 -8.19
CA ALA A 45 -1.13 -8.42 -6.97
C ALA A 45 -0.16 -8.99 -5.94
N GLU A 46 -0.18 -10.31 -5.78
CA GLU A 46 0.70 -10.98 -4.82
C GLU A 46 2.15 -10.71 -5.16
N LYS A 47 2.43 -10.71 -6.46
CA LYS A 47 3.77 -10.59 -6.97
C LYS A 47 4.29 -9.17 -6.87
N ALA A 48 3.39 -8.24 -6.57
CA ALA A 48 3.78 -6.84 -6.35
C ALA A 48 4.07 -6.62 -4.88
N GLY A 49 3.60 -7.53 -4.04
CA GLY A 49 3.78 -7.39 -2.61
C GLY A 49 2.50 -7.01 -1.90
N LEU A 50 1.44 -7.78 -2.14
CA LEU A 50 0.16 -7.52 -1.52
C LEU A 50 -0.38 -8.78 -0.86
N LEU A 51 -0.50 -8.76 0.45
CA LEU A 51 -1.07 -9.87 1.19
C LEU A 51 -2.33 -9.39 1.91
N ALA A 52 -3.17 -10.33 2.34
CA ALA A 52 -4.45 -9.98 2.97
C ALA A 52 -4.25 -9.50 4.41
N GLY A 53 -3.27 -8.64 4.60
CA GLY A 53 -3.01 -8.07 5.91
C GLY A 53 -2.31 -6.73 5.81
N ASP A 54 -2.14 -6.22 4.59
CA ASP A 54 -1.47 -4.95 4.36
C ASP A 54 -2.48 -3.82 4.37
N ARG A 55 -2.09 -2.65 4.85
CA ARG A 55 -2.96 -1.49 4.81
C ARG A 55 -2.60 -0.60 3.64
N LEU A 56 -3.60 -0.24 2.87
CA LEU A 56 -3.42 0.60 1.70
C LEU A 56 -3.23 2.05 2.12
N VAL A 57 -2.02 2.55 1.97
CA VAL A 57 -1.66 3.89 2.41
C VAL A 57 -1.89 4.91 1.29
N GLU A 58 -1.49 4.56 0.09
CA GLU A 58 -1.57 5.49 -1.03
C GLU A 58 -1.93 4.75 -2.31
N VAL A 59 -2.61 5.44 -3.22
CA VAL A 59 -3.02 4.86 -4.49
C VAL A 59 -2.75 5.83 -5.63
N ASN A 60 -1.74 5.52 -6.42
CA ASN A 60 -1.39 6.28 -7.60
C ASN A 60 -1.07 7.73 -7.27
N GLY A 61 -0.38 7.95 -6.16
CA GLY A 61 0.14 9.26 -5.85
C GLY A 61 -0.56 9.98 -4.72
N GLU A 62 -1.69 9.47 -4.25
CA GLU A 62 -2.44 10.17 -3.22
C GLU A 62 -2.70 9.30 -2.00
N ASN A 63 -2.51 9.89 -0.82
CA ASN A 63 -2.68 9.21 0.46
C ASN A 63 -4.14 8.85 0.69
N VAL A 64 -4.44 7.56 0.74
CA VAL A 64 -5.82 7.10 0.86
C VAL A 64 -6.15 6.65 2.29
N GLU A 65 -5.34 7.09 3.25
CA GLU A 65 -5.59 6.78 4.66
C GLU A 65 -6.84 7.46 5.18
N LYS A 66 -7.31 8.45 4.44
CA LYS A 66 -8.46 9.24 4.82
C LYS A 66 -9.54 9.18 3.75
N GLU A 67 -9.50 8.15 2.93
CA GLU A 67 -10.42 8.00 1.82
C GLU A 67 -11.48 6.94 2.12
N THR A 68 -12.30 6.63 1.13
CA THR A 68 -13.32 5.62 1.26
C THR A 68 -13.05 4.48 0.30
N HIS A 69 -13.83 3.41 0.38
CA HIS A 69 -13.66 2.28 -0.51
C HIS A 69 -13.88 2.72 -1.95
N GLN A 70 -14.95 3.47 -2.18
CA GLN A 70 -15.31 3.92 -3.51
C GLN A 70 -14.26 4.85 -4.08
N GLN A 71 -13.81 5.79 -3.24
CA GLN A 71 -12.82 6.78 -3.67
C GLN A 71 -11.50 6.11 -4.02
N VAL A 72 -11.10 5.13 -3.22
CA VAL A 72 -9.89 4.38 -3.50
C VAL A 72 -10.00 3.61 -4.83
N VAL A 73 -11.14 2.96 -5.03
CA VAL A 73 -11.37 2.20 -6.26
C VAL A 73 -11.32 3.13 -7.48
N SER A 74 -11.87 4.32 -7.33
CA SER A 74 -11.84 5.32 -8.40
C SER A 74 -10.40 5.66 -8.77
N ARG A 75 -9.54 5.73 -7.76
CA ARG A 75 -8.12 6.00 -7.96
C ARG A 75 -7.43 4.84 -8.66
N ILE A 76 -7.87 3.63 -8.35
CA ILE A 76 -7.37 2.44 -9.01
C ILE A 76 -7.80 2.43 -10.48
N ARG A 77 -9.01 2.93 -10.72
CA ARG A 77 -9.55 3.02 -12.09
C ARG A 77 -8.78 4.05 -12.91
N ALA A 78 -8.12 4.98 -12.23
CA ALA A 78 -7.33 6.01 -12.91
C ALA A 78 -6.18 5.38 -13.67
N ALA A 79 -5.56 4.38 -13.07
CA ALA A 79 -4.48 3.65 -13.71
C ALA A 79 -5.06 2.68 -14.73
N LEU A 80 -4.48 2.69 -15.92
CA LEU A 80 -5.04 1.99 -17.07
C LEU A 80 -4.74 0.50 -17.05
N ASN A 81 -3.47 0.16 -17.24
CA ASN A 81 -3.06 -1.24 -17.34
C ASN A 81 -2.25 -1.67 -16.13
N ALA A 82 -1.74 -0.70 -15.37
CA ALA A 82 -0.96 -1.02 -14.18
C ALA A 82 -1.10 0.06 -13.14
N VAL A 83 -1.31 -0.35 -11.89
CA VAL A 83 -1.54 0.60 -10.80
C VAL A 83 -0.37 0.64 -9.84
N ARG A 84 -0.26 1.73 -9.10
CA ARG A 84 0.72 1.85 -8.03
C ARG A 84 0.01 1.89 -6.68
N LEU A 85 0.23 0.87 -5.87
CA LEU A 85 -0.40 0.81 -4.56
C LEU A 85 0.65 0.79 -3.44
N LEU A 86 0.61 1.79 -2.58
CA LEU A 86 1.52 1.85 -1.46
C LEU A 86 0.88 1.24 -0.23
N VAL A 87 1.53 0.26 0.35
CA VAL A 87 1.00 -0.42 1.53
C VAL A 87 2.05 -0.56 2.62
N VAL A 88 1.58 -0.66 3.85
CA VAL A 88 2.45 -0.89 4.99
C VAL A 88 1.80 -1.89 5.93
N ASP A 89 2.61 -2.73 6.55
CA ASP A 89 2.14 -3.64 7.58
C ASP A 89 1.62 -2.84 8.76
N PRO A 90 0.31 -2.96 9.07
CA PRO A 90 -0.32 -2.20 10.16
C PRO A 90 0.34 -2.46 11.51
N GLU A 91 0.98 -3.62 11.63
CA GLU A 91 1.70 -3.98 12.82
C GLU A 91 2.94 -3.09 12.97
N THR A 92 3.68 -2.95 11.88
CA THR A 92 4.85 -2.09 11.87
C THR A 92 4.46 -0.61 11.90
N ASP A 93 3.39 -0.29 11.21
CA ASP A 93 2.90 1.08 11.10
C ASP A 93 2.60 1.66 12.47
N GLU A 94 2.18 0.79 13.39
CA GLU A 94 1.84 1.20 14.75
C GLU A 94 3.03 1.90 15.41
N GLN A 95 4.22 1.32 15.28
CA GLN A 95 5.43 1.95 15.79
C GLN A 95 5.81 3.15 14.94
N LEU A 96 5.82 2.93 13.63
CA LEU A 96 6.37 3.90 12.68
C LEU A 96 5.66 5.25 12.75
N GLN A 97 4.34 5.24 12.88
CA GLN A 97 3.57 6.49 12.94
C GLN A 97 4.02 7.34 14.13
N LYS A 98 4.31 6.69 15.25
CA LYS A 98 4.71 7.42 16.47
C LYS A 98 6.14 7.92 16.35
N LEU A 99 6.88 7.32 15.43
CA LEU A 99 8.27 7.67 15.21
C LEU A 99 8.38 8.88 14.28
N GLY A 100 7.24 9.30 13.74
CA GLY A 100 7.19 10.48 12.89
C GLY A 100 7.77 10.23 11.52
N VAL A 101 7.47 9.07 10.95
CA VAL A 101 8.01 8.68 9.66
C VAL A 101 7.10 9.14 8.52
N GLN A 102 7.60 9.03 7.30
CA GLN A 102 6.82 9.37 6.11
C GLN A 102 6.80 8.19 5.14
N VAL A 103 5.90 7.24 5.39
CA VAL A 103 5.81 6.03 4.59
C VAL A 103 5.37 6.28 3.16
N ARG A 104 4.78 7.46 2.90
CA ARG A 104 4.11 7.69 1.61
C ARG A 104 5.05 7.57 0.42
N GLU A 105 6.24 8.14 0.51
CA GLU A 105 7.16 8.08 -0.60
C GLU A 105 8.59 8.38 -0.18
N GLU A 106 8.77 9.00 0.98
CA GLU A 106 10.09 9.43 1.43
C GLU A 106 11.09 8.28 1.45
N LEU A 107 10.69 7.15 2.02
CA LEU A 107 11.56 5.99 2.13
C LEU A 107 11.68 5.25 0.82
N LEU A 108 10.74 5.49 -0.08
CA LEU A 108 10.79 4.91 -1.41
C LEU A 108 11.72 5.74 -2.28
N ARG A 109 11.90 6.98 -1.86
CA ARG A 109 12.72 7.95 -2.56
C ARG A 109 14.17 7.83 -2.11
N ALA A 110 14.38 7.87 -0.80
CA ALA A 110 15.71 7.81 -0.23
C ALA A 110 16.09 6.39 0.18
N GLN A 111 16.63 5.66 -0.77
CA GLN A 111 17.17 4.34 -0.54
C GLN A 111 18.64 4.34 -0.93
N GLU A 112 19.38 5.24 -0.30
CA GLU A 112 20.74 5.54 -0.70
C GLU A 112 21.75 5.06 0.33
N ALA A 113 22.97 4.83 -0.13
CA ALA A 113 24.09 4.52 0.75
C ALA A 113 25.12 5.62 0.65
N PRO A 114 25.26 6.43 1.72
CA PRO A 114 26.20 7.55 1.76
C PRO A 114 27.65 7.07 1.82
N GLY A 115 28.27 6.91 0.66
CA GLY A 115 29.64 6.45 0.60
C GLY A 115 30.24 6.61 -0.79
N GLN A 116 31.51 6.22 -0.90
CA GLN A 116 32.25 6.25 -2.17
C GLN A 116 32.40 7.66 -2.73
N ALA A 117 32.26 8.66 -1.86
CA ALA A 117 32.40 10.05 -2.27
C ALA A 117 32.68 10.93 -1.06
#